data_2JVW
#
_entry.id   2JVW
#
_entity_poly.entity_id   1
_entity_poly.type   'polypeptide(L)'
_entity_poly.pdbx_seq_one_letter_code
;MALIMTQQNNPLHGITLQKLLTELVEHYGWEELSYMVNINCFKKDPSIKSSLKFLRKTDWARERVENIYLKLQRHKERNQ
LEHHHHHH
;
_entity_poly.pdbx_strand_id   A
#
# COMPACT_ATOMS: atom_id res chain seq x y z
N MET A 1 -6.94 -2.32 18.32
CA MET A 1 -6.36 -1.50 19.42
C MET A 1 -6.86 -0.05 19.35
N ALA A 2 -7.88 0.27 20.16
CA ALA A 2 -8.41 1.63 20.26
C ALA A 2 -7.39 2.58 20.91
N LEU A 3 -6.50 2.01 21.71
CA LEU A 3 -5.40 2.78 22.32
C LEU A 3 -4.48 3.35 21.24
N ILE A 4 -4.64 4.64 20.95
CA ILE A 4 -3.82 5.31 19.93
C ILE A 4 -2.43 5.66 20.46
N MET A 5 -1.42 5.54 19.60
CA MET A 5 -0.03 5.82 19.99
C MET A 5 0.25 7.33 20.04
N THR A 6 0.03 7.93 21.21
CA THR A 6 0.24 9.36 21.41
C THR A 6 1.72 9.69 21.71
N GLN A 7 2.61 9.15 20.89
CA GLN A 7 4.06 9.34 21.08
C GLN A 7 4.64 10.21 19.96
N GLN A 8 5.71 10.96 20.28
CA GLN A 8 6.43 11.74 19.26
C GLN A 8 7.27 10.83 18.35
N ASN A 9 7.47 9.58 18.78
CA ASN A 9 8.17 8.58 17.97
C ASN A 9 7.35 8.24 16.71
N ASN A 10 8.04 7.78 15.65
CA ASN A 10 7.36 7.44 14.40
C ASN A 10 7.39 5.92 14.15
N PRO A 11 6.36 5.19 14.62
CA PRO A 11 6.29 3.71 14.45
C PRO A 11 5.96 3.29 13.01
N LEU A 12 5.88 4.26 12.11
CA LEU A 12 5.61 4.01 10.68
C LEU A 12 6.65 4.71 9.80
N HIS A 13 7.83 4.96 10.37
CA HIS A 13 8.90 5.70 9.68
C HIS A 13 9.57 4.85 8.57
N GLY A 14 9.23 3.56 8.54
CA GLY A 14 9.80 2.65 7.54
C GLY A 14 8.93 1.41 7.29
N ILE A 15 7.89 1.57 6.49
CA ILE A 15 6.93 0.49 6.22
C ILE A 15 7.37 -0.40 5.03
N THR A 16 7.24 -1.71 5.19
CA THR A 16 7.57 -2.68 4.12
C THR A 16 6.39 -2.88 3.15
N LEU A 17 6.67 -3.46 1.99
CA LEU A 17 5.65 -3.71 0.96
C LEU A 17 4.45 -4.52 1.52
N GLN A 18 4.75 -5.59 2.24
CA GLN A 18 3.71 -6.47 2.83
C GLN A 18 2.71 -5.64 3.66
N LYS A 19 3.22 -4.87 4.61
CA LYS A 19 2.38 -4.03 5.47
C LYS A 19 1.69 -2.93 4.64
N LEU A 20 2.43 -2.34 3.71
CA LEU A 20 1.94 -1.25 2.85
C LEU A 20 0.68 -1.68 2.06
N LEU A 21 0.80 -2.75 1.27
CA LEU A 21 -0.32 -3.24 0.46
C LEU A 21 -1.52 -3.60 1.33
N THR A 22 -1.27 -4.28 2.45
CA THR A 22 -2.34 -4.64 3.40
C THR A 22 -3.15 -3.41 3.81
N GLU A 23 -2.46 -2.33 4.18
CA GLU A 23 -3.12 -1.09 4.58
C GLU A 23 -3.95 -0.47 3.43
N LEU A 24 -3.48 -0.64 2.20
CA LEU A 24 -4.24 -0.16 1.04
C LEU A 24 -5.55 -0.95 0.88
N VAL A 25 -5.50 -2.26 1.14
CA VAL A 25 -6.70 -3.10 1.11
C VAL A 25 -7.65 -2.74 2.26
N GLU A 26 -7.07 -2.32 3.39
CA GLU A 26 -7.86 -1.90 4.57
C GLU A 26 -8.54 -0.53 4.36
N HIS A 27 -7.82 0.41 3.77
CA HIS A 27 -8.29 1.80 3.69
C HIS A 27 -8.91 2.15 2.31
N TYR A 28 -8.62 1.35 1.29
CA TYR A 28 -9.19 1.55 -0.05
C TYR A 28 -9.98 0.32 -0.51
N GLY A 29 -9.27 -0.76 -0.78
CA GLY A 29 -9.89 -1.99 -1.29
C GLY A 29 -9.32 -2.43 -2.63
N TRP A 30 -9.69 -3.63 -3.07
CA TRP A 30 -9.15 -4.22 -4.30
C TRP A 30 -9.58 -3.43 -5.54
N GLU A 31 -10.79 -2.88 -5.52
CA GLU A 31 -11.34 -2.12 -6.66
C GLU A 31 -10.46 -0.92 -7.04
N GLU A 32 -10.19 -0.05 -6.07
CA GLU A 32 -9.36 1.14 -6.30
C GLU A 32 -7.96 0.75 -6.80
N LEU A 33 -7.37 -0.25 -6.16
CA LEU A 33 -6.04 -0.74 -6.54
C LEU A 33 -6.03 -1.29 -7.98
N SER A 34 -7.06 -2.08 -8.32
CA SER A 34 -7.18 -2.66 -9.66
C SER A 34 -7.45 -1.60 -10.74
N TYR A 35 -8.12 -0.51 -10.35
CA TYR A 35 -8.42 0.58 -11.29
C TYR A 35 -7.19 1.46 -11.56
N MET A 36 -6.46 1.82 -10.50
CA MET A 36 -5.26 2.66 -10.62
C MET A 36 -4.10 1.88 -11.28
N VAL A 37 -3.92 0.62 -10.89
CA VAL A 37 -2.92 -0.24 -11.53
C VAL A 37 -3.57 -1.11 -12.61
N ASN A 38 -3.32 -0.77 -13.88
CA ASN A 38 -4.01 -1.40 -15.02
C ASN A 38 -3.57 -2.86 -15.24
N ILE A 39 -3.99 -3.74 -14.35
CA ILE A 39 -3.66 -5.18 -14.43
C ILE A 39 -4.81 -6.04 -13.87
N ASN A 40 -4.88 -7.29 -14.30
CA ASN A 40 -5.86 -8.24 -13.74
C ASN A 40 -5.20 -9.08 -12.63
N CYS A 41 -5.07 -8.48 -11.45
CA CYS A 41 -4.46 -9.16 -10.29
C CYS A 41 -5.30 -8.95 -9.02
N PHE A 42 -5.50 -7.69 -8.64
CA PHE A 42 -6.33 -7.35 -7.47
C PHE A 42 -7.79 -7.76 -7.70
N LYS A 43 -8.17 -7.90 -8.97
CA LYS A 43 -9.53 -8.32 -9.36
C LYS A 43 -9.55 -9.83 -9.67
N LYS A 44 -8.47 -10.53 -9.35
CA LYS A 44 -8.33 -11.96 -9.65
C LYS A 44 -7.90 -12.72 -8.39
N ASP A 45 -8.85 -13.44 -7.78
CA ASP A 45 -8.61 -14.17 -6.52
C ASP A 45 -8.03 -13.24 -5.43
N PRO A 46 -8.87 -12.32 -4.89
CA PRO A 46 -8.42 -11.29 -3.94
C PRO A 46 -7.67 -11.89 -2.73
N SER A 47 -6.35 -11.96 -2.83
CA SER A 47 -5.51 -12.54 -1.77
C SER A 47 -4.27 -11.67 -1.51
N ILE A 48 -4.05 -11.32 -0.24
CA ILE A 48 -2.87 -10.51 0.14
C ILE A 48 -1.57 -11.21 -0.26
N LYS A 49 -1.39 -12.43 0.23
CA LYS A 49 -0.16 -13.21 0.01
C LYS A 49 0.15 -13.38 -1.50
N SER A 50 -0.89 -13.67 -2.29
CA SER A 50 -0.73 -13.84 -3.75
C SER A 50 -0.32 -12.53 -4.42
N SER A 51 -1.01 -11.44 -4.09
CA SER A 51 -0.72 -10.11 -4.65
C SER A 51 0.71 -9.68 -4.35
N LEU A 52 1.15 -9.92 -3.11
CA LEU A 52 2.54 -9.62 -2.69
C LEU A 52 3.55 -10.30 -3.62
N LYS A 53 3.37 -11.60 -3.83
CA LYS A 53 4.25 -12.38 -4.72
C LYS A 53 4.21 -11.82 -6.16
N PHE A 54 3.03 -11.41 -6.61
CA PHE A 54 2.88 -10.81 -7.94
C PHE A 54 3.67 -9.50 -8.05
N LEU A 55 3.62 -8.68 -7.01
CA LEU A 55 4.36 -7.41 -6.98
C LEU A 55 5.88 -7.64 -6.98
N ARG A 56 6.33 -8.74 -6.37
CA ARG A 56 7.74 -9.12 -6.35
C ARG A 56 8.26 -9.44 -7.77
N LYS A 57 7.49 -10.20 -8.53
CA LYS A 57 7.87 -10.55 -9.91
C LYS A 57 7.60 -9.38 -10.87
N THR A 58 6.36 -8.88 -10.88
CA THR A 58 6.01 -7.69 -11.67
C THR A 58 6.38 -6.41 -10.90
N ASP A 59 7.64 -6.01 -11.02
CA ASP A 59 8.20 -4.96 -10.17
C ASP A 59 7.51 -3.59 -10.35
N TRP A 60 7.24 -3.19 -11.59
CA TRP A 60 6.63 -1.88 -11.85
C TRP A 60 5.26 -1.75 -11.15
N ALA A 61 4.52 -2.86 -11.07
CA ALA A 61 3.24 -2.88 -10.34
C ALA A 61 3.46 -2.55 -8.86
N ARG A 62 4.51 -3.12 -8.28
CA ARG A 62 4.91 -2.84 -6.90
C ARG A 62 5.18 -1.34 -6.70
N GLU A 63 5.91 -0.74 -7.65
CA GLU A 63 6.20 0.69 -7.61
C GLU A 63 4.92 1.53 -7.68
N ARG A 64 3.94 1.08 -8.47
CA ARG A 64 2.63 1.73 -8.53
C ARG A 64 1.93 1.67 -7.16
N VAL A 65 1.93 0.49 -6.55
CA VAL A 65 1.32 0.29 -5.23
C VAL A 65 1.88 1.26 -4.18
N GLU A 66 3.20 1.43 -4.18
CA GLU A 66 3.85 2.40 -3.28
C GLU A 66 3.31 3.81 -3.50
N ASN A 67 3.21 4.19 -4.78
CA ASN A 67 2.69 5.52 -5.15
C ASN A 67 1.23 5.69 -4.68
N ILE A 68 0.45 4.60 -4.73
CA ILE A 68 -0.91 4.60 -4.22
C ILE A 68 -0.96 4.90 -2.71
N TYR A 69 -0.01 4.33 -1.97
CA TYR A 69 0.10 4.60 -0.54
C TYR A 69 0.44 6.08 -0.30
N LEU A 70 1.27 6.64 -1.18
CA LEU A 70 1.61 8.07 -1.12
C LEU A 70 0.36 8.94 -1.35
N LYS A 71 -0.53 8.49 -2.24
CA LYS A 71 -1.85 9.15 -2.42
C LYS A 71 -2.61 9.18 -1.09
N LEU A 72 -2.53 8.10 -0.32
CA LEU A 72 -3.14 8.04 1.00
C LEU A 72 -2.48 9.03 1.96
N GLN A 73 -1.15 9.06 1.95
CA GLN A 73 -0.38 9.92 2.87
C GLN A 73 -0.69 11.42 2.66
N ARG A 74 -0.86 11.84 1.41
CA ARG A 74 -1.15 13.25 1.10
C ARG A 74 -2.61 13.62 1.45
N HIS A 75 -3.43 12.61 1.74
CA HIS A 75 -4.82 12.83 2.19
C HIS A 75 -4.95 12.52 3.69
N LYS A 76 -3.99 11.79 4.24
CA LYS A 76 -4.00 11.36 5.64
C LYS A 76 -3.50 12.47 6.57
N GLU A 77 -3.75 12.31 7.87
CA GLU A 77 -3.29 13.27 8.88
C GLU A 77 -1.76 13.48 8.84
N ARG A 78 -1.34 14.63 8.32
CA ARG A 78 0.09 14.96 8.21
C ARG A 78 0.66 15.37 9.57
N ASN A 79 1.68 14.63 10.04
CA ASN A 79 2.35 14.94 11.30
C ASN A 79 2.94 16.36 11.28
N GLN A 80 2.61 17.15 12.31
CA GLN A 80 3.07 18.54 12.42
C GLN A 80 4.56 18.62 12.86
N LEU A 81 5.00 19.81 13.26
CA LEU A 81 6.39 20.03 13.71
C LEU A 81 6.67 19.32 15.05
N GLU A 82 7.91 19.44 15.53
CA GLU A 82 8.34 18.79 16.78
C GLU A 82 7.96 19.62 18.02
N MET A 1 11.83 14.25 25.62
CA MET A 1 12.30 12.85 25.41
C MET A 1 11.27 12.04 24.59
N ALA A 2 10.09 11.87 25.15
CA ALA A 2 9.01 11.14 24.46
C ALA A 2 8.06 12.11 23.73
N LEU A 3 7.49 11.65 22.61
CA LEU A 3 6.57 12.48 21.81
C LEU A 3 5.72 11.62 20.86
N ILE A 4 4.55 12.13 20.49
CA ILE A 4 3.68 11.46 19.52
C ILE A 4 3.82 12.08 18.12
N MET A 5 3.81 11.24 17.08
CA MET A 5 3.94 11.72 15.69
C MET A 5 2.64 12.36 15.19
N THR A 6 2.49 13.66 15.44
CA THR A 6 1.26 14.37 15.06
C THR A 6 1.17 14.61 13.56
N GLN A 7 0.41 13.74 12.88
CA GLN A 7 0.12 13.88 11.44
C GLN A 7 1.40 13.80 10.56
N GLN A 8 2.45 13.17 11.09
CA GLN A 8 3.70 13.00 10.33
C GLN A 8 3.62 11.75 9.42
N ASN A 9 3.23 11.96 8.16
CA ASN A 9 3.11 10.85 7.20
C ASN A 9 4.34 10.79 6.26
N ASN A 10 5.30 9.93 6.60
CA ASN A 10 6.51 9.74 5.79
C ASN A 10 6.69 8.27 5.41
N PRO A 11 6.85 7.96 4.10
CA PRO A 11 7.12 6.58 3.63
C PRO A 11 8.45 6.03 4.18
N LEU A 12 9.31 6.94 4.64
CA LEU A 12 10.62 6.58 5.21
C LEU A 12 10.48 6.17 6.69
N HIS A 13 9.25 5.93 7.13
CA HIS A 13 8.97 5.54 8.53
C HIS A 13 9.31 4.07 8.81
N GLY A 14 9.86 3.37 7.82
CA GLY A 14 10.20 1.95 7.99
C GLY A 14 8.99 1.04 7.85
N ILE A 15 8.54 0.84 6.62
CA ILE A 15 7.37 0.00 6.34
C ILE A 15 7.63 -0.93 5.14
N THR A 16 7.27 -2.21 5.28
CA THR A 16 7.47 -3.19 4.19
C THR A 16 6.29 -3.16 3.19
N LEU A 17 6.50 -3.74 2.01
CA LEU A 17 5.46 -3.82 0.97
C LEU A 17 4.19 -4.51 1.51
N GLN A 18 4.38 -5.43 2.45
CA GLN A 18 3.26 -6.17 3.04
C GLN A 18 2.30 -5.23 3.79
N LYS A 19 2.82 -4.51 4.78
CA LYS A 19 2.01 -3.56 5.56
C LYS A 19 1.53 -2.42 4.64
N LEU A 20 2.37 -2.04 3.69
CA LEU A 20 2.03 -1.00 2.70
C LEU A 20 0.74 -1.38 1.94
N LEU A 21 0.73 -2.54 1.29
CA LEU A 21 -0.45 -3.01 0.55
C LEU A 21 -1.65 -3.21 1.49
N THR A 22 -1.40 -3.75 2.68
CA THR A 22 -2.45 -3.93 3.69
C THR A 22 -3.20 -2.61 3.95
N GLU A 23 -2.45 -1.53 4.16
CA GLU A 23 -3.03 -0.18 4.30
C GLU A 23 -3.94 0.16 3.11
N LEU A 24 -3.45 -0.10 1.91
CA LEU A 24 -4.21 0.18 0.68
C LEU A 24 -5.50 -0.64 0.60
N VAL A 25 -5.42 -1.91 1.00
CA VAL A 25 -6.59 -2.79 0.97
C VAL A 25 -7.62 -2.44 2.04
N GLU A 26 -7.16 -2.08 3.24
CA GLU A 26 -8.06 -1.72 4.34
C GLU A 26 -8.81 -0.40 4.07
N HIS A 27 -8.16 0.54 3.38
CA HIS A 27 -8.75 1.87 3.13
C HIS A 27 -9.40 1.97 1.73
N TYR A 28 -8.69 1.52 0.70
CA TYR A 28 -9.22 1.57 -0.67
C TYR A 28 -9.91 0.24 -1.05
N GLY A 29 -9.17 -0.85 -0.98
CA GLY A 29 -9.73 -2.16 -1.32
C GLY A 29 -9.35 -2.63 -2.71
N TRP A 30 -9.54 -3.92 -2.98
CA TRP A 30 -9.14 -4.53 -4.25
C TRP A 30 -9.84 -3.91 -5.46
N GLU A 31 -11.14 -3.64 -5.32
CA GLU A 31 -11.93 -3.02 -6.38
C GLU A 31 -11.31 -1.69 -6.85
N GLU A 32 -11.08 -0.78 -5.92
CA GLU A 32 -10.46 0.52 -6.23
C GLU A 32 -9.01 0.36 -6.71
N LEU A 33 -8.22 -0.46 -6.01
CA LEU A 33 -6.81 -0.67 -6.38
C LEU A 33 -6.65 -1.17 -7.82
N SER A 34 -7.60 -1.99 -8.29
CA SER A 34 -7.57 -2.51 -9.67
C SER A 34 -7.87 -1.40 -10.69
N TYR A 35 -8.30 -0.23 -10.20
CA TYR A 35 -8.52 0.94 -11.06
C TYR A 35 -7.26 1.82 -11.12
N MET A 36 -6.61 2.00 -9.97
CA MET A 36 -5.32 2.70 -9.93
C MET A 36 -4.30 2.02 -10.86
N VAL A 37 -4.22 0.69 -10.74
CA VAL A 37 -3.38 -0.13 -11.62
C VAL A 37 -4.20 -1.27 -12.23
N ASN A 38 -4.67 -1.07 -13.46
CA ASN A 38 -5.52 -2.05 -14.14
C ASN A 38 -4.76 -3.32 -14.53
N ILE A 39 -4.53 -4.19 -13.56
CA ILE A 39 -3.89 -5.49 -13.79
C ILE A 39 -4.74 -6.63 -13.18
N ASN A 40 -4.75 -7.77 -13.84
CA ASN A 40 -5.53 -8.92 -13.38
C ASN A 40 -4.82 -9.64 -12.22
N CYS A 41 -4.77 -8.96 -11.08
CA CYS A 41 -4.16 -9.49 -9.85
C CYS A 41 -4.96 -9.07 -8.62
N PHE A 42 -5.54 -7.87 -8.66
CA PHE A 42 -6.39 -7.38 -7.57
C PHE A 42 -7.85 -7.86 -7.74
N LYS A 43 -8.12 -8.58 -8.83
CA LYS A 43 -9.45 -9.14 -9.09
C LYS A 43 -9.53 -10.63 -8.71
N LYS A 44 -8.82 -11.48 -9.44
CA LYS A 44 -8.81 -12.93 -9.15
C LYS A 44 -7.95 -13.23 -7.92
N ASP A 45 -8.51 -14.03 -7.00
CA ASP A 45 -7.84 -14.38 -5.74
C ASP A 45 -7.44 -13.12 -4.94
N PRO A 46 -8.43 -12.35 -4.43
CA PRO A 46 -8.17 -11.15 -3.62
C PRO A 46 -7.54 -11.49 -2.25
N SER A 47 -6.23 -11.73 -2.25
CA SER A 47 -5.49 -12.03 -1.02
C SER A 47 -4.20 -11.22 -0.92
N ILE A 48 -3.86 -10.76 0.28
CA ILE A 48 -2.60 -10.06 0.53
C ILE A 48 -1.40 -10.91 0.08
N LYS A 49 -1.46 -12.22 0.33
CA LYS A 49 -0.37 -13.12 -0.01
C LYS A 49 -0.20 -13.28 -1.53
N SER A 50 -1.29 -13.58 -2.22
CA SER A 50 -1.27 -13.80 -3.67
C SER A 50 -0.82 -12.54 -4.43
N SER A 51 -1.43 -11.41 -4.09
CA SER A 51 -1.09 -10.12 -4.71
C SER A 51 0.38 -9.75 -4.51
N LEU A 52 0.85 -9.74 -3.27
CA LEU A 52 2.26 -9.44 -2.96
C LEU A 52 3.21 -10.30 -3.81
N LYS A 53 2.94 -11.61 -3.84
CA LYS A 53 3.78 -12.56 -4.58
C LYS A 53 3.86 -12.19 -6.08
N PHE A 54 2.77 -11.63 -6.61
CA PHE A 54 2.74 -11.13 -7.99
C PHE A 54 3.50 -9.79 -8.11
N LEU A 55 3.29 -8.91 -7.14
CA LEU A 55 3.90 -7.58 -7.14
C LEU A 55 5.44 -7.65 -7.06
N ARG A 56 5.97 -8.58 -6.26
CA ARG A 56 7.41 -8.70 -6.06
C ARG A 56 8.15 -9.09 -7.36
N LYS A 57 7.53 -9.95 -8.16
CA LYS A 57 8.15 -10.38 -9.43
C LYS A 57 7.95 -9.32 -10.53
N THR A 58 6.99 -8.41 -10.33
CA THR A 58 6.63 -7.41 -11.36
C THR A 58 7.23 -6.04 -11.02
N ASP A 59 8.35 -5.72 -11.67
CA ASP A 59 9.12 -4.49 -11.41
C ASP A 59 8.27 -3.21 -11.46
N TRP A 60 7.54 -3.02 -12.56
CA TRP A 60 6.74 -1.79 -12.75
C TRP A 60 5.53 -1.72 -11.82
N ALA A 61 5.10 -2.86 -11.28
CA ALA A 61 3.96 -2.89 -10.34
C ALA A 61 4.37 -2.34 -8.97
N ARG A 62 5.56 -2.74 -8.50
CA ARG A 62 6.10 -2.28 -7.21
C ARG A 62 5.95 -0.76 -7.01
N GLU A 63 6.62 0.00 -7.88
CA GLU A 63 6.62 1.46 -7.77
C GLU A 63 5.20 2.07 -7.82
N ARG A 64 4.33 1.50 -8.64
CA ARG A 64 2.95 1.98 -8.75
C ARG A 64 2.17 1.77 -7.44
N VAL A 65 2.26 0.57 -6.88
CA VAL A 65 1.61 0.27 -5.59
C VAL A 65 2.13 1.19 -4.48
N GLU A 66 3.44 1.39 -4.43
CA GLU A 66 4.06 2.29 -3.47
C GLU A 66 3.58 3.74 -3.66
N ASN A 67 3.35 4.13 -4.92
CA ASN A 67 2.80 5.46 -5.22
C ASN A 67 1.38 5.61 -4.66
N ILE A 68 0.58 4.54 -4.75
CA ILE A 68 -0.77 4.53 -4.17
C ILE A 68 -0.71 4.76 -2.66
N TYR A 69 0.36 4.27 -2.02
CA TYR A 69 0.57 4.51 -0.59
C TYR A 69 0.92 5.99 -0.34
N LEU A 70 1.71 6.58 -1.24
CA LEU A 70 2.01 8.02 -1.17
C LEU A 70 0.71 8.83 -1.26
N LYS A 71 -0.20 8.38 -2.13
CA LYS A 71 -1.57 8.91 -2.20
C LYS A 71 -2.25 8.83 -0.82
N LEU A 72 -2.07 7.69 -0.14
CA LEU A 72 -2.64 7.49 1.18
C LEU A 72 -1.99 8.41 2.24
N GLN A 73 -0.70 8.70 2.08
CA GLN A 73 0.01 9.62 2.99
C GLN A 73 -0.61 11.03 2.95
N ARG A 74 -1.00 11.47 1.76
CA ARG A 74 -1.68 12.76 1.60
C ARG A 74 -3.22 12.59 1.72
N HIS A 75 -3.64 11.40 2.18
CA HIS A 75 -5.07 11.09 2.32
C HIS A 75 -5.40 10.47 3.69
N LYS A 76 -4.38 10.23 4.52
CA LYS A 76 -4.59 9.74 5.90
C LYS A 76 -5.00 10.93 6.80
N GLU A 77 -6.08 11.59 6.40
CA GLU A 77 -6.51 12.85 7.01
C GLU A 77 -7.31 12.65 8.31
N ARG A 78 -7.87 11.46 8.49
CA ARG A 78 -8.74 11.18 9.65
C ARG A 78 -7.93 11.09 10.96
N ASN A 79 -8.24 11.96 11.91
CA ASN A 79 -7.46 12.08 13.16
C ASN A 79 -7.77 10.95 14.16
N GLN A 80 -6.82 10.67 15.04
CA GLN A 80 -6.96 9.59 16.04
C GLN A 80 -6.46 10.04 17.42
N LEU A 81 -7.40 10.34 18.33
CA LEU A 81 -7.05 10.64 19.73
C LEU A 81 -6.77 9.35 20.52
N GLU A 82 -5.98 9.47 21.60
CA GLU A 82 -5.67 8.32 22.46
C GLU A 82 -6.55 8.32 23.73
N MET A 1 -5.52 21.82 24.48
CA MET A 1 -6.27 22.64 23.47
C MET A 1 -5.35 23.54 22.64
N ALA A 2 -4.25 24.02 23.24
CA ALA A 2 -3.34 24.94 22.57
C ALA A 2 -2.69 24.31 21.32
N LEU A 3 -2.61 25.09 20.24
CA LEU A 3 -2.08 24.60 18.95
C LEU A 3 -0.63 24.13 19.07
N ILE A 4 -0.31 23.02 18.42
CA ILE A 4 1.04 22.45 18.41
C ILE A 4 1.31 21.64 17.13
N MET A 5 2.46 21.84 16.52
CA MET A 5 2.85 21.12 15.30
C MET A 5 4.06 20.20 15.55
N THR A 6 3.82 18.89 15.54
CA THR A 6 4.90 17.91 15.73
C THR A 6 5.30 17.25 14.40
N GLN A 7 6.54 17.49 13.98
CA GLN A 7 7.05 16.90 12.73
C GLN A 7 7.21 15.38 12.87
N GLN A 8 6.38 14.62 12.15
CA GLN A 8 6.45 13.16 12.20
C GLN A 8 7.59 12.63 11.29
N ASN A 9 8.77 12.45 11.88
CA ASN A 9 9.95 11.98 11.14
C ASN A 9 9.76 10.53 10.65
N ASN A 10 10.20 10.28 9.41
CA ASN A 10 10.13 8.95 8.78
C ASN A 10 8.68 8.42 8.72
N PRO A 11 7.78 9.10 7.99
CA PRO A 11 6.36 8.70 7.87
C PRO A 11 6.13 7.55 6.86
N LEU A 12 7.18 7.22 6.10
CA LEU A 12 7.12 6.14 5.11
C LEU A 12 8.43 5.37 5.01
N HIS A 13 8.92 4.87 6.14
CA HIS A 13 10.22 4.20 6.21
C HIS A 13 10.15 2.92 7.07
N GLY A 14 10.83 1.87 6.61
CA GLY A 14 10.91 0.62 7.36
C GLY A 14 9.69 -0.29 7.19
N ILE A 15 8.56 0.29 6.80
CA ILE A 15 7.32 -0.46 6.61
C ILE A 15 7.44 -1.53 5.51
N THR A 16 6.90 -2.72 5.76
CA THR A 16 6.94 -3.82 4.79
C THR A 16 5.88 -3.63 3.70
N LEU A 17 6.12 -4.23 2.53
CA LEU A 17 5.18 -4.16 1.41
C LEU A 17 3.83 -4.81 1.78
N GLN A 18 3.86 -5.78 2.69
CA GLN A 18 2.64 -6.42 3.19
C GLN A 18 1.75 -5.40 3.92
N LYS A 19 2.29 -4.75 4.96
CA LYS A 19 1.57 -3.72 5.70
C LYS A 19 1.16 -2.56 4.78
N LEU A 20 2.07 -2.15 3.89
CA LEU A 20 1.79 -1.11 2.89
C LEU A 20 0.51 -1.46 2.09
N LEU A 21 0.52 -2.63 1.47
CA LEU A 21 -0.64 -3.10 0.69
C LEU A 21 -1.88 -3.29 1.58
N THR A 22 -1.66 -3.72 2.83
CA THR A 22 -2.76 -3.92 3.79
C THR A 22 -3.55 -2.63 4.02
N GLU A 23 -2.84 -1.54 4.32
CA GLU A 23 -3.47 -0.22 4.51
C GLU A 23 -4.24 0.21 3.26
N LEU A 24 -3.68 -0.10 2.08
CA LEU A 24 -4.35 0.20 0.81
C LEU A 24 -5.67 -0.59 0.67
N VAL A 25 -5.63 -1.87 1.02
CA VAL A 25 -6.83 -2.72 0.99
C VAL A 25 -7.88 -2.23 2.00
N GLU A 26 -7.41 -1.79 3.16
CA GLU A 26 -8.29 -1.24 4.20
C GLU A 26 -9.03 0.00 3.72
N HIS A 27 -8.28 1.01 3.27
CA HIS A 27 -8.88 2.28 2.82
C HIS A 27 -9.51 2.16 1.43
N TYR A 28 -8.70 1.82 0.44
CA TYR A 28 -9.17 1.76 -0.96
C TYR A 28 -9.97 0.48 -1.25
N GLY A 29 -9.36 -0.67 -1.00
CA GLY A 29 -10.01 -1.95 -1.30
C GLY A 29 -9.50 -2.57 -2.60
N TRP A 30 -9.57 -3.90 -2.70
CA TRP A 30 -9.07 -4.62 -3.89
C TRP A 30 -9.64 -4.06 -5.19
N GLU A 31 -10.94 -3.77 -5.21
CA GLU A 31 -11.61 -3.23 -6.40
C GLU A 31 -10.97 -1.92 -6.87
N GLU A 32 -10.79 -0.97 -5.95
CA GLU A 32 -10.19 0.33 -6.30
C GLU A 32 -8.72 0.17 -6.70
N LEU A 33 -8.02 -0.75 -6.05
CA LEU A 33 -6.64 -1.06 -6.42
C LEU A 33 -6.59 -1.67 -7.84
N SER A 34 -7.62 -2.45 -8.19
CA SER A 34 -7.75 -3.03 -9.54
C SER A 34 -8.14 -1.97 -10.56
N TYR A 35 -8.89 -0.97 -10.11
CA TYR A 35 -9.30 0.15 -10.96
C TYR A 35 -8.12 1.07 -11.30
N MET A 36 -7.27 1.34 -10.30
CA MET A 36 -6.07 2.17 -10.51
C MET A 36 -4.93 1.35 -11.15
N VAL A 37 -4.50 0.29 -10.48
CA VAL A 37 -3.47 -0.60 -11.01
C VAL A 37 -4.11 -1.84 -11.66
N ASN A 38 -4.41 -1.74 -12.95
CA ASN A 38 -5.14 -2.80 -13.67
C ASN A 38 -4.25 -4.05 -13.89
N ILE A 39 -4.11 -4.87 -12.85
CA ILE A 39 -3.36 -6.13 -12.96
C ILE A 39 -4.18 -7.31 -12.38
N ASN A 40 -3.84 -8.53 -12.82
CA ASN A 40 -4.59 -9.73 -12.45
C ASN A 40 -4.51 -10.04 -10.93
N CYS A 41 -3.47 -9.53 -10.27
CA CYS A 41 -3.21 -9.83 -8.84
C CYS A 41 -4.41 -9.56 -7.94
N PHE A 42 -4.97 -8.35 -8.03
CA PHE A 42 -6.07 -7.94 -7.14
C PHE A 42 -7.41 -8.53 -7.61
N LYS A 43 -7.42 -9.12 -8.81
CA LYS A 43 -8.65 -9.62 -9.41
C LYS A 43 -8.81 -11.14 -9.22
N LYS A 44 -7.82 -11.91 -9.68
CA LYS A 44 -7.84 -13.37 -9.55
C LYS A 44 -7.26 -13.79 -8.19
N ASP A 45 -8.13 -14.31 -7.31
CA ASP A 45 -7.77 -14.66 -5.94
C ASP A 45 -7.25 -13.42 -5.15
N PRO A 46 -8.15 -12.51 -4.77
CA PRO A 46 -7.79 -11.30 -4.01
C PRO A 46 -7.26 -11.62 -2.60
N SER A 47 -5.95 -11.48 -2.42
CA SER A 47 -5.28 -11.75 -1.14
C SER A 47 -3.92 -11.07 -1.08
N ILE A 48 -3.53 -10.60 0.11
CA ILE A 48 -2.22 -9.96 0.29
C ILE A 48 -1.08 -10.86 -0.21
N LYS A 49 -1.06 -12.12 0.26
CA LYS A 49 -0.01 -13.08 -0.13
C LYS A 49 -0.05 -13.34 -1.65
N SER A 50 -1.26 -13.42 -2.20
CA SER A 50 -1.46 -13.63 -3.64
C SER A 50 -0.85 -12.48 -4.47
N SER A 51 -1.13 -11.26 -4.04
CA SER A 51 -0.61 -10.07 -4.72
C SER A 51 0.93 -9.97 -4.58
N LEU A 52 1.43 -10.20 -3.36
CA LEU A 52 2.88 -10.16 -3.10
C LEU A 52 3.65 -11.08 -4.05
N LYS A 53 3.07 -12.24 -4.40
CA LYS A 53 3.69 -13.15 -5.36
C LYS A 53 4.06 -12.44 -6.68
N PHE A 54 3.23 -11.51 -7.11
CA PHE A 54 3.49 -10.76 -8.36
C PHE A 54 4.31 -9.49 -8.07
N LEU A 55 4.07 -8.86 -6.92
CA LEU A 55 4.80 -7.66 -6.52
C LEU A 55 6.29 -7.96 -6.20
N ARG A 56 6.63 -9.24 -6.11
CA ARG A 56 8.03 -9.67 -5.95
C ARG A 56 8.62 -10.17 -7.28
N LYS A 57 7.92 -9.86 -8.37
CA LYS A 57 8.36 -10.22 -9.73
C LYS A 57 8.42 -8.98 -10.64
N THR A 58 7.27 -8.33 -10.80
CA THR A 58 7.14 -7.19 -11.72
C THR A 58 7.34 -5.84 -11.01
N ASP A 59 8.24 -5.03 -11.56
CA ASP A 59 8.60 -3.73 -10.98
C ASP A 59 7.52 -2.66 -11.21
N TRP A 60 7.08 -2.50 -12.46
CA TRP A 60 6.08 -1.45 -12.79
C TRP A 60 4.77 -1.63 -12.02
N ALA A 61 4.57 -2.83 -11.47
CA ALA A 61 3.44 -3.10 -10.58
C ALA A 61 3.67 -2.40 -9.23
N ARG A 62 4.88 -2.54 -8.68
CA ARG A 62 5.23 -1.95 -7.39
C ARG A 62 5.15 -0.42 -7.41
N GLU A 63 5.87 0.22 -8.36
CA GLU A 63 5.96 1.68 -8.42
C GLU A 63 4.57 2.36 -8.30
N ARG A 64 3.58 1.80 -8.99
CA ARG A 64 2.22 2.36 -9.01
C ARG A 64 1.50 2.11 -7.67
N VAL A 65 1.59 0.88 -7.16
CA VAL A 65 0.97 0.52 -5.87
C VAL A 65 1.55 1.34 -4.71
N GLU A 66 2.87 1.35 -4.60
CA GLU A 66 3.56 2.11 -3.55
C GLU A 66 3.32 3.63 -3.70
N ASN A 67 3.12 4.08 -4.94
CA ASN A 67 2.75 5.48 -5.20
C ASN A 67 1.37 5.80 -4.60
N ILE A 68 0.43 4.86 -4.73
CA ILE A 68 -0.90 5.00 -4.10
C ILE A 68 -0.75 5.19 -2.57
N TYR A 69 0.22 4.47 -1.98
CA TYR A 69 0.55 4.63 -0.56
C TYR A 69 1.08 6.05 -0.26
N LEU A 70 2.01 6.53 -1.09
CA LEU A 70 2.54 7.89 -0.94
C LEU A 70 1.41 8.94 -0.96
N LYS A 71 0.52 8.81 -1.94
CA LYS A 71 -0.67 9.65 -2.04
C LYS A 71 -1.51 9.58 -0.75
N LEU A 72 -1.73 8.35 -0.28
CA LEU A 72 -2.51 8.10 0.93
C LEU A 72 -1.94 8.86 2.14
N GLN A 73 -0.62 8.77 2.34
CA GLN A 73 0.01 9.37 3.51
C GLN A 73 -0.03 10.91 3.48
N ARG A 74 -0.01 11.51 2.29
CA ARG A 74 -0.16 12.98 2.18
C ARG A 74 -1.61 13.40 2.48
N HIS A 75 -2.56 12.68 1.89
CA HIS A 75 -3.97 13.01 1.99
C HIS A 75 -4.59 12.53 3.32
N LYS A 76 -3.92 11.60 3.99
CA LYS A 76 -4.42 11.04 5.25
C LYS A 76 -4.71 12.11 6.30
N GLU A 77 -6.00 12.40 6.52
CA GLU A 77 -6.41 13.30 7.60
C GLU A 77 -5.85 12.83 8.95
N ARG A 78 -5.42 13.78 9.78
CA ARG A 78 -4.66 13.46 10.99
C ARG A 78 -5.31 14.06 12.25
N ASN A 79 -5.20 13.37 13.38
CA ASN A 79 -5.71 13.87 14.65
C ASN A 79 -4.76 13.51 15.81
N GLN A 80 -4.03 14.51 16.29
CA GLN A 80 -3.15 14.35 17.44
C GLN A 80 -3.68 15.17 18.63
N LEU A 81 -4.11 14.48 19.68
CA LEU A 81 -4.74 15.15 20.82
C LEU A 81 -4.08 14.80 22.17
N GLU A 82 -4.41 15.58 23.19
CA GLU A 82 -3.90 15.35 24.55
C GLU A 82 -4.99 14.77 25.48
N MET A 1 20.10 31.71 5.90
CA MET A 1 19.08 30.74 6.37
C MET A 1 18.64 29.75 5.26
N ALA A 2 19.38 29.71 4.16
CA ALA A 2 19.04 28.83 3.03
C ALA A 2 19.35 27.36 3.34
N LEU A 3 18.42 26.67 4.02
CA LEU A 3 18.57 25.25 4.34
C LEU A 3 17.42 24.39 3.78
N ILE A 4 16.54 25.00 2.98
CA ILE A 4 15.46 24.25 2.34
C ILE A 4 16.00 23.44 1.15
N MET A 5 16.63 22.31 1.48
CA MET A 5 17.24 21.42 0.48
C MET A 5 16.90 19.95 0.76
N THR A 6 16.00 19.73 1.72
CA THR A 6 15.69 18.38 2.22
C THR A 6 14.57 17.70 1.40
N GLN A 7 14.84 16.48 0.93
CA GLN A 7 13.83 15.67 0.23
C GLN A 7 13.03 14.81 1.21
N GLN A 8 11.77 15.18 1.44
CA GLN A 8 10.94 14.50 2.45
C GLN A 8 10.13 13.32 1.88
N ASN A 9 9.75 12.40 2.77
CA ASN A 9 8.85 11.27 2.46
C ASN A 9 9.53 10.17 1.62
N ASN A 10 9.22 8.92 1.99
CA ASN A 10 9.68 7.72 1.26
C ASN A 10 8.62 6.59 1.42
N PRO A 11 8.41 5.76 0.38
CA PRO A 11 7.39 4.68 0.42
C PRO A 11 7.65 3.67 1.55
N LEU A 12 8.92 3.50 1.92
CA LEU A 12 9.31 2.55 2.98
C LEU A 12 9.22 3.20 4.38
N HIS A 13 8.30 4.14 4.55
CA HIS A 13 8.14 4.87 5.81
C HIS A 13 7.63 3.96 6.96
N GLY A 14 8.56 3.29 7.64
CA GLY A 14 8.22 2.44 8.78
C GLY A 14 7.28 1.29 8.44
N ILE A 15 7.15 0.98 7.15
CA ILE A 15 6.23 -0.06 6.68
C ILE A 15 6.81 -0.82 5.48
N THR A 16 6.51 -2.12 5.37
CA THR A 16 6.96 -2.93 4.23
C THR A 16 5.80 -3.20 3.25
N LEU A 17 6.14 -3.70 2.07
CA LEU A 17 5.16 -3.95 0.99
C LEU A 17 3.91 -4.69 1.49
N GLN A 18 4.08 -5.68 2.36
CA GLN A 18 2.94 -6.44 2.91
C GLN A 18 1.96 -5.51 3.67
N LYS A 19 2.46 -4.88 4.73
CA LYS A 19 1.63 -3.99 5.56
C LYS A 19 1.13 -2.78 4.75
N LEU A 20 1.95 -2.31 3.81
CA LEU A 20 1.59 -1.21 2.91
C LEU A 20 0.34 -1.59 2.10
N LEU A 21 0.41 -2.71 1.37
CA LEU A 21 -0.72 -3.22 0.60
C LEU A 21 -1.93 -3.50 1.52
N THR A 22 -1.66 -4.02 2.71
CA THR A 22 -2.71 -4.30 3.70
C THR A 22 -3.51 -3.02 4.04
N GLU A 23 -2.79 -1.94 4.33
CA GLU A 23 -3.42 -0.64 4.59
C GLU A 23 -4.21 -0.14 3.38
N LEU A 24 -3.72 -0.42 2.19
CA LEU A 24 -4.42 -0.03 0.96
C LEU A 24 -5.75 -0.79 0.81
N VAL A 25 -5.74 -2.08 1.17
CA VAL A 25 -6.96 -2.89 1.18
C VAL A 25 -7.95 -2.38 2.23
N GLU A 26 -7.42 -1.98 3.38
CA GLU A 26 -8.23 -1.44 4.48
C GLU A 26 -8.86 -0.10 4.10
N HIS A 27 -8.02 0.87 3.71
CA HIS A 27 -8.48 2.24 3.44
C HIS A 27 -9.14 2.37 2.05
N TYR A 28 -8.55 1.76 1.02
CA TYR A 28 -9.13 1.81 -0.34
C TYR A 28 -10.04 0.59 -0.62
N GLY A 29 -9.42 -0.58 -0.78
CA GLY A 29 -10.16 -1.79 -1.15
C GLY A 29 -9.67 -2.40 -2.46
N TRP A 30 -9.83 -3.72 -2.62
CA TRP A 30 -9.32 -4.45 -3.80
C TRP A 30 -9.77 -3.81 -5.12
N GLU A 31 -11.06 -3.50 -5.23
CA GLU A 31 -11.63 -2.92 -6.45
C GLU A 31 -10.97 -1.56 -6.77
N GLU A 32 -10.83 -0.72 -5.75
CA GLU A 32 -10.20 0.60 -5.89
C GLU A 32 -8.72 0.46 -6.30
N LEU A 33 -8.06 -0.57 -5.79
CA LEU A 33 -6.66 -0.85 -6.16
C LEU A 33 -6.55 -1.20 -7.66
N SER A 34 -7.42 -2.12 -8.11
CA SER A 34 -7.46 -2.51 -9.53
C SER A 34 -7.98 -1.37 -10.42
N TYR A 35 -8.57 -0.35 -9.79
CA TYR A 35 -9.05 0.84 -10.52
C TYR A 35 -7.90 1.82 -10.76
N MET A 36 -7.16 2.14 -9.70
CA MET A 36 -5.98 3.02 -9.80
C MET A 36 -4.85 2.37 -10.59
N VAL A 37 -4.66 1.06 -10.41
CA VAL A 37 -3.71 0.28 -11.19
C VAL A 37 -4.46 -0.71 -12.09
N ASN A 38 -4.55 -0.42 -13.38
CA ASN A 38 -5.35 -1.23 -14.30
C ASN A 38 -4.68 -2.58 -14.61
N ILE A 39 -4.69 -3.48 -13.63
CA ILE A 39 -4.13 -4.83 -13.80
C ILE A 39 -5.09 -5.90 -13.23
N ASN A 40 -5.23 -7.00 -13.95
CA ASN A 40 -6.16 -8.07 -13.57
C ASN A 40 -5.63 -8.89 -12.36
N CYS A 41 -4.47 -8.51 -11.83
CA CYS A 41 -3.86 -9.22 -10.68
C CYS A 41 -4.84 -9.35 -9.50
N PHE A 42 -5.46 -8.23 -9.11
CA PHE A 42 -6.41 -8.22 -7.98
C PHE A 42 -7.72 -8.96 -8.32
N LYS A 43 -7.85 -9.39 -9.58
CA LYS A 43 -9.01 -10.16 -10.04
C LYS A 43 -8.66 -11.65 -10.24
N LYS A 44 -7.39 -11.90 -10.55
CA LYS A 44 -6.90 -13.27 -10.81
C LYS A 44 -6.69 -14.06 -9.51
N ASP A 45 -5.97 -13.46 -8.58
CA ASP A 45 -5.68 -14.09 -7.29
C ASP A 45 -5.67 -13.04 -6.17
N PRO A 46 -6.87 -12.65 -5.68
CA PRO A 46 -7.01 -11.54 -4.71
C PRO A 46 -6.67 -11.92 -3.25
N SER A 47 -5.39 -11.84 -2.92
CA SER A 47 -4.91 -12.00 -1.53
C SER A 47 -3.59 -11.25 -1.33
N ILE A 48 -3.32 -10.84 -0.10
CA ILE A 48 -2.06 -10.13 0.21
C ILE A 48 -0.85 -10.94 -0.27
N LYS A 49 -0.78 -12.21 0.11
CA LYS A 49 0.31 -13.10 -0.31
C LYS A 49 0.23 -13.36 -1.82
N SER A 50 -0.99 -13.53 -2.33
CA SER A 50 -1.22 -13.77 -3.76
C SER A 50 -0.89 -12.53 -4.61
N SER A 51 -0.78 -11.38 -3.96
CA SER A 51 -0.32 -10.16 -4.64
C SER A 51 1.20 -10.06 -4.59
N LEU A 52 1.78 -10.42 -3.43
CA LEU A 52 3.24 -10.40 -3.25
C LEU A 52 3.97 -11.22 -4.32
N LYS A 53 3.39 -12.37 -4.71
CA LYS A 53 3.97 -13.21 -5.77
C LYS A 53 4.17 -12.41 -7.08
N PHE A 54 3.26 -11.47 -7.33
CA PHE A 54 3.30 -10.68 -8.57
C PHE A 54 4.10 -9.38 -8.39
N LEU A 55 3.89 -8.70 -7.26
CA LEU A 55 4.52 -7.40 -6.99
C LEU A 55 6.05 -7.53 -6.85
N ARG A 56 6.52 -8.61 -6.24
CA ARG A 56 7.96 -8.83 -6.06
C ARG A 56 8.65 -9.16 -7.39
N LYS A 57 7.90 -9.74 -8.33
CA LYS A 57 8.42 -10.03 -9.68
C LYS A 57 8.32 -8.79 -10.58
N THR A 58 7.10 -8.30 -10.75
CA THR A 58 6.84 -7.12 -11.60
C THR A 58 7.12 -5.82 -10.85
N ASP A 59 8.30 -5.24 -11.07
CA ASP A 59 8.74 -4.05 -10.35
C ASP A 59 7.75 -2.87 -10.47
N TRP A 60 7.45 -2.44 -11.70
CA TRP A 60 6.58 -1.28 -11.91
C TRP A 60 5.23 -1.45 -11.20
N ALA A 61 4.66 -2.66 -11.24
CA ALA A 61 3.39 -2.94 -10.55
C ALA A 61 3.52 -2.70 -9.04
N ARG A 62 4.61 -3.18 -8.45
CA ARG A 62 4.92 -2.91 -7.05
C ARG A 62 4.99 -1.40 -6.80
N GLU A 63 5.76 -0.71 -7.64
CA GLU A 63 5.95 0.74 -7.51
C GLU A 63 4.62 1.51 -7.65
N ARG A 64 3.68 0.96 -8.40
CA ARG A 64 2.33 1.54 -8.48
C ARG A 64 1.60 1.40 -7.14
N VAL A 65 1.75 0.23 -6.51
CA VAL A 65 1.20 0.00 -5.17
C VAL A 65 1.82 0.97 -4.14
N GLU A 66 3.15 1.09 -4.17
CA GLU A 66 3.87 2.07 -3.36
C GLU A 66 3.27 3.48 -3.56
N ASN A 67 3.05 3.83 -4.83
CA ASN A 67 2.48 5.12 -5.20
C ASN A 67 1.07 5.32 -4.60
N ILE A 68 0.28 4.25 -4.58
CA ILE A 68 -1.06 4.31 -3.97
C ILE A 68 -0.99 4.74 -2.50
N TYR A 69 -0.01 4.20 -1.77
CA TYR A 69 0.21 4.60 -0.38
C TYR A 69 0.67 6.06 -0.29
N LEU A 70 1.49 6.49 -1.25
CA LEU A 70 1.92 7.88 -1.36
C LEU A 70 0.70 8.81 -1.56
N LYS A 71 -0.32 8.29 -2.26
CA LYS A 71 -1.59 9.02 -2.42
C LYS A 71 -2.25 9.26 -1.05
N LEU A 72 -2.06 8.32 -0.14
CA LEU A 72 -2.54 8.47 1.24
C LEU A 72 -1.65 9.46 2.02
N GLN A 73 -0.34 9.36 1.80
CA GLN A 73 0.63 10.24 2.48
C GLN A 73 0.41 11.72 2.12
N ARG A 74 0.23 12.02 0.82
CA ARG A 74 -0.04 13.39 0.39
C ARG A 74 -1.36 13.93 0.97
N HIS A 75 -2.28 13.02 1.31
CA HIS A 75 -3.52 13.39 2.00
C HIS A 75 -3.25 13.59 3.51
N LYS A 76 -2.28 12.87 4.04
CA LYS A 76 -1.92 12.95 5.45
C LYS A 76 -1.40 14.35 5.83
N GLU A 77 -1.90 14.88 6.94
CA GLU A 77 -1.46 16.18 7.45
C GLU A 77 -0.06 16.09 8.06
N ARG A 78 0.72 17.17 7.94
CA ARG A 78 2.06 17.23 8.52
C ARG A 78 2.02 17.80 9.96
N ASN A 79 2.10 16.92 10.95
CA ASN A 79 2.06 17.32 12.36
C ASN A 79 3.48 17.46 12.95
N GLN A 80 4.41 16.63 12.47
CA GLN A 80 5.80 16.67 12.95
C GLN A 80 6.78 16.27 11.82
N LEU A 81 8.07 16.52 12.05
CA LEU A 81 9.11 16.20 11.08
C LEU A 81 9.36 14.67 10.99
N GLU A 82 10.47 14.28 10.35
CA GLU A 82 10.79 12.85 10.16
C GLU A 82 11.09 12.12 11.48
N MET A 1 -3.29 29.65 9.30
CA MET A 1 -3.23 28.17 9.22
C MET A 1 -2.67 27.71 7.87
N ALA A 2 -1.46 27.17 7.88
CA ALA A 2 -0.81 26.66 6.67
C ALA A 2 -0.05 25.35 6.95
N LEU A 3 -0.42 24.28 6.24
CA LEU A 3 0.23 22.98 6.45
C LEU A 3 1.69 22.96 5.95
N ILE A 4 2.62 22.88 6.90
CA ILE A 4 4.05 22.85 6.58
C ILE A 4 4.61 21.42 6.61
N MET A 5 5.64 21.16 5.81
CA MET A 5 6.23 19.82 5.72
C MET A 5 7.73 19.83 6.10
N THR A 6 8.15 20.79 6.91
CA THR A 6 9.57 20.92 7.29
C THR A 6 9.92 20.03 8.51
N GLN A 7 8.90 19.49 9.16
CA GLN A 7 9.10 18.64 10.35
C GLN A 7 9.30 17.15 9.99
N GLN A 8 9.55 16.33 11.01
CA GLN A 8 9.76 14.89 10.80
C GLN A 8 8.48 14.21 10.28
N ASN A 9 8.61 13.45 9.19
CA ASN A 9 7.44 12.86 8.52
C ASN A 9 7.02 11.53 9.16
N ASN A 10 6.40 11.64 10.32
CA ASN A 10 5.78 10.51 11.04
C ASN A 10 6.77 9.41 11.46
N PRO A 11 6.76 9.02 12.75
CA PRO A 11 7.67 7.98 13.30
C PRO A 11 7.24 6.54 12.93
N LEU A 12 6.37 6.41 11.92
CA LEU A 12 5.94 5.09 11.42
C LEU A 12 6.52 4.84 10.02
N HIS A 13 7.77 5.24 9.82
CA HIS A 13 8.41 5.19 8.50
C HIS A 13 8.80 3.77 8.07
N GLY A 14 9.16 2.92 9.03
CA GLY A 14 9.65 1.58 8.72
C GLY A 14 8.56 0.55 8.36
N ILE A 15 7.67 0.92 7.43
CA ILE A 15 6.61 0.02 6.98
C ILE A 15 7.03 -0.76 5.72
N THR A 16 6.86 -2.09 5.77
CA THR A 16 7.22 -2.97 4.64
C THR A 16 6.13 -3.03 3.57
N LEU A 17 6.46 -3.59 2.41
CA LEU A 17 5.48 -3.75 1.32
C LEU A 17 4.23 -4.52 1.77
N GLN A 18 4.43 -5.51 2.63
CA GLN A 18 3.31 -6.31 3.18
C GLN A 18 2.27 -5.42 3.87
N LYS A 19 2.68 -4.71 4.92
CA LYS A 19 1.76 -3.81 5.65
C LYS A 19 1.33 -2.62 4.76
N LEU A 20 2.19 -2.23 3.82
CA LEU A 20 1.87 -1.17 2.86
C LEU A 20 0.62 -1.54 2.03
N LEU A 21 0.68 -2.71 1.38
CA LEU A 21 -0.46 -3.23 0.62
C LEU A 21 -1.68 -3.45 1.55
N THR A 22 -1.42 -4.03 2.73
CA THR A 22 -2.47 -4.24 3.73
C THR A 22 -3.24 -2.94 4.04
N GLU A 23 -2.50 -1.85 4.27
CA GLU A 23 -3.13 -0.54 4.50
C GLU A 23 -4.03 -0.13 3.33
N LEU A 24 -3.54 -0.34 2.10
CA LEU A 24 -4.31 0.01 0.90
C LEU A 24 -5.59 -0.84 0.79
N VAL A 25 -5.49 -2.12 1.13
CA VAL A 25 -6.64 -3.03 1.13
C VAL A 25 -7.67 -2.64 2.20
N GLU A 26 -7.19 -2.34 3.41
CA GLU A 26 -8.07 -1.99 4.53
C GLU A 26 -8.72 -0.61 4.34
N HIS A 27 -7.93 0.37 3.87
CA HIS A 27 -8.42 1.75 3.74
C HIS A 27 -9.14 2.01 2.40
N TYR A 28 -8.54 1.60 1.29
CA TYR A 28 -9.14 1.82 -0.04
C TYR A 28 -10.06 0.66 -0.44
N GLY A 29 -9.48 -0.50 -0.74
CA GLY A 29 -10.27 -1.65 -1.18
C GLY A 29 -9.80 -2.23 -2.52
N TRP A 30 -10.06 -3.52 -2.71
CA TRP A 30 -9.60 -4.24 -3.92
C TRP A 30 -10.11 -3.61 -5.23
N GLU A 31 -11.38 -3.20 -5.25
CA GLU A 31 -11.99 -2.64 -6.47
C GLU A 31 -11.27 -1.35 -6.92
N GLU A 32 -10.92 -0.50 -5.95
CA GLU A 32 -10.19 0.75 -6.25
C GLU A 32 -8.74 0.45 -6.67
N LEU A 33 -8.10 -0.51 -5.98
CA LEU A 33 -6.74 -0.94 -6.34
C LEU A 33 -6.71 -1.53 -7.77
N SER A 34 -7.73 -2.31 -8.11
CA SER A 34 -7.85 -2.92 -9.45
C SER A 34 -8.01 -1.87 -10.54
N TYR A 35 -8.59 -0.72 -10.20
CA TYR A 35 -8.77 0.38 -11.15
C TYR A 35 -7.45 1.12 -11.41
N MET A 36 -6.73 1.42 -10.33
CA MET A 36 -5.45 2.15 -10.42
C MET A 36 -4.32 1.26 -10.98
N VAL A 37 -4.08 0.12 -10.34
CA VAL A 37 -3.10 -0.86 -10.82
C VAL A 37 -3.84 -2.05 -11.48
N ASN A 38 -4.23 -1.86 -12.74
CA ASN A 38 -5.04 -2.85 -13.44
C ASN A 38 -4.19 -4.04 -13.91
N ILE A 39 -4.01 -5.00 -13.01
CA ILE A 39 -3.28 -6.24 -13.32
C ILE A 39 -4.16 -7.46 -13.01
N ASN A 40 -3.93 -8.57 -13.72
CA ASN A 40 -4.69 -9.80 -13.47
C ASN A 40 -4.26 -10.46 -12.14
N CYS A 41 -4.61 -9.79 -11.04
CA CYS A 41 -4.28 -10.28 -9.69
C CYS A 41 -5.30 -9.80 -8.66
N PHE A 42 -5.54 -8.49 -8.61
CA PHE A 42 -6.58 -7.94 -7.73
C PHE A 42 -7.98 -8.30 -8.28
N LYS A 43 -8.09 -8.40 -9.61
CA LYS A 43 -9.30 -8.84 -10.28
C LYS A 43 -9.50 -10.35 -10.06
N LYS A 44 -8.49 -11.14 -10.43
CA LYS A 44 -8.57 -12.61 -10.35
C LYS A 44 -7.77 -13.14 -9.16
N ASP A 45 -8.50 -13.62 -8.15
CA ASP A 45 -7.91 -14.17 -6.91
C ASP A 45 -7.22 -13.10 -6.06
N PRO A 46 -8.00 -12.19 -5.46
CA PRO A 46 -7.46 -11.10 -4.63
C PRO A 46 -6.99 -11.57 -3.24
N SER A 47 -5.88 -12.30 -3.23
CA SER A 47 -5.27 -12.76 -1.96
C SER A 47 -4.02 -11.96 -1.63
N ILE A 48 -3.88 -11.54 -0.37
CA ILE A 48 -2.76 -10.73 0.07
C ILE A 48 -1.40 -11.35 -0.32
N LYS A 49 -1.24 -12.64 -0.07
CA LYS A 49 0.03 -13.33 -0.36
C LYS A 49 0.22 -13.47 -1.88
N SER A 50 -0.86 -13.77 -2.60
CA SER A 50 -0.81 -13.89 -4.07
C SER A 50 -0.39 -12.56 -4.72
N SER A 51 -0.99 -11.47 -4.25
CA SER A 51 -0.67 -10.12 -4.74
C SER A 51 0.81 -9.78 -4.50
N LEU A 52 1.27 -9.93 -3.25
CA LEU A 52 2.68 -9.71 -2.91
C LEU A 52 3.60 -10.57 -3.78
N LYS A 53 3.21 -11.83 -3.98
CA LYS A 53 3.97 -12.79 -4.80
C LYS A 53 4.16 -12.27 -6.23
N PHE A 54 3.18 -11.53 -6.73
CA PHE A 54 3.24 -10.96 -8.09
C PHE A 54 3.95 -9.59 -8.10
N LEU A 55 3.65 -8.76 -7.10
CA LEU A 55 4.24 -7.42 -6.98
C LEU A 55 5.77 -7.45 -6.86
N ARG A 56 6.28 -8.43 -6.12
CA ARG A 56 7.73 -8.56 -5.90
C ARG A 56 8.51 -8.77 -7.21
N LYS A 57 7.90 -9.44 -8.17
CA LYS A 57 8.56 -9.73 -9.45
C LYS A 57 8.19 -8.71 -10.53
N THR A 58 7.01 -8.11 -10.42
CA THR A 58 6.53 -7.16 -11.45
C THR A 58 7.00 -5.73 -11.15
N ASP A 59 7.98 -5.28 -11.94
CA ASP A 59 8.66 -4.00 -11.74
C ASP A 59 7.70 -2.81 -11.54
N TRP A 60 6.90 -2.51 -12.56
CA TRP A 60 6.01 -1.34 -12.53
C TRP A 60 4.87 -1.51 -11.50
N ALA A 61 4.29 -2.71 -11.44
CA ALA A 61 3.13 -2.97 -10.58
C ALA A 61 3.40 -2.61 -9.11
N ARG A 62 4.51 -3.08 -8.55
CA ARG A 62 4.83 -2.80 -7.15
C ARG A 62 5.00 -1.28 -6.92
N GLU A 63 5.87 -0.64 -7.69
CA GLU A 63 6.18 0.77 -7.46
C GLU A 63 4.93 1.65 -7.65
N ARG A 64 3.97 1.18 -8.44
CA ARG A 64 2.64 1.81 -8.50
C ARG A 64 1.95 1.74 -7.12
N VAL A 65 1.95 0.53 -6.54
CA VAL A 65 1.37 0.30 -5.20
C VAL A 65 2.10 1.14 -4.13
N GLU A 66 3.43 1.14 -4.18
CA GLU A 66 4.26 2.00 -3.33
C GLU A 66 3.79 3.46 -3.42
N ASN A 67 3.54 3.90 -4.65
CA ASN A 67 3.07 5.27 -4.94
C ASN A 67 1.66 5.51 -4.37
N ILE A 68 0.77 4.51 -4.51
CA ILE A 68 -0.60 4.62 -3.99
C ILE A 68 -0.61 4.90 -2.47
N TYR A 69 0.31 4.26 -1.74
CA TYR A 69 0.44 4.53 -0.31
C TYR A 69 0.91 5.97 -0.06
N LEU A 70 1.88 6.43 -0.86
CA LEU A 70 2.33 7.82 -0.80
C LEU A 70 1.15 8.78 -1.04
N LYS A 71 0.25 8.40 -1.95
CA LYS A 71 -0.98 9.17 -2.21
C LYS A 71 -1.86 9.25 -0.95
N LEU A 72 -1.78 8.23 -0.09
CA LEU A 72 -2.49 8.25 1.19
C LEU A 72 -1.91 9.35 2.10
N GLN A 73 -0.58 9.42 2.17
CA GLN A 73 0.08 10.50 2.93
C GLN A 73 -0.20 11.87 2.30
N ARG A 74 -0.35 11.90 0.97
CA ARG A 74 -0.75 13.14 0.26
C ARG A 74 -2.18 13.51 0.59
N HIS A 75 -3.04 12.51 0.71
CA HIS A 75 -4.43 12.73 1.11
C HIS A 75 -4.50 13.00 2.63
N LYS A 76 -3.43 12.65 3.33
CA LYS A 76 -3.31 12.88 4.76
C LYS A 76 -3.04 14.38 5.04
N GLU A 77 -4.03 15.20 4.73
CA GLU A 77 -3.95 16.65 4.94
C GLU A 77 -4.28 17.00 6.41
N ARG A 78 -5.09 16.15 7.02
CA ARG A 78 -5.54 16.35 8.40
C ARG A 78 -4.48 15.88 9.41
N ASN A 79 -3.52 16.75 9.68
CA ASN A 79 -2.40 16.46 10.59
C ASN A 79 -2.31 17.50 11.71
N GLN A 80 -1.60 17.16 12.79
CA GLN A 80 -1.46 18.04 13.94
C GLN A 80 -0.31 17.60 14.86
N LEU A 81 0.50 18.57 15.32
CA LEU A 81 1.64 18.29 16.21
C LEU A 81 1.18 18.19 17.67
N GLU A 82 2.13 17.92 18.57
CA GLU A 82 1.84 17.79 20.01
C GLU A 82 2.00 19.14 20.75
N MET A 1 7.83 -24.51 13.42
CA MET A 1 6.59 -24.82 14.20
C MET A 1 5.65 -23.61 14.29
N ALA A 2 6.20 -22.41 14.07
CA ALA A 2 5.43 -21.17 14.27
C ALA A 2 4.27 -21.02 13.27
N LEU A 3 3.06 -21.34 13.72
CA LEU A 3 1.86 -21.10 12.93
C LEU A 3 1.62 -19.59 12.81
N ILE A 4 1.53 -18.92 13.96
CA ILE A 4 1.50 -17.45 14.01
C ILE A 4 2.92 -16.90 14.16
N MET A 5 3.61 -16.70 13.05
CA MET A 5 5.01 -16.26 13.06
C MET A 5 5.15 -14.81 13.55
N THR A 6 5.59 -14.66 14.81
CA THR A 6 5.74 -13.33 15.43
C THR A 6 7.08 -13.17 16.17
N GLN A 7 8.03 -12.49 15.53
CA GLN A 7 9.34 -12.20 16.14
C GLN A 7 9.94 -10.90 15.58
N GLN A 8 10.16 -9.92 16.45
CA GLN A 8 10.69 -8.60 16.04
C GLN A 8 9.80 -7.95 14.95
N ASN A 9 8.53 -8.35 14.92
CA ASN A 9 7.58 -7.84 13.93
C ASN A 9 7.18 -6.39 14.21
N ASN A 10 7.52 -5.50 13.29
CA ASN A 10 7.21 -4.07 13.42
C ASN A 10 5.83 -3.72 12.80
N PRO A 11 4.85 -3.35 13.64
CA PRO A 11 3.49 -2.99 13.16
C PRO A 11 3.48 -1.70 12.31
N LEU A 12 4.26 -0.69 12.72
CA LEU A 12 4.35 0.56 11.96
C LEU A 12 5.80 1.07 11.87
N HIS A 13 6.62 0.77 12.89
CA HIS A 13 8.04 1.14 12.88
C HIS A 13 8.78 0.45 11.70
N GLY A 14 8.68 1.05 10.53
CA GLY A 14 9.23 0.43 9.32
C GLY A 14 8.17 -0.37 8.58
N ILE A 15 7.25 0.33 7.92
CA ILE A 15 6.15 -0.30 7.19
C ILE A 15 6.66 -1.02 5.93
N THR A 16 6.61 -2.36 5.97
CA THR A 16 7.03 -3.19 4.84
C THR A 16 5.95 -3.27 3.76
N LEU A 17 6.30 -3.84 2.60
CA LEU A 17 5.35 -3.96 1.48
C LEU A 17 4.07 -4.70 1.89
N GLN A 18 4.19 -5.66 2.82
CA GLN A 18 3.03 -6.41 3.31
C GLN A 18 2.03 -5.50 4.04
N LYS A 19 2.55 -4.68 4.96
CA LYS A 19 1.71 -3.71 5.68
C LYS A 19 1.22 -2.59 4.73
N LEU A 20 2.07 -2.21 3.80
CA LEU A 20 1.74 -1.21 2.77
C LEU A 20 0.48 -1.62 2.00
N LEU A 21 0.50 -2.83 1.45
CA LEU A 21 -0.65 -3.38 0.73
C LEU A 21 -1.90 -3.45 1.63
N THR A 22 -1.71 -3.97 2.85
CA THR A 22 -2.81 -4.06 3.82
C THR A 22 -3.52 -2.71 4.02
N GLU A 23 -2.72 -1.67 4.29
CA GLU A 23 -3.24 -0.30 4.45
C GLU A 23 -4.13 0.11 3.26
N LEU A 24 -3.67 -0.17 2.05
CA LEU A 24 -4.43 0.15 0.83
C LEU A 24 -5.74 -0.64 0.75
N VAL A 25 -5.68 -1.94 1.05
CA VAL A 25 -6.87 -2.79 1.03
C VAL A 25 -7.91 -2.35 2.08
N GLU A 26 -7.43 -1.90 3.24
CA GLU A 26 -8.32 -1.46 4.32
C GLU A 26 -8.93 -0.07 4.05
N HIS A 27 -8.12 0.84 3.48
CA HIS A 27 -8.56 2.24 3.29
C HIS A 27 -9.06 2.52 1.86
N TYR A 28 -8.83 1.60 0.92
CA TYR A 28 -9.29 1.76 -0.46
C TYR A 28 -10.05 0.51 -0.93
N GLY A 29 -9.39 -0.64 -0.88
CA GLY A 29 -9.99 -1.89 -1.33
C GLY A 29 -9.45 -2.37 -2.67
N TRP A 30 -9.54 -3.68 -2.91
CA TRP A 30 -9.00 -4.28 -4.15
C TRP A 30 -9.65 -3.69 -5.42
N GLU A 31 -10.92 -3.30 -5.33
CA GLU A 31 -11.64 -2.72 -6.47
C GLU A 31 -10.93 -1.49 -7.03
N GLU A 32 -10.77 -0.46 -6.19
CA GLU A 32 -10.10 0.79 -6.61
C GLU A 32 -8.65 0.54 -7.03
N LEU A 33 -7.95 -0.30 -6.26
CA LEU A 33 -6.56 -0.64 -6.57
C LEU A 33 -6.42 -1.24 -7.97
N SER A 34 -7.26 -2.22 -8.29
CA SER A 34 -7.24 -2.87 -9.61
C SER A 34 -7.87 -1.98 -10.69
N TYR A 35 -8.69 -1.02 -10.28
CA TYR A 35 -9.31 -0.08 -11.22
C TYR A 35 -8.29 0.98 -11.67
N MET A 36 -7.31 1.27 -10.80
CA MET A 36 -6.20 2.17 -11.13
C MET A 36 -5.04 1.41 -11.81
N VAL A 37 -4.78 0.18 -11.34
CA VAL A 37 -3.79 -0.70 -11.95
C VAL A 37 -4.49 -1.86 -12.67
N ASN A 38 -4.47 -1.85 -13.99
CA ASN A 38 -5.28 -2.76 -14.82
C ASN A 38 -4.75 -4.21 -14.87
N ILE A 39 -4.34 -4.74 -13.73
CA ILE A 39 -3.92 -6.14 -13.64
C ILE A 39 -4.98 -6.98 -12.93
N ASN A 40 -5.39 -8.07 -13.58
CA ASN A 40 -6.48 -8.92 -13.08
C ASN A 40 -6.08 -9.66 -11.79
N CYS A 41 -4.78 -9.73 -11.51
CA CYS A 41 -4.27 -10.43 -10.31
C CYS A 41 -4.87 -9.90 -9.00
N PHE A 42 -5.30 -8.63 -8.99
CA PHE A 42 -5.96 -8.05 -7.81
C PHE A 42 -7.44 -8.46 -7.73
N LYS A 43 -8.01 -8.86 -8.86
CA LYS A 43 -9.42 -9.26 -8.94
C LYS A 43 -9.60 -10.76 -8.68
N LYS A 44 -8.80 -11.58 -9.38
CA LYS A 44 -8.86 -13.03 -9.22
C LYS A 44 -7.98 -13.50 -8.05
N ASP A 45 -8.63 -14.02 -7.00
CA ASP A 45 -7.96 -14.37 -5.74
C ASP A 45 -7.28 -13.16 -5.08
N PRO A 46 -8.08 -12.24 -4.49
CA PRO A 46 -7.57 -11.04 -3.82
C PRO A 46 -6.89 -11.34 -2.46
N SER A 47 -5.85 -12.17 -2.49
CA SER A 47 -5.09 -12.51 -1.28
C SER A 47 -3.82 -11.68 -1.16
N ILE A 48 -3.46 -11.32 0.08
CA ILE A 48 -2.28 -10.49 0.34
C ILE A 48 -0.99 -11.18 -0.19
N LYS A 49 -0.69 -12.37 0.34
CA LYS A 49 0.52 -13.10 -0.07
C LYS A 49 0.58 -13.34 -1.59
N SER A 50 -0.57 -13.66 -2.19
CA SER A 50 -0.66 -13.91 -3.64
C SER A 50 -0.27 -12.67 -4.45
N SER A 51 -0.87 -11.53 -4.10
CA SER A 51 -0.59 -10.26 -4.80
C SER A 51 0.85 -9.77 -4.53
N LEU A 52 1.31 -9.91 -3.29
CA LEU A 52 2.70 -9.58 -2.94
C LEU A 52 3.69 -10.33 -3.84
N LYS A 53 3.41 -11.61 -4.09
CA LYS A 53 4.23 -12.42 -4.99
C LYS A 53 4.32 -11.77 -6.39
N PHE A 54 3.20 -11.26 -6.86
CA PHE A 54 3.14 -10.55 -8.14
C PHE A 54 3.98 -9.26 -8.08
N LEU A 55 3.89 -8.55 -6.96
CA LEU A 55 4.66 -7.32 -6.75
C LEU A 55 6.17 -7.60 -6.63
N ARG A 56 6.53 -8.86 -6.40
CA ARG A 56 7.93 -9.29 -6.37
C ARG A 56 8.50 -9.49 -7.78
N LYS A 57 7.76 -10.21 -8.62
CA LYS A 57 8.18 -10.48 -10.00
C LYS A 57 8.13 -9.22 -10.88
N THR A 58 7.28 -8.27 -10.52
CA THR A 58 7.12 -7.04 -11.31
C THR A 58 7.59 -5.79 -10.56
N ASP A 59 8.30 -4.91 -11.26
CA ASP A 59 8.67 -3.60 -10.72
C ASP A 59 7.57 -2.57 -10.99
N TRP A 60 7.09 -2.53 -12.24
CA TRP A 60 6.11 -1.52 -12.66
C TRP A 60 4.81 -1.59 -11.85
N ALA A 61 4.32 -2.80 -11.61
CA ALA A 61 3.09 -2.99 -10.83
C ALA A 61 3.27 -2.52 -9.38
N ARG A 62 4.35 -2.97 -8.75
CA ARG A 62 4.65 -2.57 -7.36
C ARG A 62 4.79 -1.04 -7.25
N GLU A 63 5.54 -0.44 -8.18
CA GLU A 63 5.73 1.01 -8.22
C GLU A 63 4.41 1.78 -8.06
N ARG A 64 3.46 1.48 -8.93
CA ARG A 64 2.16 2.15 -8.91
C ARG A 64 1.44 1.92 -7.57
N VAL A 65 1.53 0.70 -7.04
CA VAL A 65 0.93 0.35 -5.74
C VAL A 65 1.52 1.21 -4.60
N GLU A 66 2.85 1.28 -4.52
CA GLU A 66 3.52 2.06 -3.48
C GLU A 66 3.26 3.57 -3.65
N ASN A 67 3.23 4.04 -4.89
CA ASN A 67 2.90 5.44 -5.18
C ASN A 67 1.47 5.79 -4.75
N ILE A 68 0.55 4.84 -4.87
CA ILE A 68 -0.81 5.01 -4.34
C ILE A 68 -0.77 5.14 -2.81
N TYR A 69 0.08 4.36 -2.16
CA TYR A 69 0.27 4.46 -0.72
C TYR A 69 0.83 5.84 -0.32
N LEU A 70 1.74 6.37 -1.16
CA LEU A 70 2.28 7.71 -0.96
C LEU A 70 1.16 8.76 -1.04
N LYS A 71 0.21 8.54 -1.96
CA LYS A 71 -0.99 9.39 -2.07
C LYS A 71 -1.77 9.40 -0.74
N LEU A 72 -1.90 8.22 -0.13
CA LEU A 72 -2.52 8.10 1.20
C LEU A 72 -1.72 8.89 2.25
N GLN A 73 -0.38 8.80 2.17
CA GLN A 73 0.50 9.53 3.09
C GLN A 73 0.59 11.02 2.70
N ARG A 74 0.03 11.34 1.54
CA ARG A 74 -0.16 12.73 1.11
C ARG A 74 -1.49 13.26 1.67
N HIS A 75 -2.30 12.36 2.21
CA HIS A 75 -3.52 12.72 2.93
C HIS A 75 -3.25 12.78 4.44
N LYS A 76 -2.42 11.86 4.94
CA LYS A 76 -1.97 11.86 6.33
C LYS A 76 -0.46 12.17 6.40
N GLU A 77 -0.13 13.41 6.74
CA GLU A 77 1.25 13.91 6.70
C GLU A 77 2.20 13.11 7.60
N ARG A 78 3.00 12.22 7.00
CA ARG A 78 4.02 11.46 7.71
C ARG A 78 5.41 11.71 7.10
N ASN A 79 6.29 12.37 7.87
CA ASN A 79 7.61 12.77 7.37
C ASN A 79 8.49 13.36 8.49
N GLN A 80 9.66 13.87 8.12
CA GLN A 80 10.59 14.54 9.06
C GLN A 80 11.03 13.57 10.17
N LEU A 81 11.22 12.30 9.81
CA LEU A 81 11.62 11.24 10.75
C LEU A 81 10.61 11.11 11.91
N GLU A 82 9.62 10.24 11.73
CA GLU A 82 8.55 10.03 12.72
C GLU A 82 8.98 9.08 13.85
N MET A 1 19.53 24.58 -17.64
CA MET A 1 19.96 23.57 -16.63
C MET A 1 18.76 23.00 -15.88
N ALA A 2 18.29 21.81 -16.31
CA ALA A 2 17.11 21.18 -15.71
C ALA A 2 17.40 19.75 -15.25
N LEU A 3 17.20 19.50 -13.95
CA LEU A 3 17.39 18.17 -13.36
C LEU A 3 16.62 18.05 -12.04
N ILE A 4 15.89 16.95 -11.89
CA ILE A 4 15.03 16.74 -10.71
C ILE A 4 15.85 16.28 -9.49
N MET A 5 15.71 16.99 -8.37
CA MET A 5 16.38 16.62 -7.11
C MET A 5 15.34 16.15 -6.07
N THR A 6 15.20 14.84 -5.92
CA THR A 6 14.22 14.27 -4.98
C THR A 6 14.91 13.37 -3.94
N GLN A 7 15.10 13.90 -2.74
CA GLN A 7 15.68 13.14 -1.63
C GLN A 7 14.65 12.17 -1.02
N GLN A 8 14.62 10.94 -1.53
CA GLN A 8 13.67 9.92 -1.08
C GLN A 8 14.20 9.14 0.14
N ASN A 9 13.48 9.24 1.26
CA ASN A 9 13.87 8.54 2.49
C ASN A 9 12.69 8.27 3.43
N ASN A 10 12.80 7.21 4.24
CA ASN A 10 11.85 6.94 5.33
C ASN A 10 12.57 7.16 6.67
N PRO A 11 12.22 8.24 7.41
CA PRO A 11 12.98 8.64 8.61
C PRO A 11 12.97 7.60 9.74
N LEU A 12 11.80 7.33 10.32
CA LEU A 12 11.73 6.49 11.54
C LEU A 12 11.08 5.12 11.27
N HIS A 13 9.80 5.13 10.89
CA HIS A 13 9.01 3.88 10.79
C HIS A 13 9.35 3.10 9.49
N GLY A 14 10.07 1.98 9.64
CA GLY A 14 10.42 1.15 8.50
C GLY A 14 9.25 0.31 7.97
N ILE A 15 8.37 0.95 7.19
CA ILE A 15 7.21 0.29 6.61
C ILE A 15 7.59 -0.71 5.50
N THR A 16 7.09 -1.94 5.61
CA THR A 16 7.35 -2.99 4.61
C THR A 16 6.34 -2.95 3.46
N LEU A 17 6.66 -3.66 2.38
CA LEU A 17 5.74 -3.77 1.23
C LEU A 17 4.40 -4.38 1.66
N GLN A 18 4.47 -5.39 2.54
CA GLN A 18 3.26 -6.04 3.05
C GLN A 18 2.38 -5.07 3.86
N LYS A 19 3.01 -4.36 4.82
CA LYS A 19 2.31 -3.36 5.63
C LYS A 19 1.71 -2.25 4.74
N LEU A 20 2.49 -1.81 3.76
CA LEU A 20 2.04 -0.79 2.80
C LEU A 20 0.78 -1.25 2.04
N LEU A 21 0.86 -2.43 1.43
CA LEU A 21 -0.27 -3.01 0.70
C LEU A 21 -1.49 -3.21 1.61
N THR A 22 -1.24 -3.65 2.86
CA THR A 22 -2.31 -3.88 3.84
C THR A 22 -3.15 -2.61 4.05
N GLU A 23 -2.50 -1.50 4.37
CA GLU A 23 -3.20 -0.22 4.57
C GLU A 23 -4.05 0.16 3.36
N LEU A 24 -3.50 -0.07 2.16
CA LEU A 24 -4.21 0.23 0.92
C LEU A 24 -5.45 -0.67 0.73
N VAL A 25 -5.31 -1.95 1.05
CA VAL A 25 -6.43 -2.91 0.94
C VAL A 25 -7.53 -2.59 1.97
N GLU A 26 -7.13 -2.17 3.16
CA GLU A 26 -8.08 -1.81 4.22
C GLU A 26 -8.79 -0.49 3.93
N HIS A 27 -8.05 0.53 3.51
CA HIS A 27 -8.64 1.84 3.21
C HIS A 27 -9.38 1.82 1.87
N TYR A 28 -8.70 1.42 0.80
CA TYR A 28 -9.28 1.39 -0.54
C TYR A 28 -10.03 0.07 -0.80
N GLY A 29 -9.26 -1.01 -0.94
CA GLY A 29 -9.83 -2.31 -1.30
C GLY A 29 -9.32 -2.81 -2.66
N TRP A 30 -9.54 -4.09 -2.95
CA TRP A 30 -9.03 -4.72 -4.17
C TRP A 30 -9.62 -4.08 -5.44
N GLU A 31 -10.91 -3.76 -5.41
CA GLU A 31 -11.58 -3.12 -6.53
C GLU A 31 -11.00 -1.73 -6.82
N GLU A 32 -10.84 -0.93 -5.77
CA GLU A 32 -10.24 0.41 -5.89
C GLU A 32 -8.78 0.33 -6.39
N LEU A 33 -8.00 -0.59 -5.82
CA LEU A 33 -6.61 -0.80 -6.26
C LEU A 33 -6.54 -1.20 -7.73
N SER A 34 -7.38 -2.16 -8.13
CA SER A 34 -7.43 -2.63 -9.53
C SER A 34 -7.94 -1.55 -10.49
N TYR A 35 -8.66 -0.57 -9.95
CA TYR A 35 -9.11 0.58 -10.75
C TYR A 35 -7.95 1.53 -11.06
N MET A 36 -7.13 1.81 -10.05
CA MET A 36 -5.96 2.68 -10.21
C MET A 36 -4.78 1.96 -10.88
N VAL A 37 -4.72 0.64 -10.70
CA VAL A 37 -3.69 -0.20 -11.33
C VAL A 37 -4.34 -1.36 -12.12
N ASN A 38 -4.58 -1.12 -13.40
CA ASN A 38 -5.29 -2.10 -14.25
C ASN A 38 -4.36 -3.26 -14.65
N ILE A 39 -4.19 -4.24 -13.75
CA ILE A 39 -3.35 -5.41 -14.02
C ILE A 39 -4.03 -6.72 -13.60
N ASN A 40 -3.59 -7.84 -14.18
CA ASN A 40 -4.11 -9.16 -13.83
C ASN A 40 -3.59 -9.62 -12.45
N CYS A 41 -4.07 -8.98 -11.39
CA CYS A 41 -3.67 -9.36 -10.02
C CYS A 41 -4.85 -9.18 -9.03
N PHE A 42 -5.22 -7.92 -8.78
CA PHE A 42 -6.28 -7.60 -7.81
C PHE A 42 -7.69 -7.93 -8.34
N LYS A 43 -7.75 -8.64 -9.47
CA LYS A 43 -9.02 -8.97 -10.13
C LYS A 43 -9.24 -10.50 -10.19
N LYS A 44 -8.33 -11.19 -10.88
CA LYS A 44 -8.44 -12.64 -11.09
C LYS A 44 -8.28 -13.42 -9.77
N ASP A 45 -7.36 -12.98 -8.94
CA ASP A 45 -7.11 -13.63 -7.65
C ASP A 45 -6.73 -12.59 -6.57
N PRO A 46 -7.73 -11.87 -6.02
CA PRO A 46 -7.49 -10.81 -5.03
C PRO A 46 -7.13 -11.35 -3.63
N SER A 47 -5.86 -11.68 -3.43
CA SER A 47 -5.36 -12.18 -2.15
C SER A 47 -4.07 -11.47 -1.74
N ILE A 48 -3.89 -11.24 -0.44
CA ILE A 48 -2.65 -10.64 0.08
C ILE A 48 -1.44 -11.50 -0.28
N LYS A 49 -1.53 -12.79 0.03
CA LYS A 49 -0.45 -13.75 -0.25
C LYS A 49 -0.16 -13.83 -1.76
N SER A 50 -1.21 -14.01 -2.55
CA SER A 50 -1.09 -14.13 -4.02
C SER A 50 -0.53 -12.85 -4.65
N SER A 51 -1.03 -11.69 -4.23
CA SER A 51 -0.59 -10.40 -4.78
C SER A 51 0.89 -10.15 -4.49
N LEU A 52 1.32 -10.41 -3.25
CA LEU A 52 2.74 -10.29 -2.89
C LEU A 52 3.63 -11.10 -3.84
N LYS A 53 3.24 -12.35 -4.12
CA LYS A 53 3.94 -13.19 -5.11
C LYS A 53 4.04 -12.48 -6.47
N PHE A 54 2.92 -11.95 -6.94
CA PHE A 54 2.87 -11.23 -8.21
C PHE A 54 3.81 -10.00 -8.20
N LEU A 55 3.84 -9.29 -7.07
CA LEU A 55 4.71 -8.12 -6.90
C LEU A 55 6.20 -8.50 -7.00
N ARG A 56 6.53 -9.74 -6.65
CA ARG A 56 7.91 -10.24 -6.75
C ARG A 56 8.29 -10.45 -8.23
N LYS A 57 7.29 -10.81 -9.04
CA LYS A 57 7.50 -11.04 -10.48
C LYS A 57 7.25 -9.76 -11.30
N THR A 58 6.64 -8.76 -10.67
CA THR A 58 6.30 -7.51 -11.34
C THR A 58 6.68 -6.30 -10.47
N ASP A 59 7.87 -5.74 -10.71
CA ASP A 59 8.40 -4.68 -9.85
C ASP A 59 7.77 -3.30 -10.15
N TRP A 60 7.49 -3.01 -11.41
CA TRP A 60 6.84 -1.74 -11.78
C TRP A 60 5.45 -1.63 -11.13
N ALA A 61 4.85 -2.79 -10.81
CA ALA A 61 3.58 -2.81 -10.07
C ALA A 61 3.76 -2.21 -8.67
N ARG A 62 4.91 -2.51 -8.05
CA ARG A 62 5.25 -1.92 -6.73
C ARG A 62 5.27 -0.39 -6.83
N GLU A 63 5.95 0.12 -7.84
CA GLU A 63 6.02 1.56 -8.11
C GLU A 63 4.62 2.21 -8.08
N ARG A 64 3.66 1.51 -8.68
CA ARG A 64 2.27 1.99 -8.72
C ARG A 64 1.61 1.91 -7.33
N VAL A 65 1.72 0.75 -6.69
CA VAL A 65 1.12 0.52 -5.36
C VAL A 65 1.68 1.49 -4.30
N GLU A 66 3.00 1.63 -4.26
CA GLU A 66 3.67 2.53 -3.30
C GLU A 66 3.27 3.99 -3.55
N ASN A 67 3.14 4.38 -4.83
CA ASN A 67 2.69 5.73 -5.18
C ASN A 67 1.29 6.02 -4.60
N ILE A 68 0.40 5.03 -4.71
CA ILE A 68 -0.95 5.14 -4.13
C ILE A 68 -0.88 5.37 -2.61
N TYR A 69 0.05 4.69 -1.96
CA TYR A 69 0.26 4.85 -0.52
C TYR A 69 0.74 6.26 -0.17
N LEU A 70 1.74 6.75 -0.92
CA LEU A 70 2.24 8.12 -0.76
C LEU A 70 1.11 9.15 -0.94
N LYS A 71 0.29 8.93 -1.97
CA LYS A 71 -0.88 9.78 -2.22
C LYS A 71 -1.85 9.74 -1.03
N LEU A 72 -2.07 8.54 -0.48
CA LEU A 72 -2.95 8.37 0.68
C LEU A 72 -2.45 9.16 1.91
N GLN A 73 -1.15 9.16 2.14
CA GLN A 73 -0.57 9.83 3.31
C GLN A 73 -0.70 11.36 3.23
N ARG A 74 -0.44 11.91 2.05
CA ARG A 74 -0.63 13.36 1.82
C ARG A 74 -2.12 13.72 1.75
N HIS A 75 -2.94 12.75 1.37
CA HIS A 75 -4.40 12.93 1.27
C HIS A 75 -5.09 12.71 2.63
N LYS A 76 -4.37 12.13 3.58
CA LYS A 76 -4.91 11.79 4.90
C LYS A 76 -5.64 12.98 5.55
N GLU A 77 -6.94 12.81 5.82
CA GLU A 77 -7.77 13.88 6.39
C GLU A 77 -7.30 14.29 7.80
N ARG A 78 -7.30 13.33 8.72
CA ARG A 78 -6.96 13.60 10.13
C ARG A 78 -5.53 13.16 10.47
N ASN A 79 -4.80 14.01 11.18
CA ASN A 79 -3.44 13.71 11.60
C ASN A 79 -3.42 12.74 12.79
N GLN A 80 -2.42 11.86 12.83
CA GLN A 80 -2.29 10.89 13.92
C GLN A 80 -0.86 10.33 13.97
N LEU A 81 -0.45 9.82 15.14
CA LEU A 81 0.88 9.21 15.28
C LEU A 81 0.77 7.68 15.41
N GLU A 82 1.70 6.96 14.78
CA GLU A 82 1.66 5.49 14.71
C GLU A 82 2.32 4.82 15.95
N MET A 1 -6.49 25.10 9.72
CA MET A 1 -6.47 24.02 8.71
C MET A 1 -5.04 23.65 8.34
N ALA A 2 -4.77 22.35 8.26
CA ALA A 2 -3.40 21.86 8.10
C ALA A 2 -2.88 21.97 6.66
N LEU A 3 -2.04 22.98 6.42
CA LEU A 3 -1.28 23.06 5.16
C LEU A 3 0.09 22.38 5.34
N ILE A 4 0.19 21.13 4.91
CA ILE A 4 1.41 20.33 5.08
C ILE A 4 2.62 20.97 4.38
N MET A 5 3.35 21.82 5.10
CA MET A 5 4.56 22.46 4.58
C MET A 5 5.77 21.51 4.63
N THR A 6 5.80 20.64 5.64
CA THR A 6 6.92 19.72 5.84
C THR A 6 6.96 18.64 4.74
N GLN A 7 8.07 18.60 3.99
CA GLN A 7 8.26 17.59 2.95
C GLN A 7 8.40 16.18 3.56
N GLN A 8 7.66 15.20 3.03
CA GLN A 8 7.69 13.84 3.57
C GLN A 8 9.03 13.13 3.27
N ASN A 9 9.87 13.01 4.30
CA ASN A 9 11.14 12.28 4.18
C ASN A 9 10.89 10.76 4.21
N ASN A 10 10.37 10.27 5.32
CA ASN A 10 10.05 8.84 5.47
C ASN A 10 8.61 8.65 6.00
N PRO A 11 7.61 8.62 5.10
CA PRO A 11 6.20 8.40 5.48
C PRO A 11 5.94 6.94 5.94
N LEU A 12 6.36 5.98 5.12
CA LEU A 12 6.20 4.56 5.43
C LEU A 12 7.39 4.02 6.27
N HIS A 13 7.81 4.81 7.25
CA HIS A 13 8.94 4.46 8.12
C HIS A 13 8.67 3.16 8.91
N GLY A 14 9.34 2.08 8.51
CA GLY A 14 9.14 0.78 9.16
C GLY A 14 8.04 -0.05 8.49
N ILE A 15 7.37 0.54 7.51
CA ILE A 15 6.26 -0.13 6.82
C ILE A 15 6.72 -0.75 5.50
N THR A 16 6.74 -2.08 5.45
CA THR A 16 7.14 -2.81 4.23
C THR A 16 5.95 -3.04 3.29
N LEU A 17 6.23 -3.51 2.07
CA LEU A 17 5.18 -3.72 1.06
C LEU A 17 3.99 -4.54 1.60
N GLN A 18 4.27 -5.56 2.40
CA GLN A 18 3.22 -6.37 3.04
C GLN A 18 2.23 -5.48 3.82
N LYS A 19 2.75 -4.74 4.80
CA LYS A 19 1.93 -3.83 5.63
C LYS A 19 1.27 -2.75 4.77
N LEU A 20 2.06 -2.17 3.86
CA LEU A 20 1.61 -1.10 2.97
C LEU A 20 0.39 -1.55 2.13
N LEU A 21 0.53 -2.65 1.41
CA LEU A 21 -0.57 -3.20 0.60
C LEU A 21 -1.80 -3.50 1.48
N THR A 22 -1.56 -4.05 2.67
CA THR A 22 -2.64 -4.36 3.61
C THR A 22 -3.50 -3.12 3.92
N GLU A 23 -2.85 -2.03 4.33
CA GLU A 23 -3.55 -0.78 4.64
C GLU A 23 -4.32 -0.23 3.42
N LEU A 24 -3.74 -0.40 2.23
CA LEU A 24 -4.41 0.01 0.98
C LEU A 24 -5.69 -0.80 0.76
N VAL A 25 -5.63 -2.10 1.06
CA VAL A 25 -6.81 -2.96 0.95
C VAL A 25 -7.86 -2.61 2.01
N GLU A 26 -7.41 -2.29 3.22
CA GLU A 26 -8.30 -1.92 4.33
C GLU A 26 -8.99 -0.57 4.07
N HIS A 27 -8.28 0.35 3.40
CA HIS A 27 -8.81 1.69 3.11
C HIS A 27 -9.47 1.76 1.71
N TYR A 28 -8.67 1.52 0.67
CA TYR A 28 -9.17 1.58 -0.72
C TYR A 28 -9.97 0.33 -1.09
N GLY A 29 -9.39 -0.84 -0.84
CA GLY A 29 -10.02 -2.10 -1.22
C GLY A 29 -9.47 -2.65 -2.54
N TRP A 30 -9.60 -3.97 -2.74
CA TRP A 30 -9.04 -4.62 -3.94
C TRP A 30 -9.58 -4.01 -5.25
N GLU A 31 -10.89 -3.76 -5.31
CA GLU A 31 -11.52 -3.22 -6.53
C GLU A 31 -10.95 -1.86 -6.91
N GLU A 32 -10.82 -0.97 -5.93
CA GLU A 32 -10.31 0.38 -6.19
C GLU A 32 -8.83 0.34 -6.60
N LEU A 33 -8.02 -0.44 -5.88
CA LEU A 33 -6.62 -0.69 -6.28
C LEU A 33 -6.56 -1.24 -7.71
N SER A 34 -7.49 -2.14 -8.01
CA SER A 34 -7.64 -2.74 -9.35
C SER A 34 -8.11 -1.71 -10.38
N TYR A 35 -8.84 -0.69 -9.90
CA TYR A 35 -9.40 0.34 -10.80
C TYR A 35 -8.30 1.23 -11.38
N MET A 36 -7.34 1.64 -10.55
CA MET A 36 -6.21 2.45 -11.03
C MET A 36 -5.13 1.57 -11.69
N VAL A 37 -4.65 0.55 -10.98
CA VAL A 37 -3.58 -0.32 -11.49
C VAL A 37 -4.17 -1.49 -12.30
N ASN A 38 -4.19 -1.36 -13.63
CA ASN A 38 -4.75 -2.40 -14.50
C ASN A 38 -3.85 -3.65 -14.58
N ILE A 39 -3.99 -4.51 -13.58
CA ILE A 39 -3.33 -5.83 -13.57
C ILE A 39 -4.27 -6.89 -12.99
N ASN A 40 -4.11 -8.14 -13.42
CA ASN A 40 -4.99 -9.23 -12.99
C ASN A 40 -4.79 -9.56 -11.50
N CYS A 41 -3.65 -9.13 -10.95
CA CYS A 41 -3.29 -9.41 -9.54
C CYS A 41 -4.39 -8.99 -8.54
N PHE A 42 -5.01 -7.82 -8.77
CA PHE A 42 -6.06 -7.32 -7.87
C PHE A 42 -7.47 -7.74 -8.34
N LYS A 43 -7.52 -8.63 -9.33
CA LYS A 43 -8.79 -9.08 -9.92
C LYS A 43 -9.02 -10.58 -9.67
N LYS A 44 -8.07 -11.39 -10.14
CA LYS A 44 -8.17 -12.86 -10.04
C LYS A 44 -7.51 -13.37 -8.75
N ASP A 45 -8.33 -13.90 -7.84
CA ASP A 45 -7.87 -14.37 -6.51
C ASP A 45 -7.26 -13.22 -5.68
N PRO A 46 -8.11 -12.32 -5.15
CA PRO A 46 -7.66 -11.20 -4.29
C PRO A 46 -7.09 -11.69 -2.95
N SER A 47 -5.77 -11.75 -2.85
CA SER A 47 -5.09 -12.18 -1.61
C SER A 47 -3.76 -11.46 -1.43
N ILE A 48 -3.45 -11.08 -0.19
CA ILE A 48 -2.20 -10.37 0.12
C ILE A 48 -0.97 -11.19 -0.30
N LYS A 49 -0.85 -12.39 0.23
CA LYS A 49 0.31 -13.27 -0.03
C LYS A 49 0.47 -13.57 -1.54
N SER A 50 -0.64 -13.87 -2.22
CA SER A 50 -0.62 -14.14 -3.66
C SER A 50 -0.23 -12.89 -4.46
N SER A 51 -0.81 -11.75 -4.10
CA SER A 51 -0.51 -10.47 -4.75
C SER A 51 0.98 -10.14 -4.65
N LEU A 52 1.52 -10.24 -3.43
CA LEU A 52 2.96 -10.00 -3.19
C LEU A 52 3.84 -10.83 -4.14
N LYS A 53 3.50 -12.11 -4.29
CA LYS A 53 4.23 -13.00 -5.19
C LYS A 53 4.34 -12.42 -6.61
N PHE A 54 3.22 -11.91 -7.12
CA PHE A 54 3.19 -11.28 -8.44
C PHE A 54 3.96 -9.95 -8.47
N LEU A 55 3.86 -9.18 -7.37
CA LEU A 55 4.57 -7.91 -7.26
C LEU A 55 6.09 -8.11 -7.21
N ARG A 56 6.52 -9.25 -6.67
CA ARG A 56 7.96 -9.58 -6.57
C ARG A 56 8.60 -9.77 -7.95
N LYS A 57 7.83 -10.29 -8.90
CA LYS A 57 8.33 -10.44 -10.28
C LYS A 57 7.95 -9.23 -11.16
N THR A 58 6.89 -8.53 -10.78
CA THR A 58 6.42 -7.36 -11.52
C THR A 58 6.73 -6.07 -10.76
N ASP A 59 7.91 -5.50 -11.02
CA ASP A 59 8.41 -4.34 -10.26
C ASP A 59 7.50 -3.11 -10.40
N TRP A 60 7.22 -2.71 -11.64
CA TRP A 60 6.40 -1.51 -11.90
C TRP A 60 5.05 -1.58 -11.16
N ALA A 61 4.51 -2.79 -11.02
CA ALA A 61 3.24 -3.00 -10.30
C ALA A 61 3.35 -2.52 -8.85
N ARG A 62 4.43 -2.94 -8.17
CA ARG A 62 4.66 -2.48 -6.79
C ARG A 62 4.81 -0.96 -6.74
N GLU A 63 5.62 -0.40 -7.64
CA GLU A 63 5.87 1.04 -7.69
C GLU A 63 4.55 1.84 -7.79
N ARG A 64 3.53 1.23 -8.37
CA ARG A 64 2.18 1.83 -8.39
C ARG A 64 1.51 1.71 -7.01
N VAL A 65 1.64 0.53 -6.40
CA VAL A 65 1.12 0.29 -5.04
C VAL A 65 1.72 1.28 -4.02
N GLU A 66 3.06 1.39 -4.04
CA GLU A 66 3.77 2.37 -3.22
C GLU A 66 3.20 3.79 -3.43
N ASN A 67 3.06 4.17 -4.70
CA ASN A 67 2.51 5.48 -5.08
C ASN A 67 1.13 5.73 -4.45
N ILE A 68 0.26 4.72 -4.49
CA ILE A 68 -1.09 4.84 -3.92
C ILE A 68 -1.05 5.14 -2.42
N TYR A 69 -0.09 4.55 -1.71
CA TYR A 69 0.08 4.80 -0.28
C TYR A 69 0.68 6.20 -0.04
N LEU A 70 1.67 6.57 -0.84
CA LEU A 70 2.30 7.90 -0.74
C LEU A 70 1.28 9.02 -1.03
N LYS A 71 0.43 8.82 -2.03
CA LYS A 71 -0.63 9.77 -2.37
C LYS A 71 -1.56 10.00 -1.17
N LEU A 72 -1.79 8.94 -0.40
CA LEU A 72 -2.61 9.04 0.82
C LEU A 72 -1.89 9.86 1.90
N GLN A 73 -0.56 9.72 1.98
CA GLN A 73 0.21 10.41 3.02
C GLN A 73 0.30 11.92 2.78
N ARG A 74 0.35 12.33 1.51
CA ARG A 74 0.30 13.77 1.20
C ARG A 74 -1.12 14.33 1.42
N HIS A 75 -2.08 13.42 1.55
CA HIS A 75 -3.47 13.79 1.86
C HIS A 75 -3.69 13.85 3.38
N LYS A 76 -2.79 13.22 4.15
CA LYS A 76 -2.80 13.31 5.62
C LYS A 76 -2.69 14.77 6.10
N GLU A 77 -3.82 15.48 6.20
CA GLU A 77 -3.84 16.81 6.79
C GLU A 77 -3.71 16.73 8.32
N ARG A 78 -2.48 16.49 8.78
CA ARG A 78 -2.20 16.35 10.21
C ARG A 78 -2.05 17.70 10.91
N ASN A 79 -2.54 17.76 12.14
CA ASN A 79 -2.51 18.98 12.96
C ASN A 79 -1.08 19.43 13.29
N GLN A 80 -0.96 20.57 13.96
CA GLN A 80 0.35 21.09 14.37
C GLN A 80 0.45 21.21 15.90
N LEU A 81 1.56 21.75 16.39
CA LEU A 81 1.81 21.86 17.83
C LEU A 81 1.05 23.05 18.47
N GLU A 82 1.07 23.12 19.80
CA GLU A 82 0.46 24.23 20.54
C GLU A 82 1.45 25.41 20.71
N MET A 1 -9.59 7.38 24.69
CA MET A 1 -10.85 6.78 25.20
C MET A 1 -10.65 5.33 25.66
N ALA A 2 -11.07 5.04 26.89
CA ALA A 2 -11.12 3.66 27.42
C ALA A 2 -9.73 3.05 27.69
N LEU A 3 -8.97 2.75 26.64
CA LEU A 3 -7.70 2.00 26.75
C LEU A 3 -6.51 2.86 27.22
N ILE A 4 -6.78 4.07 27.72
CA ILE A 4 -5.73 4.96 28.24
C ILE A 4 -4.65 5.26 27.16
N MET A 5 -5.11 5.68 25.98
CA MET A 5 -4.21 5.99 24.87
C MET A 5 -3.43 7.29 25.13
N THR A 6 -2.26 7.16 25.75
CA THR A 6 -1.43 8.32 26.09
C THR A 6 -0.30 8.56 25.06
N GLN A 7 0.54 7.55 24.85
CA GLN A 7 1.69 7.67 23.93
C GLN A 7 1.25 7.60 22.46
N GLN A 8 1.79 8.51 21.64
CA GLN A 8 1.52 8.52 20.19
C GLN A 8 2.74 8.02 19.40
N ASN A 9 2.61 6.85 18.77
CA ASN A 9 3.70 6.28 17.96
C ASN A 9 3.66 6.79 16.51
N ASN A 10 4.78 6.63 15.80
CA ASN A 10 4.85 6.97 14.37
C ASN A 10 4.70 5.71 13.51
N PRO A 11 3.54 5.54 12.83
CA PRO A 11 3.26 4.33 12.03
C PRO A 11 4.34 4.04 10.97
N LEU A 12 4.94 5.10 10.42
CA LEU A 12 5.97 4.97 9.37
C LEU A 12 7.32 4.47 9.94
N HIS A 13 7.29 3.90 11.14
CA HIS A 13 8.50 3.36 11.79
C HIS A 13 9.06 2.14 11.04
N GLY A 14 8.20 1.20 10.70
CA GLY A 14 8.65 -0.01 10.02
C GLY A 14 7.59 -0.64 9.11
N ILE A 15 6.96 0.17 8.25
CA ILE A 15 5.96 -0.33 7.30
C ILE A 15 6.62 -0.83 6.00
N THR A 16 6.46 -2.12 5.73
CA THR A 16 6.99 -2.73 4.49
C THR A 16 5.92 -2.80 3.40
N LEU A 17 6.26 -3.37 2.25
CA LEU A 17 5.29 -3.55 1.16
C LEU A 17 4.06 -4.35 1.63
N GLN A 18 4.27 -5.24 2.61
CA GLN A 18 3.20 -6.05 3.18
C GLN A 18 2.11 -5.18 3.83
N LYS A 19 2.51 -4.41 4.85
CA LYS A 19 1.57 -3.54 5.57
C LYS A 19 1.14 -2.37 4.68
N LEU A 20 2.02 -1.92 3.80
CA LEU A 20 1.71 -0.87 2.82
C LEU A 20 0.48 -1.27 1.98
N LEU A 21 0.54 -2.47 1.39
CA LEU A 21 -0.58 -3.02 0.62
C LEU A 21 -1.83 -3.18 1.51
N THR A 22 -1.62 -3.64 2.75
CA THR A 22 -2.71 -3.83 3.71
C THR A 22 -3.51 -2.53 3.92
N GLU A 23 -2.80 -1.44 4.21
CA GLU A 23 -3.43 -0.13 4.38
C GLU A 23 -4.28 0.26 3.16
N LEU A 24 -3.72 0.05 1.97
CA LEU A 24 -4.44 0.35 0.72
C LEU A 24 -5.70 -0.50 0.57
N VAL A 25 -5.58 -1.80 0.87
CA VAL A 25 -6.72 -2.72 0.81
C VAL A 25 -7.85 -2.32 1.76
N GLU A 26 -7.49 -1.99 3.00
CA GLU A 26 -8.47 -1.64 4.03
C GLU A 26 -9.09 -0.24 3.79
N HIS A 27 -8.27 0.70 3.33
CA HIS A 27 -8.74 2.08 3.07
C HIS A 27 -9.57 2.16 1.78
N TYR A 28 -9.07 1.56 0.70
CA TYR A 28 -9.75 1.60 -0.61
C TYR A 28 -10.54 0.31 -0.87
N GLY A 29 -9.82 -0.77 -1.12
CA GLY A 29 -10.45 -2.05 -1.47
C GLY A 29 -9.81 -2.69 -2.70
N TRP A 30 -9.94 -4.02 -2.83
CA TRP A 30 -9.29 -4.75 -3.93
C TRP A 30 -9.74 -4.23 -5.30
N GLU A 31 -11.05 -4.12 -5.51
CA GLU A 31 -11.61 -3.65 -6.79
C GLU A 31 -11.20 -2.20 -7.10
N GLU A 32 -10.77 -1.47 -6.08
CA GLU A 32 -10.24 -0.10 -6.28
C GLU A 32 -8.76 -0.16 -6.64
N LEU A 33 -8.02 -1.06 -6.00
CA LEU A 33 -6.60 -1.26 -6.29
C LEU A 33 -6.42 -1.83 -7.71
N SER A 34 -7.36 -2.67 -8.14
CA SER A 34 -7.35 -3.24 -9.50
C SER A 34 -7.81 -2.23 -10.55
N TYR A 35 -8.39 -1.12 -10.09
CA TYR A 35 -8.80 -0.02 -10.97
C TYR A 35 -7.68 1.02 -11.11
N MET A 36 -7.02 1.32 -10.01
CA MET A 36 -5.87 2.23 -10.02
C MET A 36 -4.63 1.56 -10.63
N VAL A 37 -4.43 0.28 -10.30
CA VAL A 37 -3.41 -0.54 -10.95
C VAL A 37 -4.09 -1.67 -11.76
N ASN A 38 -4.27 -1.43 -13.06
CA ASN A 38 -5.10 -2.29 -13.91
C ASN A 38 -4.42 -3.64 -14.21
N ILE A 39 -4.49 -4.56 -13.25
CA ILE A 39 -3.97 -5.92 -13.43
C ILE A 39 -4.80 -6.95 -12.62
N ASN A 40 -4.67 -8.21 -13.00
CA ASN A 40 -5.39 -9.32 -12.32
C ASN A 40 -4.94 -9.49 -10.87
N CYS A 41 -3.75 -8.97 -10.53
CA CYS A 41 -3.14 -9.15 -9.20
C CYS A 41 -4.05 -8.73 -8.03
N PHE A 42 -4.99 -7.82 -8.27
CA PHE A 42 -5.93 -7.36 -7.23
C PHE A 42 -7.39 -7.63 -7.63
N LYS A 43 -7.58 -8.40 -8.69
CA LYS A 43 -8.91 -8.66 -9.24
C LYS A 43 -9.30 -10.14 -9.05
N LYS A 44 -8.35 -11.03 -9.30
CA LYS A 44 -8.52 -12.46 -9.02
C LYS A 44 -7.36 -12.97 -8.16
N ASP A 45 -7.66 -13.90 -7.24
CA ASP A 45 -6.71 -14.29 -6.19
C ASP A 45 -6.41 -13.11 -5.24
N PRO A 46 -7.45 -12.54 -4.59
CA PRO A 46 -7.29 -11.35 -3.72
C PRO A 46 -6.69 -11.69 -2.32
N SER A 47 -5.68 -12.55 -2.31
CA SER A 47 -4.98 -12.92 -1.06
C SER A 47 -3.62 -12.23 -0.98
N ILE A 48 -3.25 -11.77 0.22
CA ILE A 48 -1.96 -11.07 0.43
C ILE A 48 -0.78 -11.85 -0.19
N LYS A 49 -0.75 -13.16 0.05
CA LYS A 49 0.27 -14.05 -0.52
C LYS A 49 0.30 -13.95 -2.06
N SER A 50 -0.89 -13.97 -2.67
CA SER A 50 -1.02 -13.95 -4.14
C SER A 50 -0.61 -12.59 -4.72
N SER A 51 -1.07 -11.51 -4.09
CA SER A 51 -0.76 -10.14 -4.55
C SER A 51 0.76 -9.86 -4.45
N LEU A 52 1.32 -10.08 -3.27
CA LEU A 52 2.76 -9.89 -3.05
C LEU A 52 3.59 -10.74 -4.04
N LYS A 53 3.10 -11.94 -4.33
CA LYS A 53 3.76 -12.86 -5.27
C LYS A 53 3.97 -12.20 -6.64
N PHE A 54 2.95 -11.49 -7.12
CA PHE A 54 3.04 -10.79 -8.40
C PHE A 54 3.88 -9.50 -8.28
N LEU A 55 3.68 -8.77 -7.17
CA LEU A 55 4.41 -7.51 -6.93
C LEU A 55 5.94 -7.74 -6.88
N ARG A 56 6.37 -8.83 -6.27
CA ARG A 56 7.81 -9.14 -6.18
C ARG A 56 8.32 -9.82 -7.46
N LYS A 57 7.44 -9.98 -8.46
CA LYS A 57 7.80 -10.56 -9.75
C LYS A 57 7.69 -9.52 -10.89
N THR A 58 6.94 -8.44 -10.65
CA THR A 58 6.75 -7.36 -11.63
C THR A 58 7.29 -6.02 -11.11
N ASP A 59 7.87 -5.20 -12.00
CA ASP A 59 8.45 -3.91 -11.61
C ASP A 59 7.39 -2.81 -11.45
N TRP A 60 6.89 -2.28 -12.58
CA TRP A 60 6.00 -1.11 -12.58
C TRP A 60 4.85 -1.24 -11.55
N ALA A 61 4.24 -2.42 -11.48
CA ALA A 61 3.14 -2.67 -10.55
C ALA A 61 3.54 -2.36 -9.10
N ARG A 62 4.77 -2.73 -8.75
CA ARG A 62 5.30 -2.51 -7.39
C ARG A 62 5.36 -1.01 -7.06
N GLU A 63 6.03 -0.24 -7.92
CA GLU A 63 6.12 1.22 -7.73
C GLU A 63 4.74 1.87 -7.73
N ARG A 64 3.83 1.36 -8.57
CA ARG A 64 2.46 1.89 -8.62
C ARG A 64 1.75 1.75 -7.25
N VAL A 65 1.86 0.56 -6.66
CA VAL A 65 1.24 0.29 -5.35
C VAL A 65 1.74 1.26 -4.26
N GLU A 66 3.06 1.29 -4.06
CA GLU A 66 3.66 2.18 -3.06
C GLU A 66 3.43 3.67 -3.39
N ASN A 67 3.37 3.98 -4.69
CA ASN A 67 3.05 5.34 -5.15
C ASN A 67 1.66 5.78 -4.65
N ILE A 68 0.69 4.86 -4.73
CA ILE A 68 -0.66 5.11 -4.20
C ILE A 68 -0.62 5.35 -2.69
N TYR A 69 0.24 4.64 -1.98
CA TYR A 69 0.42 4.83 -0.54
C TYR A 69 1.00 6.23 -0.24
N LEU A 70 1.96 6.67 -1.04
CA LEU A 70 2.50 8.03 -0.93
C LEU A 70 1.39 9.07 -1.17
N LYS A 71 0.55 8.78 -2.15
CA LYS A 71 -0.63 9.60 -2.48
C LYS A 71 -1.58 9.69 -1.26
N LEU A 72 -1.68 8.60 -0.51
CA LEU A 72 -2.51 8.57 0.69
C LEU A 72 -1.84 9.31 1.86
N GLN A 73 -0.53 9.09 2.04
CA GLN A 73 0.21 9.69 3.16
C GLN A 73 0.22 11.23 3.12
N ARG A 74 0.36 11.80 1.92
CA ARG A 74 0.31 13.27 1.78
C ARG A 74 -1.06 13.83 2.21
N HIS A 75 -2.10 12.98 2.18
CA HIS A 75 -3.44 13.38 2.57
C HIS A 75 -3.88 12.68 3.87
N LYS A 76 -2.98 11.90 4.46
CA LYS A 76 -3.28 11.15 5.68
C LYS A 76 -3.34 12.07 6.91
N GLU A 77 -4.55 12.51 7.26
CA GLU A 77 -4.76 13.33 8.46
C GLU A 77 -5.00 12.46 9.70
N ARG A 78 -5.92 11.50 9.55
CA ARG A 78 -6.38 10.70 10.68
C ARG A 78 -5.43 9.52 10.97
N ASN A 79 -5.59 8.93 12.15
CA ASN A 79 -4.69 7.88 12.65
C ASN A 79 -4.63 6.63 11.73
N GLN A 80 -3.69 5.74 12.03
CA GLN A 80 -3.59 4.44 11.35
C GLN A 80 -2.80 3.46 12.23
N LEU A 81 -2.96 2.17 12.01
CA LEU A 81 -2.33 1.15 12.85
C LEU A 81 -0.94 0.75 12.32
N GLU A 82 0.07 0.86 13.20
CA GLU A 82 1.47 0.48 12.86
C GLU A 82 1.59 -1.02 12.47
N MET A 1 20.68 5.99 -10.57
CA MET A 1 21.77 6.76 -11.25
C MET A 1 23.14 6.56 -10.57
N ALA A 2 23.16 6.50 -9.24
CA ALA A 2 24.41 6.35 -8.48
C ALA A 2 24.56 4.95 -7.89
N LEU A 3 25.75 4.64 -7.38
CA LEU A 3 25.99 3.34 -6.72
C LEU A 3 25.26 3.29 -5.37
N ILE A 4 23.97 2.95 -5.40
CA ILE A 4 23.14 2.88 -4.20
C ILE A 4 23.33 1.56 -3.44
N MET A 5 24.09 1.61 -2.34
CA MET A 5 24.33 0.42 -1.53
C MET A 5 23.10 0.08 -0.67
N THR A 6 22.20 -0.73 -1.23
CA THR A 6 21.04 -1.30 -0.51
C THR A 6 19.96 -0.25 -0.14
N GLN A 7 20.33 0.73 0.69
CA GLN A 7 19.39 1.72 1.29
C GLN A 7 18.17 2.08 0.41
N GLN A 8 18.38 2.30 -0.89
CA GLN A 8 17.27 2.66 -1.79
C GLN A 8 16.33 1.46 -1.99
N ASN A 9 15.38 1.29 -1.06
CA ASN A 9 14.41 0.19 -1.11
C ASN A 9 12.98 0.72 -1.24
N ASN A 10 12.49 1.35 -0.16
CA ASN A 10 11.14 1.93 -0.12
C ASN A 10 11.20 3.40 0.32
N PRO A 11 10.43 4.31 -0.34
CA PRO A 11 10.42 5.75 -0.01
C PRO A 11 10.16 6.04 1.49
N LEU A 12 9.36 5.19 2.15
CA LEU A 12 9.06 5.36 3.58
C LEU A 12 10.03 4.53 4.45
N HIS A 13 10.21 3.25 4.08
CA HIS A 13 11.11 2.33 4.77
C HIS A 13 10.61 1.98 6.18
N GLY A 14 10.75 0.71 6.56
CA GLY A 14 10.19 0.23 7.84
C GLY A 14 8.95 -0.61 7.63
N ILE A 15 7.86 0.02 7.19
CA ILE A 15 6.67 -0.71 6.77
C ILE A 15 6.94 -1.47 5.46
N THR A 16 6.88 -2.80 5.53
CA THR A 16 7.16 -3.65 4.36
C THR A 16 6.03 -3.59 3.34
N LEU A 17 6.34 -3.99 2.10
CA LEU A 17 5.33 -4.02 1.02
C LEU A 17 4.06 -4.79 1.45
N GLN A 18 4.22 -5.74 2.38
CA GLN A 18 3.09 -6.51 2.92
C GLN A 18 2.09 -5.60 3.64
N LYS A 19 2.57 -4.88 4.66
CA LYS A 19 1.71 -3.96 5.42
C LYS A 19 1.33 -2.73 4.59
N LEU A 20 2.23 -2.33 3.69
CA LEU A 20 1.95 -1.21 2.77
C LEU A 20 0.71 -1.54 1.91
N LEU A 21 0.71 -2.70 1.27
CA LEU A 21 -0.45 -3.17 0.50
C LEU A 21 -1.70 -3.28 1.41
N THR A 22 -1.49 -3.81 2.62
CA THR A 22 -2.58 -3.94 3.61
C THR A 22 -3.24 -2.58 3.90
N GLU A 23 -2.42 -1.57 4.19
CA GLU A 23 -2.91 -0.19 4.43
C GLU A 23 -3.84 0.28 3.30
N LEU A 24 -3.41 0.02 2.06
CA LEU A 24 -4.20 0.38 0.88
C LEU A 24 -5.53 -0.36 0.85
N VAL A 25 -5.50 -1.66 1.14
CA VAL A 25 -6.73 -2.46 1.17
C VAL A 25 -7.66 -2.01 2.31
N GLU A 26 -7.07 -1.62 3.44
CA GLU A 26 -7.84 -1.15 4.60
C GLU A 26 -8.60 0.16 4.30
N HIS A 27 -7.91 1.13 3.71
CA HIS A 27 -8.53 2.44 3.43
C HIS A 27 -9.20 2.48 2.05
N TYR A 28 -8.52 2.01 1.01
CA TYR A 28 -9.08 2.02 -0.34
C TYR A 28 -9.96 0.79 -0.59
N GLY A 29 -9.33 -0.38 -0.69
CA GLY A 29 -10.05 -1.62 -1.00
C GLY A 29 -9.53 -2.31 -2.27
N TRP A 30 -9.98 -3.54 -2.51
CA TRP A 30 -9.49 -4.34 -3.63
C TRP A 30 -9.91 -3.77 -5.00
N GLU A 31 -11.17 -3.38 -5.15
CA GLU A 31 -11.66 -2.82 -6.43
C GLU A 31 -11.00 -1.47 -6.73
N GLU A 32 -10.74 -0.67 -5.68
CA GLU A 32 -9.97 0.57 -5.81
C GLU A 32 -8.58 0.29 -6.39
N LEU A 33 -7.91 -0.72 -5.85
CA LEU A 33 -6.58 -1.11 -6.32
C LEU A 33 -6.62 -1.63 -7.76
N SER A 34 -7.69 -2.35 -8.11
CA SER A 34 -7.89 -2.82 -9.49
C SER A 34 -8.17 -1.66 -10.45
N TYR A 35 -8.84 -0.63 -9.95
CA TYR A 35 -9.12 0.59 -10.72
C TYR A 35 -7.83 1.39 -11.00
N MET A 36 -7.01 1.56 -9.98
CA MET A 36 -5.74 2.30 -10.12
C MET A 36 -4.66 1.47 -10.82
N VAL A 37 -4.44 0.24 -10.35
CA VAL A 37 -3.48 -0.69 -10.98
C VAL A 37 -4.22 -1.85 -11.67
N ASN A 38 -4.40 -1.73 -12.98
CA ASN A 38 -5.13 -2.75 -13.75
C ASN A 38 -4.28 -4.02 -13.96
N ILE A 39 -4.25 -4.87 -12.93
CA ILE A 39 -3.56 -6.17 -13.03
C ILE A 39 -4.48 -7.31 -12.54
N ASN A 40 -4.21 -8.53 -13.02
CA ASN A 40 -5.05 -9.70 -12.71
C ASN A 40 -5.09 -10.02 -11.20
N CYS A 41 -4.05 -9.58 -10.47
CA CYS A 41 -3.94 -9.85 -9.02
C CYS A 41 -5.24 -9.55 -8.25
N PHE A 42 -5.84 -8.39 -8.52
CA PHE A 42 -7.05 -7.97 -7.79
C PHE A 42 -8.33 -8.39 -8.53
N LYS A 43 -8.17 -9.07 -9.67
CA LYS A 43 -9.30 -9.47 -10.52
C LYS A 43 -9.62 -10.97 -10.39
N LYS A 44 -8.61 -11.77 -10.05
CA LYS A 44 -8.79 -13.21 -9.86
C LYS A 44 -8.01 -13.71 -8.64
N ASP A 45 -8.74 -14.11 -7.60
CA ASP A 45 -8.15 -14.54 -6.32
C ASP A 45 -7.37 -13.38 -5.66
N PRO A 46 -8.10 -12.42 -5.05
CA PRO A 46 -7.48 -11.24 -4.42
C PRO A 46 -7.11 -11.46 -2.94
N SER A 47 -5.80 -11.53 -2.67
CA SER A 47 -5.31 -11.68 -1.29
C SER A 47 -3.92 -11.05 -1.14
N ILE A 48 -3.57 -10.67 0.08
CA ILE A 48 -2.30 -9.96 0.33
C ILE A 48 -1.09 -10.70 -0.29
N LYS A 49 -0.79 -11.89 0.21
CA LYS A 49 0.34 -12.68 -0.29
C LYS A 49 0.13 -13.11 -1.76
N SER A 50 -1.13 -13.31 -2.14
CA SER A 50 -1.48 -13.69 -3.52
C SER A 50 -1.17 -12.55 -4.51
N SER A 51 -1.13 -11.32 -4.00
CA SER A 51 -0.73 -10.17 -4.82
C SER A 51 0.77 -9.90 -4.71
N LEU A 52 1.31 -10.01 -3.49
CA LEU A 52 2.74 -9.78 -3.24
C LEU A 52 3.63 -10.64 -4.14
N LYS A 53 3.21 -11.89 -4.36
CA LYS A 53 3.96 -12.83 -5.21
C LYS A 53 4.22 -12.24 -6.61
N PHE A 54 3.29 -11.43 -7.09
CA PHE A 54 3.42 -10.78 -8.40
C PHE A 54 4.22 -9.46 -8.28
N LEU A 55 3.92 -8.68 -7.25
CA LEU A 55 4.56 -7.38 -7.03
C LEU A 55 6.09 -7.51 -6.89
N ARG A 56 6.56 -8.53 -6.18
CA ARG A 56 7.99 -8.77 -6.00
C ARG A 56 8.70 -9.09 -7.33
N LYS A 57 7.97 -9.68 -8.27
CA LYS A 57 8.54 -10.07 -9.56
C LYS A 57 8.43 -8.94 -10.59
N THR A 58 7.30 -8.24 -10.58
CA THR A 58 7.04 -7.15 -11.52
C THR A 58 7.21 -5.79 -10.84
N ASP A 59 8.34 -5.14 -11.11
CA ASP A 59 8.73 -3.91 -10.43
C ASP A 59 7.77 -2.74 -10.72
N TRP A 60 7.37 -2.55 -11.98
CA TRP A 60 6.48 -1.44 -12.34
C TRP A 60 5.12 -1.56 -11.64
N ALA A 61 4.71 -2.79 -11.34
CA ALA A 61 3.47 -3.03 -10.59
C ALA A 61 3.67 -2.68 -9.11
N ARG A 62 4.82 -3.09 -8.56
CA ARG A 62 5.17 -2.77 -7.17
C ARG A 62 5.16 -1.25 -6.92
N GLU A 63 5.98 -0.52 -7.67
CA GLU A 63 6.14 0.92 -7.43
C GLU A 63 4.84 1.71 -7.68
N ARG A 64 3.92 1.14 -8.48
CA ARG A 64 2.56 1.68 -8.58
C ARG A 64 1.84 1.58 -7.23
N VAL A 65 1.89 0.40 -6.62
CA VAL A 65 1.28 0.16 -5.31
C VAL A 65 1.88 1.09 -4.23
N GLU A 66 3.20 1.12 -4.15
CA GLU A 66 3.90 2.00 -3.20
C GLU A 66 3.57 3.48 -3.46
N ASN A 67 3.43 3.83 -4.75
CA ASN A 67 3.03 5.19 -5.14
C ASN A 67 1.63 5.52 -4.62
N ILE A 68 0.72 4.55 -4.70
CA ILE A 68 -0.63 4.71 -4.15
C ILE A 68 -0.58 5.00 -2.64
N TYR A 69 0.33 4.33 -1.94
CA TYR A 69 0.54 4.58 -0.51
C TYR A 69 1.01 6.03 -0.27
N LEU A 70 1.85 6.54 -1.18
CA LEU A 70 2.25 7.96 -1.13
C LEU A 70 1.02 8.87 -1.25
N LYS A 71 0.15 8.57 -2.23
CA LYS A 71 -1.12 9.30 -2.37
C LYS A 71 -2.02 9.10 -1.13
N LEU A 72 -1.88 7.95 -0.48
CA LEU A 72 -2.61 7.68 0.77
C LEU A 72 -2.12 8.61 1.89
N GLN A 73 -0.81 8.79 1.99
CA GLN A 73 -0.22 9.72 2.96
C GLN A 73 -0.67 11.15 2.67
N ARG A 74 -0.77 11.49 1.39
CA ARG A 74 -1.30 12.79 0.96
C ARG A 74 -2.80 12.92 1.29
N HIS A 75 -3.53 11.81 1.10
CA HIS A 75 -4.97 11.77 1.36
C HIS A 75 -5.27 11.93 2.87
N LYS A 76 -4.27 11.62 3.70
CA LYS A 76 -4.37 11.83 5.14
C LYS A 76 -4.31 13.33 5.48
N GLU A 77 -5.47 13.94 5.65
CA GLU A 77 -5.55 15.33 6.08
C GLU A 77 -5.30 15.44 7.59
N ARG A 78 -4.94 16.62 8.06
CA ARG A 78 -4.63 16.80 9.49
C ARG A 78 -5.90 16.80 10.33
N ASN A 79 -6.17 15.68 10.99
CA ASN A 79 -7.24 15.59 11.99
C ASN A 79 -6.96 16.58 13.13
N GLN A 80 -7.85 17.55 13.31
CA GLN A 80 -7.62 18.63 14.27
C GLN A 80 -8.00 18.21 15.70
N LEU A 81 -7.06 18.37 16.64
CA LEU A 81 -7.29 18.03 18.05
C LEU A 81 -8.01 19.14 18.83
N GLU A 82 -8.18 20.30 18.20
CA GLU A 82 -8.84 21.45 18.84
C GLU A 82 -9.97 22.03 17.96
N MET A 1 14.68 -12.94 1.02
CA MET A 1 16.14 -12.63 1.03
C MET A 1 16.47 -11.45 0.11
N ALA A 2 17.64 -10.85 0.30
CA ALA A 2 18.09 -9.72 -0.53
C ALA A 2 19.63 -9.62 -0.54
N LEU A 3 20.22 -9.74 -1.73
CA LEU A 3 21.68 -9.68 -1.88
C LEU A 3 22.25 -8.26 -1.71
N ILE A 4 21.39 -7.29 -1.43
CA ILE A 4 21.82 -5.90 -1.23
C ILE A 4 22.56 -5.70 0.11
N MET A 5 23.83 -5.32 0.03
CA MET A 5 24.63 -5.07 1.23
C MET A 5 24.25 -3.73 1.90
N THR A 6 23.19 -3.75 2.71
CA THR A 6 22.74 -2.55 3.42
C THR A 6 22.08 -2.90 4.77
N GLN A 7 22.76 -2.57 5.86
CA GLN A 7 22.23 -2.80 7.21
C GLN A 7 21.39 -1.61 7.68
N GLN A 8 21.73 -0.41 7.19
CA GLN A 8 21.00 0.81 7.54
C GLN A 8 19.60 0.85 6.90
N ASN A 9 18.63 0.24 7.57
CA ASN A 9 17.23 0.27 7.11
C ASN A 9 16.27 -0.15 8.25
N ASN A 10 15.40 0.77 8.66
CA ASN A 10 14.44 0.51 9.74
C ASN A 10 13.02 0.27 9.19
N PRO A 11 12.25 -0.65 9.81
CA PRO A 11 10.89 -0.99 9.36
C PRO A 11 9.86 0.12 9.64
N LEU A 12 10.21 1.05 10.53
CA LEU A 12 9.32 2.17 10.87
C LEU A 12 9.12 3.09 9.65
N HIS A 13 10.23 3.47 9.02
CA HIS A 13 10.20 4.25 7.77
C HIS A 13 10.07 3.32 6.55
N GLY A 14 10.83 2.23 6.55
CA GLY A 14 10.78 1.27 5.47
C GLY A 14 9.69 0.20 5.65
N ILE A 15 8.43 0.65 5.63
CA ILE A 15 7.28 -0.24 5.75
C ILE A 15 7.27 -1.34 4.67
N THR A 16 7.11 -2.60 5.09
CA THR A 16 7.12 -3.73 4.15
C THR A 16 5.95 -3.65 3.16
N LEU A 17 6.19 -4.09 1.93
CA LEU A 17 5.17 -4.10 0.88
C LEU A 17 3.91 -4.86 1.31
N GLN A 18 4.09 -5.88 2.14
CA GLN A 18 2.97 -6.67 2.66
C GLN A 18 2.00 -5.81 3.49
N LYS A 19 2.51 -5.18 4.56
CA LYS A 19 1.67 -4.32 5.40
C LYS A 19 1.17 -3.10 4.60
N LEU A 20 2.05 -2.55 3.77
CA LEU A 20 1.73 -1.42 2.90
C LEU A 20 0.47 -1.69 2.08
N LEU A 21 0.47 -2.81 1.34
CA LEU A 21 -0.69 -3.21 0.53
C LEU A 21 -1.92 -3.50 1.42
N THR A 22 -1.69 -4.12 2.58
CA THR A 22 -2.77 -4.42 3.53
C THR A 22 -3.49 -3.15 3.97
N GLU A 23 -2.72 -2.12 4.32
CA GLU A 23 -3.30 -0.84 4.74
C GLU A 23 -4.10 -0.19 3.61
N LEU A 24 -3.66 -0.36 2.37
CA LEU A 24 -4.39 0.14 1.20
C LEU A 24 -5.79 -0.51 1.11
N VAL A 25 -5.86 -1.79 1.44
CA VAL A 25 -7.12 -2.51 1.48
C VAL A 25 -8.05 -1.94 2.57
N GLU A 26 -7.47 -1.60 3.72
CA GLU A 26 -8.23 -1.01 4.83
C GLU A 26 -8.76 0.39 4.46
N HIS A 27 -7.86 1.25 3.98
CA HIS A 27 -8.20 2.66 3.73
C HIS A 27 -9.06 2.86 2.47
N TYR A 28 -8.67 2.24 1.35
CA TYR A 28 -9.48 2.34 0.12
C TYR A 28 -10.36 1.10 -0.07
N GLY A 29 -9.72 -0.05 -0.22
CA GLY A 29 -10.43 -1.28 -0.58
C GLY A 29 -10.09 -1.74 -2.00
N TRP A 30 -10.21 -3.05 -2.24
CA TRP A 30 -9.84 -3.63 -3.55
C TRP A 30 -10.60 -2.98 -4.71
N GLU A 31 -11.75 -2.40 -4.42
CA GLU A 31 -12.62 -1.80 -5.43
C GLU A 31 -11.86 -0.80 -6.34
N GLU A 32 -11.16 0.16 -5.72
CA GLU A 32 -10.39 1.14 -6.48
C GLU A 32 -8.93 0.69 -6.70
N LEU A 33 -8.42 -0.12 -5.77
CA LEU A 33 -7.05 -0.66 -5.92
C LEU A 33 -6.91 -1.48 -7.21
N SER A 34 -7.89 -2.33 -7.47
CA SER A 34 -7.88 -3.22 -8.64
C SER A 34 -8.02 -2.44 -9.96
N TYR A 35 -8.36 -1.15 -9.87
CA TYR A 35 -8.44 -0.28 -11.04
C TYR A 35 -7.14 0.52 -11.21
N MET A 36 -6.68 1.15 -10.14
CA MET A 36 -5.44 1.92 -10.17
C MET A 36 -4.24 1.04 -10.56
N VAL A 37 -4.07 -0.08 -9.86
CA VAL A 37 -3.06 -1.08 -10.24
C VAL A 37 -3.72 -2.14 -11.14
N ASN A 38 -3.79 -1.86 -12.44
CA ASN A 38 -4.45 -2.74 -13.40
C ASN A 38 -3.63 -4.00 -13.67
N ILE A 39 -3.63 -4.94 -12.73
CA ILE A 39 -2.98 -6.23 -12.89
C ILE A 39 -3.98 -7.37 -12.68
N ASN A 40 -3.87 -8.42 -13.49
CA ASN A 40 -4.81 -9.55 -13.42
C ASN A 40 -4.87 -10.13 -12.00
N CYS A 41 -3.75 -10.06 -11.27
CA CYS A 41 -3.68 -10.54 -9.89
C CYS A 41 -4.83 -9.97 -9.02
N PHE A 42 -4.95 -8.64 -8.97
CA PHE A 42 -6.04 -8.00 -8.23
C PHE A 42 -7.40 -8.29 -8.89
N LYS A 43 -7.37 -8.43 -10.20
CA LYS A 43 -8.60 -8.62 -11.00
C LYS A 43 -9.08 -10.09 -11.03
N LYS A 44 -8.48 -10.93 -10.19
CA LYS A 44 -8.90 -12.35 -10.09
C LYS A 44 -8.69 -12.91 -8.67
N ASP A 45 -7.64 -12.45 -7.99
CA ASP A 45 -7.30 -12.93 -6.65
C ASP A 45 -7.13 -11.76 -5.67
N PRO A 46 -8.24 -11.20 -5.15
CA PRO A 46 -8.20 -10.17 -4.08
C PRO A 46 -7.54 -10.71 -2.79
N SER A 47 -6.22 -10.86 -2.82
CA SER A 47 -5.48 -11.44 -1.68
C SER A 47 -4.06 -10.85 -1.60
N ILE A 48 -3.49 -10.85 -0.40
CA ILE A 48 -2.17 -10.25 -0.17
C ILE A 48 -1.02 -11.19 -0.58
N LYS A 49 -1.01 -12.40 -0.03
CA LYS A 49 0.08 -13.37 -0.28
C LYS A 49 0.22 -13.68 -1.78
N SER A 50 -0.90 -14.03 -2.42
CA SER A 50 -0.92 -14.29 -3.88
C SER A 50 -0.42 -13.07 -4.67
N SER A 51 -0.65 -11.87 -4.13
CA SER A 51 -0.21 -10.63 -4.78
C SER A 51 1.30 -10.40 -4.62
N LEU A 52 1.81 -10.59 -3.40
CA LEU A 52 3.24 -10.42 -3.12
C LEU A 52 4.10 -11.29 -4.05
N LYS A 53 3.59 -12.48 -4.37
CA LYS A 53 4.26 -13.40 -5.29
C LYS A 53 4.47 -12.77 -6.69
N PHE A 54 3.63 -11.79 -7.03
CA PHE A 54 3.74 -11.08 -8.32
C PHE A 54 4.49 -9.75 -8.16
N LEU A 55 4.08 -8.94 -7.19
CA LEU A 55 4.68 -7.61 -6.95
C LEU A 55 6.20 -7.69 -6.71
N ARG A 56 6.67 -8.82 -6.22
CA ARG A 56 8.10 -9.04 -5.97
C ARG A 56 8.93 -9.02 -7.27
N LYS A 57 8.34 -9.51 -8.36
CA LYS A 57 9.07 -9.69 -9.64
C LYS A 57 8.74 -8.58 -10.66
N THR A 58 7.59 -7.93 -10.50
CA THR A 58 7.16 -6.88 -11.44
C THR A 58 7.44 -5.47 -10.88
N ASP A 59 8.35 -4.75 -11.54
CA ASP A 59 8.81 -3.43 -11.08
C ASP A 59 7.66 -2.42 -10.96
N TRP A 60 7.06 -2.05 -12.09
CA TRP A 60 6.02 -1.01 -12.13
C TRP A 60 4.83 -1.35 -11.20
N ALA A 61 4.48 -2.64 -11.12
CA ALA A 61 3.39 -3.08 -10.25
C ALA A 61 3.66 -2.74 -8.78
N ARG A 62 4.86 -3.11 -8.30
CA ARG A 62 5.26 -2.78 -6.93
C ARG A 62 5.29 -1.25 -6.72
N GLU A 63 5.92 -0.55 -7.66
CA GLU A 63 6.01 0.91 -7.62
C GLU A 63 4.63 1.59 -7.55
N ARG A 64 3.66 1.06 -8.32
CA ARG A 64 2.30 1.58 -8.29
C ARG A 64 1.68 1.42 -6.89
N VAL A 65 1.79 0.22 -6.33
CA VAL A 65 1.26 -0.07 -5.00
C VAL A 65 1.86 0.88 -3.94
N GLU A 66 3.18 1.00 -3.92
CA GLU A 66 3.88 1.91 -3.01
C GLU A 66 3.43 3.37 -3.25
N ASN A 67 3.36 3.74 -4.52
CA ASN A 67 2.95 5.10 -4.91
C ASN A 67 1.54 5.43 -4.39
N ILE A 68 0.63 4.46 -4.45
CA ILE A 68 -0.73 4.65 -3.94
C ILE A 68 -0.73 4.90 -2.42
N TYR A 69 0.17 4.22 -1.71
CA TYR A 69 0.33 4.43 -0.26
C TYR A 69 0.82 5.85 0.02
N LEU A 70 1.75 6.33 -0.82
CA LEU A 70 2.21 7.72 -0.74
C LEU A 70 1.07 8.69 -1.10
N LYS A 71 0.29 8.34 -2.12
CA LYS A 71 -0.89 9.12 -2.51
C LYS A 71 -1.91 9.20 -1.36
N LEU A 72 -1.99 8.14 -0.57
CA LEU A 72 -2.82 8.13 0.64
C LEU A 72 -2.37 9.26 1.58
N GLN A 73 -1.10 9.24 1.95
CA GLN A 73 -0.52 10.26 2.83
C GLN A 73 -0.62 11.67 2.20
N ARG A 74 -0.66 11.74 0.87
CA ARG A 74 -0.92 12.98 0.15
C ARG A 74 -2.37 13.45 0.34
N HIS A 75 -3.30 12.50 0.31
CA HIS A 75 -4.73 12.81 0.40
C HIS A 75 -5.17 13.04 1.85
N LYS A 76 -4.38 12.56 2.81
CA LYS A 76 -4.67 12.73 4.24
C LYS A 76 -4.69 14.22 4.62
N GLU A 77 -5.89 14.74 4.88
CA GLU A 77 -6.04 16.15 5.27
C GLU A 77 -5.32 16.46 6.58
N ARG A 78 -5.04 17.75 6.82
CA ARG A 78 -4.28 18.16 8.00
C ARG A 78 -5.15 18.19 9.27
N ASN A 79 -4.66 17.54 10.33
CA ASN A 79 -5.35 17.53 11.63
C ASN A 79 -5.00 18.78 12.44
N GLN A 80 -5.94 19.27 13.24
CA GLN A 80 -5.71 20.46 14.08
C GLN A 80 -6.09 20.20 15.54
N LEU A 81 -5.39 20.88 16.45
CA LEU A 81 -5.66 20.74 17.89
C LEU A 81 -7.06 21.26 18.25
N GLU A 82 -7.67 20.66 19.28
CA GLU A 82 -9.00 21.06 19.75
C GLU A 82 -8.96 21.51 21.23
N MET A 1 -9.44 24.38 25.15
CA MET A 1 -9.26 23.79 23.80
C MET A 1 -7.78 23.68 23.44
N ALA A 2 -7.33 22.46 23.13
CA ALA A 2 -5.92 22.22 22.77
C ALA A 2 -5.78 21.86 21.27
N LEU A 3 -4.58 22.11 20.72
CA LEU A 3 -4.31 21.85 19.31
C LEU A 3 -3.52 20.53 19.13
N ILE A 4 -3.65 19.91 17.95
CA ILE A 4 -2.89 18.70 17.65
C ILE A 4 -1.43 19.06 17.31
N MET A 5 -0.60 19.16 18.34
CA MET A 5 0.79 19.61 18.19
C MET A 5 1.69 18.51 17.62
N THR A 6 1.99 18.59 16.32
CA THR A 6 2.93 17.66 15.69
C THR A 6 4.38 17.99 16.12
N GLN A 7 4.74 17.56 17.32
CA GLN A 7 6.07 17.87 17.90
C GLN A 7 6.97 16.63 17.98
N GLN A 8 6.41 15.46 17.65
CA GLN A 8 7.14 14.19 17.78
C GLN A 8 7.70 13.73 16.42
N ASN A 9 8.84 13.05 16.44
CA ASN A 9 9.47 12.53 15.23
C ASN A 9 9.05 11.06 14.95
N ASN A 10 8.92 10.71 13.67
CA ASN A 10 8.56 9.34 13.28
C ASN A 10 9.46 8.85 12.12
N PRO A 11 10.65 8.31 12.44
CA PRO A 11 11.57 7.73 11.44
C PRO A 11 11.24 6.28 11.05
N LEU A 12 10.11 5.76 11.54
CA LEU A 12 9.71 4.37 11.29
C LEU A 12 8.37 4.29 10.54
N HIS A 13 8.04 5.36 9.82
CA HIS A 13 6.80 5.41 9.04
C HIS A 13 6.93 4.62 7.72
N GLY A 14 8.16 4.19 7.41
CA GLY A 14 8.41 3.38 6.22
C GLY A 14 7.80 1.98 6.31
N ILE A 15 6.49 1.90 6.09
CA ILE A 15 5.75 0.64 6.16
C ILE A 15 6.17 -0.34 5.03
N THR A 16 6.37 -1.61 5.37
CA THR A 16 6.78 -2.64 4.40
C THR A 16 5.65 -3.00 3.43
N LEU A 17 6.00 -3.61 2.30
CA LEU A 17 5.04 -3.91 1.22
C LEU A 17 3.81 -4.69 1.72
N GLN A 18 4.04 -5.70 2.55
CA GLN A 18 2.94 -6.53 3.09
C GLN A 18 1.92 -5.67 3.86
N LYS A 19 2.42 -4.92 4.85
CA LYS A 19 1.55 -4.05 5.65
C LYS A 19 0.98 -2.89 4.82
N LEU A 20 1.77 -2.43 3.84
CA LEU A 20 1.36 -1.33 2.96
C LEU A 20 0.13 -1.73 2.13
N LEU A 21 0.20 -2.91 1.50
CA LEU A 21 -0.93 -3.45 0.75
C LEU A 21 -2.17 -3.62 1.66
N THR A 22 -1.93 -4.14 2.87
CA THR A 22 -3.00 -4.27 3.87
C THR A 22 -3.65 -2.91 4.15
N GLU A 23 -2.82 -1.89 4.38
CA GLU A 23 -3.29 -0.51 4.56
C GLU A 23 -4.21 -0.06 3.41
N LEU A 24 -3.76 -0.28 2.18
CA LEU A 24 -4.52 0.11 1.00
C LEU A 24 -5.90 -0.58 0.95
N VAL A 25 -5.96 -1.84 1.37
CA VAL A 25 -7.23 -2.57 1.43
C VAL A 25 -8.10 -2.07 2.59
N GLU A 26 -7.47 -1.77 3.73
CA GLU A 26 -8.15 -1.22 4.90
C GLU A 26 -8.74 0.17 4.64
N HIS A 27 -8.01 0.98 3.87
CA HIS A 27 -8.45 2.36 3.59
C HIS A 27 -9.27 2.45 2.29
N TYR A 28 -8.71 1.99 1.17
CA TYR A 28 -9.41 2.02 -0.13
C TYR A 28 -10.26 0.76 -0.36
N GLY A 29 -9.58 -0.37 -0.57
CA GLY A 29 -10.27 -1.63 -0.90
C GLY A 29 -9.69 -2.30 -2.13
N TRP A 30 -9.98 -3.60 -2.30
CA TRP A 30 -9.43 -4.39 -3.42
C TRP A 30 -9.80 -3.82 -4.79
N GLU A 31 -11.08 -3.54 -5.01
CA GLU A 31 -11.54 -3.02 -6.30
C GLU A 31 -10.93 -1.65 -6.63
N GLU A 32 -10.80 -0.80 -5.61
CA GLU A 32 -10.14 0.50 -5.80
C GLU A 32 -8.69 0.32 -6.29
N LEU A 33 -8.01 -0.68 -5.74
CA LEU A 33 -6.65 -1.01 -6.17
C LEU A 33 -6.66 -1.58 -7.60
N SER A 34 -7.64 -2.44 -7.89
CA SER A 34 -7.83 -3.01 -9.23
C SER A 34 -8.14 -1.90 -10.25
N TYR A 35 -8.77 -0.83 -9.78
CA TYR A 35 -9.10 0.31 -10.65
C TYR A 35 -7.87 1.19 -10.90
N MET A 36 -7.16 1.56 -9.83
CA MET A 36 -5.99 2.43 -9.93
C MET A 36 -4.76 1.68 -10.49
N VAL A 37 -4.75 0.35 -10.37
CA VAL A 37 -3.70 -0.48 -10.94
C VAL A 37 -4.30 -1.65 -11.75
N ASN A 38 -4.54 -1.41 -13.04
CA ASN A 38 -5.15 -2.43 -13.91
C ASN A 38 -4.12 -3.52 -14.28
N ILE A 39 -4.00 -4.51 -13.41
CA ILE A 39 -3.14 -5.67 -13.65
C ILE A 39 -3.91 -6.98 -13.39
N ASN A 40 -3.60 -8.02 -14.14
CA ASN A 40 -4.27 -9.32 -13.95
C ASN A 40 -3.70 -10.05 -12.74
N CYS A 41 -3.88 -9.45 -11.56
CA CYS A 41 -3.43 -10.03 -10.29
C CYS A 41 -4.49 -9.81 -9.20
N PHE A 42 -4.95 -8.56 -9.06
CA PHE A 42 -6.05 -8.25 -8.14
C PHE A 42 -7.38 -8.78 -8.71
N LYS A 43 -7.40 -9.06 -10.02
CA LYS A 43 -8.59 -9.57 -10.70
C LYS A 43 -8.63 -11.12 -10.66
N LYS A 44 -7.59 -11.74 -10.12
CA LYS A 44 -7.52 -13.20 -10.01
C LYS A 44 -6.70 -13.62 -8.76
N ASP A 45 -7.37 -14.29 -7.82
CA ASP A 45 -6.75 -14.68 -6.55
C ASP A 45 -6.37 -13.43 -5.71
N PRO A 46 -7.37 -12.72 -5.15
CA PRO A 46 -7.15 -11.45 -4.44
C PRO A 46 -6.60 -11.62 -3.00
N SER A 47 -5.73 -12.60 -2.82
CA SER A 47 -5.10 -12.83 -1.51
C SER A 47 -3.76 -12.09 -1.39
N ILE A 48 -3.48 -11.56 -0.21
CA ILE A 48 -2.23 -10.81 0.04
C ILE A 48 -0.99 -11.57 -0.47
N LYS A 49 -0.83 -12.83 -0.05
CA LYS A 49 0.34 -13.63 -0.45
C LYS A 49 0.44 -13.80 -1.99
N SER A 50 -0.72 -13.96 -2.64
CA SER A 50 -0.78 -14.11 -4.10
C SER A 50 -0.26 -12.84 -4.81
N SER A 51 -0.81 -11.70 -4.42
CA SER A 51 -0.43 -10.42 -5.03
C SER A 51 1.04 -10.05 -4.73
N LEU A 52 1.47 -10.28 -3.48
CA LEU A 52 2.87 -10.04 -3.10
C LEU A 52 3.86 -10.75 -4.03
N LYS A 53 3.55 -11.99 -4.41
CA LYS A 53 4.39 -12.74 -5.36
C LYS A 53 4.46 -12.03 -6.72
N PHE A 54 3.31 -11.56 -7.21
CA PHE A 54 3.26 -10.84 -8.49
C PHE A 54 4.04 -9.52 -8.42
N LEU A 55 3.92 -8.81 -7.30
CA LEU A 55 4.63 -7.54 -7.10
C LEU A 55 6.15 -7.76 -7.06
N ARG A 56 6.58 -8.90 -6.50
CA ARG A 56 7.99 -9.29 -6.52
C ARG A 56 8.49 -9.50 -7.96
N LYS A 57 7.66 -10.17 -8.77
CA LYS A 57 8.01 -10.47 -10.16
C LYS A 57 7.99 -9.22 -11.03
N THR A 58 7.03 -8.33 -10.76
CA THR A 58 6.78 -7.16 -11.62
C THR A 58 7.05 -5.84 -10.90
N ASP A 59 8.20 -5.22 -11.19
CA ASP A 59 8.61 -3.97 -10.55
C ASP A 59 7.62 -2.82 -10.82
N TRP A 60 7.30 -2.57 -12.10
CA TRP A 60 6.44 -1.44 -12.46
C TRP A 60 5.06 -1.53 -11.79
N ALA A 61 4.64 -2.75 -11.42
CA ALA A 61 3.39 -2.95 -10.68
C ALA A 61 3.55 -2.53 -9.21
N ARG A 62 4.64 -2.99 -8.58
CA ARG A 62 4.92 -2.65 -7.18
C ARG A 62 5.09 -1.13 -6.98
N GLU A 63 5.91 -0.51 -7.84
CA GLU A 63 6.18 0.93 -7.77
C GLU A 63 4.88 1.75 -7.75
N ARG A 64 3.86 1.28 -8.47
CA ARG A 64 2.55 1.94 -8.48
C ARG A 64 1.84 1.79 -7.13
N VAL A 65 1.79 0.56 -6.62
CA VAL A 65 1.12 0.26 -5.34
C VAL A 65 1.70 1.11 -4.18
N GLU A 66 3.02 1.04 -4.01
CA GLU A 66 3.68 1.79 -2.93
C GLU A 66 3.53 3.32 -3.12
N ASN A 67 3.54 3.77 -4.38
CA ASN A 67 3.34 5.19 -4.68
C ASN A 67 1.92 5.65 -4.30
N ILE A 68 0.93 4.79 -4.54
CA ILE A 68 -0.46 5.09 -4.16
C ILE A 68 -0.57 5.37 -2.66
N TYR A 69 0.08 4.54 -1.84
CA TYR A 69 0.09 4.76 -0.39
C TYR A 69 0.76 6.10 -0.03
N LEU A 70 1.82 6.45 -0.73
CA LEU A 70 2.50 7.74 -0.55
C LEU A 70 1.56 8.91 -0.89
N LYS A 71 0.90 8.81 -2.04
CA LYS A 71 -0.12 9.79 -2.45
C LYS A 71 -1.22 9.89 -1.39
N LEU A 72 -1.57 8.76 -0.80
CA LEU A 72 -2.53 8.72 0.31
C LEU A 72 -2.00 9.51 1.52
N GLN A 73 -0.70 9.39 1.80
CA GLN A 73 -0.09 10.07 2.95
C GLN A 73 -0.20 11.59 2.83
N ARG A 74 0.13 12.14 1.67
CA ARG A 74 0.01 13.59 1.44
C ARG A 74 -1.46 14.04 1.42
N HIS A 75 -2.36 13.14 1.01
CA HIS A 75 -3.80 13.45 1.00
C HIS A 75 -4.49 13.08 2.32
N LYS A 76 -3.75 12.41 3.21
CA LYS A 76 -4.32 11.93 4.48
C LYS A 76 -4.80 13.10 5.37
N GLU A 77 -5.94 12.90 6.02
CA GLU A 77 -6.44 13.85 7.01
C GLU A 77 -5.75 13.65 8.37
N ARG A 78 -5.61 14.72 9.14
CA ARG A 78 -4.98 14.65 10.46
C ARG A 78 -5.61 13.56 11.35
N ASN A 79 -4.79 12.63 11.83
CA ASN A 79 -5.27 11.59 12.75
C ASN A 79 -5.43 12.18 14.17
N GLN A 80 -6.66 12.57 14.50
CA GLN A 80 -6.96 13.21 15.79
C GLN A 80 -6.59 12.33 17.00
N LEU A 81 -6.29 11.05 16.74
CA LEU A 81 -5.84 10.13 17.80
C LEU A 81 -4.37 10.39 18.16
N GLU A 82 -3.78 9.49 18.94
CA GLU A 82 -2.35 9.58 19.30
C GLU A 82 -1.45 9.05 18.17
N MET A 1 3.74 4.52 36.99
CA MET A 1 5.09 3.90 37.18
C MET A 1 5.78 3.65 35.85
N ALA A 2 7.12 3.67 35.86
CA ALA A 2 7.91 3.48 34.64
C ALA A 2 7.93 2.03 34.16
N LEU A 3 7.40 1.79 32.96
CA LEU A 3 7.48 0.48 32.31
C LEU A 3 8.85 0.32 31.62
N ILE A 4 9.66 -0.63 32.11
CA ILE A 4 11.06 -0.75 31.65
C ILE A 4 11.18 -1.19 30.18
N MET A 5 10.05 -1.49 29.54
CA MET A 5 10.02 -1.88 28.12
C MET A 5 10.22 -0.65 27.19
N THR A 6 11.12 0.24 27.57
CA THR A 6 11.33 1.51 26.87
C THR A 6 12.08 1.33 25.54
N GLN A 7 11.35 0.97 24.50
CA GLN A 7 11.87 0.95 23.13
C GLN A 7 11.26 2.11 22.34
N GLN A 8 12.10 2.90 21.66
CA GLN A 8 11.63 4.13 20.98
C GLN A 8 10.49 3.84 19.98
N ASN A 9 9.57 4.80 19.85
CA ASN A 9 8.41 4.65 18.99
C ASN A 9 8.66 5.19 17.58
N ASN A 10 8.19 4.48 16.57
CA ASN A 10 8.35 4.89 15.17
C ASN A 10 7.32 4.19 14.25
N PRO A 11 6.18 4.87 13.98
CA PRO A 11 5.09 4.31 13.15
C PRO A 11 5.46 4.14 11.67
N LEU A 12 6.53 4.80 11.23
CA LEU A 12 6.98 4.69 9.83
C LEU A 12 8.25 3.81 9.74
N HIS A 13 9.44 4.40 9.94
CA HIS A 13 10.71 3.64 10.01
C HIS A 13 11.06 2.90 8.70
N GLY A 14 10.15 2.90 7.73
CA GLY A 14 10.35 2.12 6.51
C GLY A 14 9.47 0.87 6.48
N ILE A 15 8.18 1.05 6.23
CA ILE A 15 7.21 -0.05 6.26
C ILE A 15 7.41 -1.03 5.08
N THR A 16 7.17 -2.32 5.34
CA THR A 16 7.32 -3.36 4.32
C THR A 16 6.22 -3.27 3.24
N LEU A 17 6.54 -3.77 2.05
CA LEU A 17 5.57 -3.81 0.94
C LEU A 17 4.29 -4.57 1.33
N GLN A 18 4.45 -5.60 2.16
CA GLN A 18 3.32 -6.41 2.64
C GLN A 18 2.29 -5.55 3.41
N LYS A 19 2.75 -4.88 4.47
CA LYS A 19 1.86 -4.05 5.28
C LYS A 19 1.43 -2.79 4.51
N LEU A 20 2.31 -2.28 3.65
CA LEU A 20 1.99 -1.16 2.76
C LEU A 20 0.73 -1.48 1.94
N LEU A 21 0.75 -2.64 1.26
CA LEU A 21 -0.40 -3.11 0.50
C LEU A 21 -1.62 -3.27 1.42
N THR A 22 -1.40 -3.84 2.61
CA THR A 22 -2.47 -4.05 3.60
C THR A 22 -3.23 -2.75 3.91
N GLU A 23 -2.48 -1.68 4.21
CA GLU A 23 -3.07 -0.37 4.48
C GLU A 23 -3.93 0.10 3.29
N LEU A 24 -3.43 -0.11 2.08
CA LEU A 24 -4.17 0.27 0.86
C LEU A 24 -5.44 -0.57 0.69
N VAL A 25 -5.36 -1.85 1.03
CA VAL A 25 -6.51 -2.76 0.94
C VAL A 25 -7.57 -2.43 2.01
N GLU A 26 -7.13 -2.05 3.20
CA GLU A 26 -8.05 -1.74 4.31
C GLU A 26 -8.65 -0.33 4.18
N HIS A 27 -8.00 0.54 3.42
CA HIS A 27 -8.50 1.90 3.21
C HIS A 27 -9.21 2.05 1.85
N TYR A 28 -8.51 1.68 0.77
CA TYR A 28 -9.08 1.76 -0.59
C TYR A 28 -9.92 0.52 -0.92
N GLY A 29 -9.23 -0.61 -1.11
CA GLY A 29 -9.92 -1.85 -1.49
C GLY A 29 -9.28 -2.51 -2.72
N TRP A 30 -9.61 -3.79 -2.95
CA TRP A 30 -9.01 -4.55 -4.06
C TRP A 30 -9.40 -4.01 -5.44
N GLU A 31 -10.71 -3.85 -5.67
CA GLU A 31 -11.20 -3.30 -6.94
C GLU A 31 -10.57 -1.93 -7.20
N GLU A 32 -10.54 -1.09 -6.16
CA GLU A 32 -9.91 0.23 -6.22
C GLU A 32 -8.47 0.12 -6.74
N LEU A 33 -7.66 -0.68 -6.04
CA LEU A 33 -6.26 -0.88 -6.42
C LEU A 33 -6.13 -1.38 -7.88
N SER A 34 -7.11 -2.19 -8.31
CA SER A 34 -7.12 -2.74 -9.67
C SER A 34 -7.40 -1.66 -10.73
N TYR A 35 -7.98 -0.53 -10.31
CA TYR A 35 -8.26 0.58 -11.25
C TYR A 35 -7.05 1.50 -11.41
N MET A 36 -6.49 1.98 -10.29
CA MET A 36 -5.29 2.83 -10.35
C MET A 36 -4.09 2.03 -10.90
N VAL A 37 -3.98 0.76 -10.50
CA VAL A 37 -2.97 -0.15 -11.06
C VAL A 37 -3.66 -1.28 -11.85
N ASN A 38 -3.85 -1.05 -13.15
CA ASN A 38 -4.58 -2.00 -14.01
C ASN A 38 -3.79 -3.30 -14.20
N ILE A 39 -3.94 -4.23 -13.27
CA ILE A 39 -3.36 -5.57 -13.39
C ILE A 39 -4.34 -6.64 -12.89
N ASN A 40 -4.50 -7.71 -13.64
CA ASN A 40 -5.39 -8.81 -13.23
C ASN A 40 -4.71 -9.65 -12.12
N CYS A 41 -4.60 -9.05 -10.94
CA CYS A 41 -3.96 -9.71 -9.78
C CYS A 41 -4.78 -9.50 -8.51
N PHE A 42 -5.04 -8.24 -8.17
CA PHE A 42 -5.86 -7.89 -7.00
C PHE A 42 -7.27 -8.52 -7.09
N LYS A 43 -7.69 -8.86 -8.31
CA LYS A 43 -9.01 -9.43 -8.54
C LYS A 43 -9.05 -10.95 -8.32
N LYS A 44 -7.93 -11.63 -8.59
CA LYS A 44 -7.84 -13.08 -8.39
C LYS A 44 -7.42 -13.41 -6.95
N ASP A 45 -8.33 -14.00 -6.18
CA ASP A 45 -8.11 -14.28 -4.76
C ASP A 45 -7.77 -13.00 -3.98
N PRO A 46 -8.78 -12.33 -3.39
CA PRO A 46 -8.58 -11.09 -2.62
C PRO A 46 -7.79 -11.33 -1.32
N SER A 47 -6.49 -11.56 -1.46
CA SER A 47 -5.60 -11.83 -0.32
C SER A 47 -4.23 -11.19 -0.53
N ILE A 48 -3.66 -10.61 0.53
CA ILE A 48 -2.35 -9.94 0.44
C ILE A 48 -1.29 -10.85 -0.21
N LYS A 49 -1.27 -12.11 0.21
CA LYS A 49 -0.30 -13.09 -0.30
C LYS A 49 -0.53 -13.41 -1.79
N SER A 50 -1.77 -13.25 -2.25
CA SER A 50 -2.11 -13.43 -3.66
C SER A 50 -1.39 -12.38 -4.52
N SER A 51 -1.55 -11.12 -4.12
CA SER A 51 -0.88 -10.01 -4.81
C SER A 51 0.64 -10.09 -4.66
N LEU A 52 1.12 -10.48 -3.49
CA LEU A 52 2.56 -10.64 -3.24
C LEU A 52 3.21 -11.57 -4.27
N LYS A 53 2.54 -12.66 -4.63
CA LYS A 53 3.05 -13.60 -5.63
C LYS A 53 3.26 -12.95 -7.01
N PHE A 54 2.65 -11.79 -7.24
CA PHE A 54 2.82 -11.05 -8.49
C PHE A 54 3.76 -9.84 -8.29
N LEU A 55 3.55 -9.10 -7.20
CA LEU A 55 4.37 -7.91 -6.90
C LEU A 55 5.85 -8.27 -6.71
N ARG A 56 6.13 -9.46 -6.15
CA ARG A 56 7.52 -9.86 -5.86
C ARG A 56 8.35 -10.05 -7.15
N LYS A 57 7.71 -10.01 -8.32
CA LYS A 57 8.43 -10.13 -9.60
C LYS A 57 8.22 -8.88 -10.48
N THR A 58 6.99 -8.40 -10.59
CA THR A 58 6.67 -7.23 -11.44
C THR A 58 7.05 -5.90 -10.76
N ASP A 59 8.19 -5.33 -11.20
CA ASP A 59 8.70 -4.08 -10.63
C ASP A 59 7.73 -2.90 -10.84
N TRP A 60 7.32 -2.66 -12.09
CA TRP A 60 6.48 -1.50 -12.41
C TRP A 60 5.13 -1.53 -11.68
N ALA A 61 4.72 -2.70 -11.19
CA ALA A 61 3.52 -2.80 -10.36
C ALA A 61 3.79 -2.23 -8.96
N ARG A 62 4.96 -2.56 -8.41
CA ARG A 62 5.36 -2.11 -7.06
C ARG A 62 5.28 -0.58 -6.94
N GLU A 63 6.10 0.10 -7.75
CA GLU A 63 6.19 1.58 -7.72
C GLU A 63 4.81 2.25 -7.80
N ARG A 64 3.89 1.66 -8.57
CA ARG A 64 2.56 2.23 -8.75
C ARG A 64 1.66 1.98 -7.53
N VAL A 65 1.84 0.82 -6.88
CA VAL A 65 1.15 0.53 -5.62
C VAL A 65 1.70 1.43 -4.49
N GLU A 66 3.03 1.50 -4.39
CA GLU A 66 3.69 2.40 -3.42
C GLU A 66 3.28 3.86 -3.64
N ASN A 67 3.09 4.24 -4.91
CA ASN A 67 2.61 5.59 -5.25
C ASN A 67 1.23 5.86 -4.63
N ILE A 68 0.33 4.85 -4.73
CA ILE A 68 -1.00 4.95 -4.11
C ILE A 68 -0.89 5.18 -2.60
N TYR A 69 0.12 4.58 -1.98
CA TYR A 69 0.38 4.76 -0.55
C TYR A 69 0.78 6.22 -0.25
N LEU A 70 1.68 6.77 -1.06
CA LEU A 70 2.07 8.19 -0.94
C LEU A 70 0.84 9.10 -1.09
N LYS A 71 -0.02 8.77 -2.06
CA LYS A 71 -1.30 9.46 -2.24
C LYS A 71 -2.15 9.33 -0.95
N LEU A 72 -2.02 8.19 -0.28
CA LEU A 72 -2.71 7.96 1.00
C LEU A 72 -2.11 8.83 2.12
N GLN A 73 -0.78 9.00 2.13
CA GLN A 73 -0.13 9.86 3.12
C GLN A 73 -0.73 11.27 3.14
N ARG A 74 -0.84 11.91 1.97
CA ARG A 74 -1.40 13.27 1.90
C ARG A 74 -2.95 13.27 1.96
N HIS A 75 -3.56 12.09 1.99
CA HIS A 75 -5.00 11.96 2.28
C HIS A 75 -5.23 11.57 3.74
N LYS A 76 -4.21 11.00 4.37
CA LYS A 76 -4.31 10.50 5.74
C LYS A 76 -4.57 11.65 6.73
N GLU A 77 -5.70 11.58 7.42
CA GLU A 77 -6.05 12.59 8.42
C GLU A 77 -5.06 12.54 9.61
N ARG A 78 -4.85 13.70 10.23
CA ARG A 78 -3.89 13.84 11.34
C ARG A 78 -3.97 12.68 12.34
N ASN A 79 -2.82 12.03 12.61
CA ASN A 79 -2.74 10.90 13.55
C ASN A 79 -3.47 11.22 14.87
N GLN A 80 -4.63 10.61 15.06
CA GLN A 80 -5.54 10.97 16.16
C GLN A 80 -5.33 10.11 17.41
N LEU A 81 -4.81 10.73 18.48
CA LEU A 81 -4.76 10.13 19.81
C LEU A 81 -5.61 10.94 20.79
N GLU A 82 -6.36 10.26 21.65
CA GLU A 82 -7.29 10.93 22.59
C GLU A 82 -6.65 11.12 23.98
N MET A 1 18.96 -17.48 26.42
CA MET A 1 17.72 -18.12 25.89
C MET A 1 16.71 -17.05 25.44
N ALA A 2 15.67 -17.48 24.71
CA ALA A 2 14.71 -16.54 24.14
C ALA A 2 13.40 -16.46 24.95
N LEU A 3 13.15 -15.31 25.57
CA LEU A 3 11.90 -15.08 26.31
C LEU A 3 10.85 -14.41 25.43
N ILE A 4 11.31 -13.71 24.40
CA ILE A 4 10.43 -13.05 23.43
C ILE A 4 11.13 -12.88 22.06
N MET A 5 10.51 -13.41 21.00
CA MET A 5 11.11 -13.37 19.66
C MET A 5 10.26 -12.55 18.66
N THR A 6 9.20 -11.90 19.14
CA THR A 6 8.38 -11.01 18.28
C THR A 6 9.23 -9.87 17.70
N GLN A 7 9.45 -9.90 16.39
CA GLN A 7 10.25 -8.88 15.71
C GLN A 7 9.47 -8.19 14.59
N GLN A 8 9.59 -6.87 14.51
CA GLN A 8 8.99 -6.08 13.42
C GLN A 8 10.08 -5.28 12.68
N ASN A 9 10.27 -5.59 11.39
CA ASN A 9 11.31 -4.93 10.59
C ASN A 9 10.81 -3.63 9.95
N ASN A 10 11.62 -2.56 10.06
CA ASN A 10 11.29 -1.25 9.48
C ASN A 10 9.92 -0.71 9.97
N PRO A 11 9.65 -0.76 11.31
CA PRO A 11 8.32 -0.43 11.86
C PRO A 11 7.89 1.03 11.60
N LEU A 12 8.80 1.97 11.80
CA LEU A 12 8.51 3.40 11.59
C LEU A 12 9.59 4.09 10.74
N HIS A 13 10.63 3.33 10.35
CA HIS A 13 11.72 3.90 9.54
C HIS A 13 11.42 3.81 8.03
N GLY A 14 10.69 2.76 7.64
CA GLY A 14 10.37 2.56 6.23
C GLY A 14 9.35 1.45 6.02
N ILE A 15 8.06 1.82 6.03
CA ILE A 15 6.95 0.86 5.94
C ILE A 15 7.13 -0.15 4.79
N THR A 16 6.99 -1.43 5.12
CA THR A 16 7.15 -2.52 4.15
C THR A 16 5.95 -2.63 3.21
N LEU A 17 6.17 -3.25 2.05
CA LEU A 17 5.10 -3.46 1.05
C LEU A 17 3.90 -4.23 1.64
N GLN A 18 4.17 -5.08 2.63
CA GLN A 18 3.11 -5.85 3.29
C GLN A 18 2.11 -4.93 4.03
N LYS A 19 2.62 -4.16 5.00
CA LYS A 19 1.78 -3.18 5.72
C LYS A 19 1.17 -2.17 4.72
N LEU A 20 1.99 -1.73 3.79
CA LEU A 20 1.60 -0.78 2.74
C LEU A 20 0.34 -1.27 1.98
N LEU A 21 0.41 -2.49 1.44
CA LEU A 21 -0.71 -3.09 0.72
C LEU A 21 -1.92 -3.28 1.64
N THR A 22 -1.66 -3.68 2.90
CA THR A 22 -2.73 -3.90 3.88
C THR A 22 -3.60 -2.66 4.07
N GLU A 23 -2.97 -1.51 4.36
CA GLU A 23 -3.71 -0.27 4.55
C GLU A 23 -4.46 0.15 3.27
N LEU A 24 -3.87 -0.12 2.11
CA LEU A 24 -4.54 0.16 0.84
C LEU A 24 -5.82 -0.69 0.69
N VAL A 25 -5.73 -1.97 1.04
CA VAL A 25 -6.90 -2.85 1.01
C VAL A 25 -7.95 -2.44 2.07
N GLU A 26 -7.48 -2.00 3.23
CA GLU A 26 -8.36 -1.47 4.29
C GLU A 26 -9.15 -0.23 3.81
N HIS A 27 -8.43 0.75 3.26
CA HIS A 27 -9.03 2.05 2.93
C HIS A 27 -9.54 2.11 1.48
N TYR A 28 -8.68 1.78 0.51
CA TYR A 28 -9.07 1.81 -0.91
C TYR A 28 -9.86 0.55 -1.31
N GLY A 29 -9.39 -0.60 -0.86
CA GLY A 29 -10.02 -1.87 -1.21
C GLY A 29 -9.54 -2.44 -2.54
N TRP A 30 -9.75 -3.73 -2.75
CA TRP A 30 -9.33 -4.40 -3.99
C TRP A 30 -9.95 -3.72 -5.23
N GLU A 31 -11.12 -3.11 -5.04
CA GLU A 31 -11.82 -2.40 -6.12
C GLU A 31 -10.95 -1.31 -6.77
N GLU A 32 -10.60 -0.28 -5.99
CA GLU A 32 -9.77 0.81 -6.49
C GLU A 32 -8.39 0.31 -6.95
N LEU A 33 -7.76 -0.53 -6.14
CA LEU A 33 -6.44 -1.08 -6.47
C LEU A 33 -6.45 -1.81 -7.83
N SER A 34 -7.47 -2.63 -8.05
CA SER A 34 -7.63 -3.36 -9.32
C SER A 34 -7.95 -2.41 -10.48
N TYR A 35 -8.48 -1.23 -10.15
CA TYR A 35 -8.86 -0.25 -11.17
C TYR A 35 -7.63 0.44 -11.78
N MET A 36 -6.64 0.77 -10.95
CA MET A 36 -5.37 1.34 -11.43
C MET A 36 -4.37 0.24 -11.82
N VAL A 37 -4.18 -0.73 -10.92
CA VAL A 37 -3.24 -1.84 -11.15
C VAL A 37 -3.99 -3.12 -11.58
N ASN A 38 -4.29 -3.22 -12.88
CA ASN A 38 -5.08 -4.34 -13.40
C ASN A 38 -4.21 -5.59 -13.67
N ILE A 39 -3.55 -6.08 -12.61
CA ILE A 39 -2.71 -7.28 -12.72
C ILE A 39 -3.51 -8.56 -12.41
N ASN A 40 -2.96 -9.70 -12.83
CA ASN A 40 -3.63 -11.00 -12.62
C ASN A 40 -3.47 -11.47 -11.15
N CYS A 41 -4.12 -10.73 -10.24
CA CYS A 41 -4.12 -11.07 -8.81
C CYS A 41 -5.37 -10.49 -8.14
N PHE A 42 -5.56 -9.18 -8.26
CA PHE A 42 -6.75 -8.51 -7.71
C PHE A 42 -8.02 -8.96 -8.46
N LYS A 43 -7.85 -9.39 -9.71
CA LYS A 43 -8.97 -9.81 -10.55
C LYS A 43 -9.18 -11.34 -10.50
N LYS A 44 -8.38 -12.04 -9.69
CA LYS A 44 -8.49 -13.50 -9.53
C LYS A 44 -7.76 -13.95 -8.25
N ASP A 45 -8.53 -14.44 -7.27
CA ASP A 45 -8.01 -14.77 -5.95
C ASP A 45 -7.37 -13.54 -5.27
N PRO A 46 -8.19 -12.51 -4.95
CA PRO A 46 -7.70 -11.28 -4.31
C PRO A 46 -7.22 -11.53 -2.86
N SER A 47 -5.93 -11.78 -2.71
CA SER A 47 -5.32 -12.07 -1.40
C SER A 47 -4.01 -11.30 -1.23
N ILE A 48 -3.70 -10.94 0.02
CA ILE A 48 -2.49 -10.16 0.33
C ILE A 48 -1.22 -10.83 -0.20
N LYS A 49 -0.94 -12.06 0.23
CA LYS A 49 0.27 -12.78 -0.18
C LYS A 49 0.23 -13.10 -1.68
N SER A 50 -0.91 -13.59 -2.16
CA SER A 50 -1.10 -13.90 -3.60
C SER A 50 -0.67 -12.73 -4.49
N SER A 51 -0.92 -11.51 -4.00
CA SER A 51 -0.49 -10.29 -4.68
C SER A 51 1.05 -10.13 -4.60
N LEU A 52 1.59 -10.31 -3.40
CA LEU A 52 3.05 -10.18 -3.16
C LEU A 52 3.87 -11.08 -4.11
N LYS A 53 3.40 -12.32 -4.31
CA LYS A 53 4.07 -13.28 -5.22
C LYS A 53 4.18 -12.70 -6.65
N PHE A 54 3.26 -11.83 -7.02
CA PHE A 54 3.25 -11.22 -8.36
C PHE A 54 4.01 -9.88 -8.37
N LEU A 55 3.82 -9.08 -7.32
CA LEU A 55 4.47 -7.77 -7.20
C LEU A 55 6.01 -7.89 -7.16
N ARG A 56 6.51 -8.95 -6.52
CA ARG A 56 7.96 -9.20 -6.44
C ARG A 56 8.60 -9.34 -7.82
N LYS A 57 7.92 -10.03 -8.73
CA LYS A 57 8.42 -10.25 -10.10
C LYS A 57 7.97 -9.13 -11.05
N THR A 58 6.89 -8.45 -10.67
CA THR A 58 6.35 -7.34 -11.48
C THR A 58 6.65 -5.99 -10.81
N ASP A 59 7.82 -5.44 -11.09
CA ASP A 59 8.32 -4.25 -10.41
C ASP A 59 7.46 -3.00 -10.69
N TRP A 60 7.11 -2.78 -11.96
CA TRP A 60 6.31 -1.60 -12.35
C TRP A 60 4.97 -1.56 -11.59
N ALA A 61 4.41 -2.73 -11.28
CA ALA A 61 3.18 -2.82 -10.49
C ALA A 61 3.43 -2.37 -9.05
N ARG A 62 4.54 -2.84 -8.46
CA ARG A 62 4.92 -2.46 -7.10
C ARG A 62 5.06 -0.93 -6.98
N GLU A 63 5.81 -0.33 -7.90
CA GLU A 63 6.03 1.13 -7.91
C GLU A 63 4.71 1.89 -7.81
N ARG A 64 3.74 1.52 -8.65
CA ARG A 64 2.43 2.17 -8.65
C ARG A 64 1.70 1.97 -7.31
N VAL A 65 1.65 0.72 -6.83
CA VAL A 65 1.00 0.40 -5.55
C VAL A 65 1.57 1.25 -4.40
N GLU A 66 2.90 1.28 -4.30
CA GLU A 66 3.58 2.05 -3.25
C GLU A 66 3.32 3.56 -3.39
N ASN A 67 3.33 4.05 -4.64
CA ASN A 67 3.05 5.48 -4.92
C ASN A 67 1.61 5.85 -4.52
N ILE A 68 0.68 4.94 -4.74
CA ILE A 68 -0.71 5.13 -4.32
C ILE A 68 -0.81 5.27 -2.78
N TYR A 69 -0.04 4.47 -2.06
CA TYR A 69 0.03 4.57 -0.61
C TYR A 69 0.63 5.92 -0.16
N LEU A 70 1.60 6.42 -0.92
CA LEU A 70 2.17 7.75 -0.66
C LEU A 70 1.07 8.83 -0.72
N LYS A 71 0.10 8.64 -1.63
CA LYS A 71 -1.05 9.53 -1.73
C LYS A 71 -1.87 9.52 -0.42
N LEU A 72 -1.95 8.35 0.21
CA LEU A 72 -2.62 8.20 1.51
C LEU A 72 -1.79 8.87 2.63
N GLN A 73 -0.47 8.67 2.58
CA GLN A 73 0.45 9.28 3.56
C GLN A 73 0.36 10.82 3.55
N ARG A 74 0.49 11.42 2.37
CA ARG A 74 0.39 12.88 2.24
C ARG A 74 -1.02 13.37 2.64
N HIS A 75 -1.97 12.44 2.75
CA HIS A 75 -3.33 12.76 3.20
C HIS A 75 -3.43 12.68 4.73
N LYS A 76 -2.71 11.74 5.35
CA LYS A 76 -2.72 11.58 6.81
C LYS A 76 -1.58 12.38 7.49
N GLU A 77 -0.72 13.00 6.68
CA GLU A 77 0.45 13.77 7.17
C GLU A 77 0.08 14.75 8.30
N ARG A 78 -1.14 15.30 8.24
CA ARG A 78 -1.57 16.34 9.19
C ARG A 78 -2.40 15.77 10.34
N ASN A 79 -2.30 14.46 10.54
CA ASN A 79 -3.00 13.76 11.62
C ASN A 79 -2.03 12.87 12.42
N GLN A 80 -2.30 12.67 13.70
CA GLN A 80 -1.44 11.85 14.57
C GLN A 80 -2.26 11.13 15.67
N LEU A 81 -1.82 9.94 16.04
CA LEU A 81 -2.52 9.12 17.04
C LEU A 81 -2.05 9.40 18.47
N GLU A 82 -3.00 9.53 19.39
CA GLU A 82 -2.73 9.71 20.83
C GLU A 82 -1.95 8.52 21.42
N MET A 1 -0.84 -8.03 15.54
CA MET A 1 0.32 -7.26 15.00
C MET A 1 0.35 -5.84 15.57
N ALA A 2 -0.83 -5.21 15.69
CA ALA A 2 -0.94 -3.84 16.20
C ALA A 2 -2.36 -3.53 16.70
N LEU A 3 -2.45 -3.08 17.95
CA LEU A 3 -3.73 -2.63 18.53
C LEU A 3 -3.93 -1.13 18.28
N ILE A 4 -5.11 -0.62 18.63
CA ILE A 4 -5.41 0.81 18.47
C ILE A 4 -4.58 1.66 19.45
N MET A 5 -3.32 1.88 19.11
CA MET A 5 -2.40 2.66 19.96
C MET A 5 -1.94 3.95 19.25
N THR A 6 -2.57 5.06 19.59
CA THR A 6 -2.21 6.36 19.00
C THR A 6 -1.36 7.20 19.97
N GLN A 7 -0.04 7.10 19.84
CA GLN A 7 0.88 7.90 20.67
C GLN A 7 1.80 8.76 19.79
N GLN A 8 2.45 9.76 20.40
CA GLN A 8 3.41 10.62 19.67
C GLN A 8 4.76 9.91 19.49
N ASN A 9 4.74 8.80 18.77
CA ASN A 9 5.95 8.04 18.42
C ASN A 9 6.16 8.06 16.90
N ASN A 10 7.00 7.16 16.39
CA ASN A 10 7.19 7.03 14.94
C ASN A 10 6.74 5.65 14.44
N PRO A 11 5.42 5.40 14.35
CA PRO A 11 4.87 4.11 13.90
C PRO A 11 4.88 3.93 12.37
N LEU A 12 5.19 5.02 11.66
CA LEU A 12 5.23 5.01 10.19
C LEU A 12 6.67 4.90 9.66
N HIS A 13 7.61 4.52 10.52
CA HIS A 13 9.03 4.43 10.13
C HIS A 13 9.42 2.99 9.72
N GLY A 14 8.75 2.00 10.28
CA GLY A 14 9.04 0.60 9.95
C GLY A 14 7.90 -0.09 9.21
N ILE A 15 7.57 0.43 8.02
CA ILE A 15 6.46 -0.10 7.22
C ILE A 15 6.97 -1.03 6.10
N THR A 16 6.61 -2.30 6.16
CA THR A 16 6.98 -3.29 5.13
C THR A 16 5.99 -3.24 3.94
N LEU A 17 6.29 -4.00 2.89
CA LEU A 17 5.38 -4.11 1.74
C LEU A 17 4.01 -4.65 2.18
N GLN A 18 4.02 -5.64 3.06
CA GLN A 18 2.80 -6.20 3.65
C GLN A 18 1.97 -5.11 4.36
N LYS A 19 2.61 -4.40 5.29
CA LYS A 19 1.95 -3.32 6.03
C LYS A 19 1.39 -2.25 5.08
N LEU A 20 2.22 -1.84 4.11
CA LEU A 20 1.83 -0.86 3.10
C LEU A 20 0.55 -1.31 2.36
N LEU A 21 0.56 -2.53 1.85
CA LEU A 21 -0.60 -3.09 1.14
C LEU A 21 -1.82 -3.19 2.07
N THR A 22 -1.60 -3.63 3.31
CA THR A 22 -2.67 -3.75 4.31
C THR A 22 -3.49 -2.45 4.42
N GLU A 23 -2.80 -1.34 4.67
CA GLU A 23 -3.46 -0.05 4.85
C GLU A 23 -4.21 0.39 3.58
N LEU A 24 -3.62 0.14 2.41
CA LEU A 24 -4.28 0.47 1.13
C LEU A 24 -5.59 -0.32 0.97
N VAL A 25 -5.56 -1.61 1.28
CA VAL A 25 -6.75 -2.47 1.21
C VAL A 25 -7.84 -2.00 2.19
N GLU A 26 -7.45 -1.70 3.43
CA GLU A 26 -8.41 -1.30 4.48
C GLU A 26 -8.88 0.16 4.34
N HIS A 27 -8.25 0.94 3.46
CA HIS A 27 -8.68 2.32 3.19
C HIS A 27 -9.30 2.49 1.79
N TYR A 28 -8.95 1.62 0.85
CA TYR A 28 -9.49 1.67 -0.51
C TYR A 28 -10.20 0.37 -0.90
N GLY A 29 -9.46 -0.74 -0.86
CA GLY A 29 -10.02 -2.03 -1.26
C GLY A 29 -9.42 -2.54 -2.56
N TRP A 30 -9.31 -3.87 -2.70
CA TRP A 30 -8.70 -4.50 -3.88
C TRP A 30 -9.31 -3.97 -5.20
N GLU A 31 -10.62 -3.72 -5.19
CA GLU A 31 -11.32 -3.19 -6.37
C GLU A 31 -10.71 -1.84 -6.79
N GLU A 32 -10.62 -0.90 -5.85
CA GLU A 32 -10.05 0.43 -6.12
C GLU A 32 -8.56 0.31 -6.49
N LEU A 33 -7.87 -0.64 -5.86
CA LEU A 33 -6.46 -0.89 -6.17
C LEU A 33 -6.31 -1.39 -7.62
N SER A 34 -7.29 -2.14 -8.10
CA SER A 34 -7.32 -2.61 -9.51
C SER A 34 -7.53 -1.44 -10.48
N TYR A 35 -8.18 -0.38 -10.00
CA TYR A 35 -8.44 0.82 -10.79
C TYR A 35 -7.20 1.73 -10.87
N MET A 36 -6.57 1.98 -9.72
CA MET A 36 -5.36 2.81 -9.66
C MET A 36 -4.14 2.06 -10.22
N VAL A 37 -4.08 0.75 -9.95
CA VAL A 37 -3.04 -0.11 -10.53
C VAL A 37 -3.69 -1.14 -11.46
N ASN A 38 -3.59 -0.92 -12.77
CA ASN A 38 -4.26 -1.77 -13.75
C ASN A 38 -3.56 -3.14 -13.92
N ILE A 39 -3.66 -3.99 -12.89
CA ILE A 39 -3.18 -5.37 -12.98
C ILE A 39 -4.28 -6.35 -12.52
N ASN A 40 -4.44 -7.43 -13.27
CA ASN A 40 -5.53 -8.38 -13.03
C ASN A 40 -5.35 -9.15 -11.71
N CYS A 41 -4.14 -9.17 -11.18
CA CYS A 41 -3.81 -9.96 -9.97
C CYS A 41 -4.68 -9.58 -8.74
N PHE A 42 -5.16 -8.34 -8.69
CA PHE A 42 -6.03 -7.92 -7.57
C PHE A 42 -7.45 -8.48 -7.72
N LYS A 43 -7.86 -8.72 -8.97
CA LYS A 43 -9.17 -9.32 -9.26
C LYS A 43 -9.10 -10.85 -9.26
N LYS A 44 -7.96 -11.37 -9.70
CA LYS A 44 -7.72 -12.82 -9.75
C LYS A 44 -7.17 -13.34 -8.41
N ASP A 45 -8.09 -13.79 -7.54
CA ASP A 45 -7.75 -14.23 -6.18
C ASP A 45 -7.01 -13.12 -5.39
N PRO A 46 -7.76 -12.21 -4.75
CA PRO A 46 -7.20 -11.06 -3.99
C PRO A 46 -6.55 -11.46 -2.65
N SER A 47 -5.90 -12.61 -2.60
CA SER A 47 -5.21 -13.06 -1.38
C SER A 47 -3.87 -12.32 -1.21
N ILE A 48 -3.45 -12.09 0.03
CA ILE A 48 -2.21 -11.36 0.32
C ILE A 48 -0.99 -12.01 -0.36
N LYS A 49 -0.78 -13.31 -0.10
CA LYS A 49 0.34 -14.04 -0.70
C LYS A 49 0.24 -14.08 -2.22
N SER A 50 -0.99 -14.23 -2.72
CA SER A 50 -1.26 -14.22 -4.17
C SER A 50 -0.80 -12.91 -4.83
N SER A 51 -1.19 -11.79 -4.21
CA SER A 51 -0.82 -10.45 -4.71
C SER A 51 0.70 -10.25 -4.67
N LEU A 52 1.30 -10.40 -3.49
CA LEU A 52 2.75 -10.21 -3.31
C LEU A 52 3.57 -11.09 -4.28
N LYS A 53 3.09 -12.32 -4.51
CA LYS A 53 3.73 -13.25 -5.44
C LYS A 53 3.88 -12.62 -6.84
N PHE A 54 2.83 -11.93 -7.29
CA PHE A 54 2.82 -11.27 -8.60
C PHE A 54 3.64 -9.97 -8.58
N LEU A 55 3.56 -9.24 -7.47
CA LEU A 55 4.27 -7.97 -7.32
C LEU A 55 5.81 -8.15 -7.33
N ARG A 56 6.27 -9.36 -7.05
CA ARG A 56 7.71 -9.65 -7.10
C ARG A 56 8.29 -9.50 -8.51
N LYS A 57 7.69 -10.19 -9.49
CA LYS A 57 8.15 -10.09 -10.90
C LYS A 57 7.57 -8.84 -11.60
N THR A 58 6.52 -8.26 -11.04
CA THR A 58 5.88 -7.09 -11.65
C THR A 58 6.35 -5.79 -11.00
N ASP A 59 7.57 -5.38 -11.34
CA ASP A 59 8.20 -4.18 -10.77
C ASP A 59 7.42 -2.91 -11.11
N TRP A 60 6.89 -2.82 -12.34
CA TRP A 60 6.12 -1.64 -12.76
C TRP A 60 4.85 -1.43 -11.92
N ALA A 61 4.38 -2.49 -11.25
CA ALA A 61 3.26 -2.38 -10.31
C ALA A 61 3.76 -1.93 -8.94
N ARG A 62 4.93 -2.42 -8.53
CA ARG A 62 5.58 -1.99 -7.28
C ARG A 62 5.64 -0.46 -7.19
N GLU A 63 6.12 0.18 -8.25
CA GLU A 63 6.19 1.64 -8.32
C GLU A 63 4.81 2.27 -8.01
N ARG A 64 3.80 1.90 -8.80
CA ARG A 64 2.43 2.39 -8.58
C ARG A 64 1.98 2.20 -7.11
N VAL A 65 1.88 0.94 -6.67
CA VAL A 65 1.36 0.60 -5.34
C VAL A 65 2.03 1.42 -4.21
N GLU A 66 3.37 1.44 -4.21
CA GLU A 66 4.12 2.15 -3.18
C GLU A 66 3.87 3.67 -3.23
N ASN A 67 3.92 4.25 -4.44
CA ASN A 67 3.65 5.68 -4.61
C ASN A 67 2.18 6.02 -4.35
N ILE A 68 1.29 5.04 -4.47
CA ILE A 68 -0.12 5.23 -4.12
C ILE A 68 -0.30 5.32 -2.60
N TYR A 69 0.49 4.55 -1.84
CA TYR A 69 0.50 4.69 -0.39
C TYR A 69 1.01 6.09 0.01
N LEU A 70 2.05 6.55 -0.67
CA LEU A 70 2.52 7.93 -0.50
C LEU A 70 1.40 8.92 -0.87
N LYS A 71 0.69 8.62 -1.95
CA LYS A 71 -0.48 9.41 -2.38
C LYS A 71 -1.64 9.27 -1.39
N LEU A 72 -1.67 8.17 -0.63
CA LEU A 72 -2.63 8.01 0.47
C LEU A 72 -2.31 9.00 1.60
N GLN A 73 -1.02 9.18 1.86
CA GLN A 73 -0.57 10.19 2.83
C GLN A 73 -0.91 11.60 2.34
N ARG A 74 -0.95 11.78 1.02
CA ARG A 74 -1.39 13.04 0.42
C ARG A 74 -2.93 13.12 0.41
N HIS A 75 -3.56 11.95 0.29
CA HIS A 75 -5.03 11.84 0.37
C HIS A 75 -5.51 12.07 1.82
N LYS A 76 -4.57 12.05 2.76
CA LYS A 76 -4.85 12.35 4.17
C LYS A 76 -5.28 13.82 4.33
N GLU A 77 -6.54 14.10 4.04
CA GLU A 77 -7.11 15.44 4.20
C GLU A 77 -7.67 15.64 5.61
N ARG A 78 -7.74 14.55 6.38
CA ARG A 78 -8.17 14.63 7.78
C ARG A 78 -7.14 15.38 8.63
N ASN A 79 -7.47 16.62 8.99
CA ASN A 79 -6.55 17.49 9.72
C ASN A 79 -6.09 16.87 11.06
N GLN A 80 -4.79 16.70 11.20
CA GLN A 80 -4.20 16.06 12.40
C GLN A 80 -4.37 16.93 13.67
N LEU A 81 -4.93 18.13 13.53
CA LEU A 81 -5.18 18.99 14.68
C LEU A 81 -6.30 18.41 15.58
N GLU A 82 -5.95 18.07 16.82
CA GLU A 82 -6.88 17.43 17.75
C GLU A 82 -7.75 18.48 18.51
N MET A 1 12.32 10.46 33.19
CA MET A 1 12.09 11.35 32.02
C MET A 1 12.19 10.56 30.69
N ALA A 2 11.07 10.42 30.00
CA ALA A 2 11.04 9.74 28.70
C ALA A 2 11.57 10.63 27.58
N LEU A 3 12.88 10.57 27.34
CA LEU A 3 13.53 11.39 26.31
C LEU A 3 14.13 10.51 25.19
N ILE A 4 13.37 10.32 24.12
CA ILE A 4 13.81 9.51 22.98
C ILE A 4 13.63 10.28 21.66
N MET A 5 14.72 10.87 21.16
CA MET A 5 14.69 11.63 19.91
C MET A 5 15.25 10.82 18.72
N THR A 6 15.30 9.49 18.89
CA THR A 6 15.83 8.58 17.85
C THR A 6 15.01 8.65 16.56
N GLN A 7 13.75 9.08 16.66
CA GLN A 7 12.88 9.24 15.48
C GLN A 7 13.43 10.32 14.53
N GLN A 8 13.80 9.91 13.31
CA GLN A 8 14.39 10.83 12.32
C GLN A 8 13.66 10.72 10.97
N ASN A 9 13.96 11.68 10.07
CA ASN A 9 13.36 11.69 8.72
C ASN A 9 13.54 10.35 7.98
N ASN A 10 12.43 9.65 7.75
CA ASN A 10 12.45 8.36 7.04
C ASN A 10 11.28 8.25 6.04
N PRO A 11 11.42 8.84 4.84
CA PRO A 11 10.34 8.86 3.83
C PRO A 11 10.12 7.52 3.11
N LEU A 12 11.20 6.87 2.67
CA LEU A 12 11.09 5.61 1.89
C LEU A 12 11.30 4.38 2.77
N HIS A 13 12.18 4.49 3.76
CA HIS A 13 12.49 3.38 4.66
C HIS A 13 11.68 3.44 5.96
N GLY A 14 10.70 2.55 6.10
CA GLY A 14 9.87 2.53 7.30
C GLY A 14 8.81 1.44 7.27
N ILE A 15 7.93 1.49 6.27
CA ILE A 15 6.87 0.49 6.13
C ILE A 15 7.15 -0.47 4.96
N THR A 16 7.09 -1.76 5.25
CA THR A 16 7.35 -2.80 4.23
C THR A 16 6.19 -2.92 3.24
N LEU A 17 6.46 -3.56 2.10
CA LEU A 17 5.43 -3.77 1.06
C LEU A 17 4.20 -4.52 1.62
N GLN A 18 4.43 -5.42 2.57
CA GLN A 18 3.34 -6.19 3.20
C GLN A 18 2.39 -5.25 3.98
N LYS A 19 2.95 -4.53 4.95
CA LYS A 19 2.19 -3.55 5.75
C LYS A 19 1.54 -2.49 4.83
N LEU A 20 2.32 -2.03 3.86
CA LEU A 20 1.86 -1.03 2.88
C LEU A 20 0.61 -1.51 2.14
N LEU A 21 0.69 -2.69 1.52
CA LEU A 21 -0.45 -3.26 0.78
C LEU A 21 -1.67 -3.44 1.70
N THR A 22 -1.42 -3.89 2.92
CA THR A 22 -2.50 -4.12 3.91
C THR A 22 -3.34 -2.85 4.14
N GLU A 23 -2.67 -1.75 4.50
CA GLU A 23 -3.36 -0.48 4.76
C GLU A 23 -4.08 0.06 3.51
N LEU A 24 -3.55 -0.27 2.32
CA LEU A 24 -4.21 0.13 1.07
C LEU A 24 -5.54 -0.62 0.87
N VAL A 25 -5.57 -1.89 1.26
CA VAL A 25 -6.80 -2.70 1.18
C VAL A 25 -7.84 -2.20 2.21
N GLU A 26 -7.36 -1.68 3.33
CA GLU A 26 -8.23 -1.15 4.39
C GLU A 26 -8.80 0.24 4.02
N HIS A 27 -7.93 1.13 3.53
CA HIS A 27 -8.33 2.51 3.18
C HIS A 27 -9.00 2.60 1.80
N TYR A 28 -8.45 1.88 0.81
CA TYR A 28 -9.00 1.91 -0.56
C TYR A 28 -9.80 0.63 -0.86
N GLY A 29 -9.14 -0.52 -0.79
CA GLY A 29 -9.78 -1.80 -1.11
C GLY A 29 -9.36 -2.36 -2.48
N TRP A 30 -9.44 -3.68 -2.62
CA TRP A 30 -9.03 -4.35 -3.87
C TRP A 30 -9.76 -3.78 -5.09
N GLU A 31 -11.07 -3.58 -4.97
CA GLU A 31 -11.91 -3.10 -6.06
C GLU A 31 -11.62 -1.63 -6.42
N GLU A 32 -10.76 -0.98 -5.65
CA GLU A 32 -10.22 0.34 -6.01
C GLU A 32 -8.83 0.19 -6.64
N LEU A 33 -8.03 -0.72 -6.07
CA LEU A 33 -6.67 -0.97 -6.56
C LEU A 33 -6.69 -1.48 -8.01
N SER A 34 -7.70 -2.28 -8.36
CA SER A 34 -7.83 -2.85 -9.71
C SER A 34 -8.11 -1.78 -10.78
N TYR A 35 -8.56 -0.60 -10.35
CA TYR A 35 -8.79 0.52 -11.26
C TYR A 35 -7.55 1.42 -11.35
N MET A 36 -6.92 1.67 -10.21
CA MET A 36 -5.67 2.46 -10.17
C MET A 36 -4.50 1.66 -10.76
N VAL A 37 -4.16 0.53 -10.14
CA VAL A 37 -3.18 -0.39 -10.69
C VAL A 37 -3.90 -1.54 -11.42
N ASN A 38 -4.30 -1.30 -12.65
CA ASN A 38 -5.14 -2.25 -13.39
C ASN A 38 -4.36 -3.50 -13.81
N ILE A 39 -4.36 -4.49 -12.93
CA ILE A 39 -3.76 -5.81 -13.22
C ILE A 39 -4.69 -6.95 -12.77
N ASN A 40 -4.68 -8.05 -13.50
CA ASN A 40 -5.56 -9.19 -13.21
C ASN A 40 -5.25 -9.80 -11.82
N CYS A 41 -4.13 -9.43 -11.22
CA CYS A 41 -3.74 -9.96 -9.91
C CYS A 41 -4.72 -9.56 -8.80
N PHE A 42 -5.51 -8.51 -9.04
CA PHE A 42 -6.52 -8.07 -8.06
C PHE A 42 -7.92 -8.62 -8.41
N LYS A 43 -8.08 -9.14 -9.62
CA LYS A 43 -9.38 -9.65 -10.09
C LYS A 43 -9.45 -11.18 -9.99
N LYS A 44 -8.37 -11.84 -10.43
CA LYS A 44 -8.22 -13.28 -10.27
C LYS A 44 -7.26 -13.57 -9.10
N ASP A 45 -7.69 -14.45 -8.17
CA ASP A 45 -6.90 -14.75 -6.97
C ASP A 45 -6.69 -13.49 -6.09
N PRO A 46 -7.78 -12.84 -5.62
CA PRO A 46 -7.68 -11.62 -4.79
C PRO A 46 -7.23 -11.92 -3.35
N SER A 47 -5.92 -11.81 -3.10
CA SER A 47 -5.35 -12.08 -1.78
C SER A 47 -4.02 -11.34 -1.57
N ILE A 48 -3.71 -11.00 -0.33
CA ILE A 48 -2.42 -10.37 0.01
C ILE A 48 -1.26 -11.24 -0.48
N LYS A 49 -1.31 -12.53 -0.15
CA LYS A 49 -0.26 -13.47 -0.55
C LYS A 49 -0.20 -13.61 -2.09
N SER A 50 -1.38 -13.63 -2.73
CA SER A 50 -1.48 -13.72 -4.19
C SER A 50 -1.00 -12.43 -4.87
N SER A 51 -1.10 -11.31 -4.16
CA SER A 51 -0.60 -10.03 -4.68
C SER A 51 0.93 -9.91 -4.50
N LEU A 52 1.41 -10.25 -3.31
CA LEU A 52 2.84 -10.17 -3.00
C LEU A 52 3.69 -11.00 -3.97
N LYS A 53 3.21 -12.19 -4.35
CA LYS A 53 3.95 -13.04 -5.31
C LYS A 53 4.11 -12.31 -6.66
N PHE A 54 3.08 -11.58 -7.07
CA PHE A 54 3.12 -10.81 -8.31
C PHE A 54 4.03 -9.59 -8.17
N LEU A 55 3.95 -8.93 -7.00
CA LEU A 55 4.79 -7.76 -6.71
C LEU A 55 6.28 -8.15 -6.61
N ARG A 56 6.55 -9.37 -6.16
CA ARG A 56 7.93 -9.89 -6.11
C ARG A 56 8.37 -10.41 -7.49
N LYS A 57 7.45 -10.38 -8.45
CA LYS A 57 7.71 -10.81 -9.82
C LYS A 57 7.66 -9.62 -10.80
N THR A 58 6.94 -8.56 -10.41
CA THR A 58 6.68 -7.42 -11.29
C THR A 58 7.10 -6.10 -10.64
N ASP A 59 8.19 -5.52 -11.12
CA ASP A 59 8.72 -4.26 -10.57
C ASP A 59 7.77 -3.07 -10.84
N TRP A 60 7.33 -2.92 -12.11
CA TRP A 60 6.48 -1.79 -12.48
C TRP A 60 5.11 -1.81 -11.77
N ALA A 61 4.82 -2.89 -11.05
CA ALA A 61 3.63 -2.96 -10.21
C ALA A 61 3.89 -2.29 -8.85
N ARG A 62 5.04 -2.60 -8.25
CA ARG A 62 5.41 -2.05 -6.94
C ARG A 62 5.38 -0.51 -6.93
N GLU A 63 6.12 0.09 -7.85
CA GLU A 63 6.23 1.56 -7.94
C GLU A 63 4.88 2.26 -7.82
N ARG A 64 3.86 1.71 -8.47
CA ARG A 64 2.54 2.33 -8.54
C ARG A 64 1.69 2.00 -7.30
N VAL A 65 1.80 0.78 -6.78
CA VAL A 65 1.14 0.41 -5.53
C VAL A 65 1.69 1.25 -4.35
N GLU A 66 3.01 1.28 -4.23
CA GLU A 66 3.68 2.10 -3.22
C GLU A 66 3.39 3.60 -3.43
N ASN A 67 3.28 4.01 -4.72
CA ASN A 67 2.90 5.39 -5.06
C ASN A 67 1.51 5.74 -4.49
N ILE A 68 0.56 4.81 -4.62
CA ILE A 68 -0.78 4.99 -4.06
C ILE A 68 -0.73 5.22 -2.53
N TYR A 69 0.13 4.47 -1.86
CA TYR A 69 0.31 4.64 -0.41
C TYR A 69 0.86 6.03 -0.07
N LEU A 70 1.84 6.50 -0.84
CA LEU A 70 2.35 7.86 -0.69
C LEU A 70 1.23 8.88 -0.93
N LYS A 71 0.38 8.60 -1.92
CA LYS A 71 -0.79 9.43 -2.19
C LYS A 71 -1.78 9.35 -1.02
N LEU A 72 -1.82 8.20 -0.34
CA LEU A 72 -2.64 8.02 0.86
C LEU A 72 -2.10 8.87 2.03
N GLN A 73 -0.77 8.97 2.13
CA GLN A 73 -0.15 9.79 3.17
C GLN A 73 -0.56 11.27 3.04
N ARG A 74 -0.64 11.76 1.80
CA ARG A 74 -1.16 13.12 1.54
C ARG A 74 -2.70 13.13 1.42
N HIS A 75 -3.34 11.99 1.71
CA HIS A 75 -4.79 11.93 1.90
C HIS A 75 -5.13 11.91 3.40
N LYS A 76 -4.12 11.66 4.23
CA LYS A 76 -4.28 11.65 5.68
C LYS A 76 -3.38 12.73 6.31
N GLU A 77 -3.98 13.85 6.70
CA GLU A 77 -3.22 14.97 7.28
C GLU A 77 -2.51 14.58 8.58
N ARG A 78 -1.23 14.96 8.69
CA ARG A 78 -0.45 14.72 9.90
C ARG A 78 -0.77 15.75 10.99
N ASN A 79 -0.69 15.31 12.25
CA ASN A 79 -1.01 16.17 13.38
C ASN A 79 0.15 17.13 13.71
N GLN A 80 -0.20 18.38 14.02
CA GLN A 80 0.78 19.43 14.30
C GLN A 80 1.39 19.28 15.70
N LEU A 81 0.62 18.70 16.63
CA LEU A 81 1.08 18.50 18.01
C LEU A 81 1.51 17.04 18.26
N GLU A 82 1.98 16.77 19.48
CA GLU A 82 2.47 15.44 19.87
C GLU A 82 1.41 14.33 19.70
N MET A 1 -10.24 25.41 0.65
CA MET A 1 -10.55 23.95 0.75
C MET A 1 -9.29 23.10 0.52
N ALA A 2 -8.84 22.40 1.57
CA ALA A 2 -7.68 21.48 1.49
C ALA A 2 -6.37 22.19 1.10
N LEU A 3 -6.30 23.50 1.30
CA LEU A 3 -5.10 24.27 0.96
C LEU A 3 -4.15 24.38 2.16
N ILE A 4 -2.97 23.76 2.03
CA ILE A 4 -1.97 23.75 3.11
C ILE A 4 -0.57 23.38 2.58
N MET A 5 0.47 24.00 3.12
CA MET A 5 1.85 23.69 2.74
C MET A 5 2.27 22.33 3.31
N THR A 6 2.05 21.27 2.55
CA THR A 6 2.28 19.89 3.02
C THR A 6 3.67 19.36 2.62
N GLN A 7 4.52 19.11 3.61
CA GLN A 7 5.78 18.40 3.39
C GLN A 7 5.70 16.98 3.97
N GLN A 8 5.98 15.97 3.15
CA GLN A 8 5.84 14.58 3.56
C GLN A 8 6.99 14.14 4.48
N ASN A 9 6.91 14.52 5.76
CA ASN A 9 7.86 14.03 6.77
C ASN A 9 7.66 12.52 6.97
N ASN A 10 6.45 12.16 7.42
CA ASN A 10 6.02 10.76 7.56
C ASN A 10 7.06 9.88 8.28
N PRO A 11 7.18 10.01 9.62
CA PRO A 11 8.14 9.19 10.40
C PRO A 11 7.76 7.70 10.43
N LEU A 12 6.52 7.39 10.04
CA LEU A 12 6.03 6.00 9.96
C LEU A 12 6.26 5.42 8.55
N HIS A 13 7.16 6.05 7.79
CA HIS A 13 7.39 5.66 6.38
C HIS A 13 8.16 4.32 6.28
N GLY A 14 8.53 3.75 7.42
CA GLY A 14 9.25 2.47 7.44
C GLY A 14 8.37 1.25 7.20
N ILE A 15 7.11 1.49 6.83
CA ILE A 15 6.15 0.41 6.53
C ILE A 15 6.62 -0.46 5.34
N THR A 16 6.59 -1.78 5.53
CA THR A 16 6.96 -2.74 4.48
C THR A 16 5.82 -2.96 3.49
N LEU A 17 6.13 -3.56 2.33
CA LEU A 17 5.12 -3.77 1.28
C LEU A 17 3.91 -4.59 1.77
N GLN A 18 4.14 -5.52 2.69
CA GLN A 18 3.06 -6.35 3.25
C GLN A 18 2.03 -5.48 3.99
N LYS A 19 2.51 -4.69 4.96
CA LYS A 19 1.66 -3.77 5.71
C LYS A 19 1.15 -2.62 4.81
N LEU A 20 1.98 -2.24 3.84
CA LEU A 20 1.63 -1.20 2.85
C LEU A 20 0.37 -1.61 2.07
N LEU A 21 0.41 -2.78 1.44
CA LEU A 21 -0.74 -3.30 0.71
C LEU A 21 -1.97 -3.43 1.62
N THR A 22 -1.74 -3.86 2.85
CA THR A 22 -2.82 -4.01 3.86
C THR A 22 -3.57 -2.67 4.05
N GLU A 23 -2.82 -1.59 4.26
CA GLU A 23 -3.43 -0.26 4.47
C GLU A 23 -4.26 0.16 3.25
N LEU A 24 -3.75 -0.11 2.06
CA LEU A 24 -4.46 0.22 0.82
C LEU A 24 -5.76 -0.60 0.67
N VAL A 25 -5.68 -1.89 0.95
CA VAL A 25 -6.85 -2.78 0.86
C VAL A 25 -7.95 -2.38 1.87
N GLU A 26 -7.55 -2.15 3.12
CA GLU A 26 -8.50 -1.80 4.17
C GLU A 26 -9.12 -0.41 3.97
N HIS A 27 -8.31 0.56 3.54
CA HIS A 27 -8.78 1.95 3.41
C HIS A 27 -9.44 2.23 2.05
N TYR A 28 -9.06 1.49 1.00
CA TYR A 28 -9.64 1.69 -0.34
C TYR A 28 -10.46 0.49 -0.80
N GLY A 29 -9.79 -0.63 -1.10
CA GLY A 29 -10.48 -1.83 -1.57
C GLY A 29 -9.79 -2.46 -2.77
N TRP A 30 -9.91 -3.79 -2.90
CA TRP A 30 -9.26 -4.53 -3.99
C TRP A 30 -9.61 -3.96 -5.38
N GLU A 31 -10.90 -3.80 -5.66
CA GLU A 31 -11.35 -3.28 -6.97
C GLU A 31 -10.89 -1.84 -7.21
N GLU A 32 -10.75 -1.06 -6.13
CA GLU A 32 -10.17 0.29 -6.23
C GLU A 32 -8.68 0.22 -6.60
N LEU A 33 -7.96 -0.70 -5.96
CA LEU A 33 -6.55 -0.93 -6.27
C LEU A 33 -6.38 -1.51 -7.68
N SER A 34 -7.38 -2.27 -8.13
CA SER A 34 -7.40 -2.81 -9.51
C SER A 34 -7.53 -1.69 -10.54
N TYR A 35 -8.11 -0.57 -10.12
CA TYR A 35 -8.24 0.61 -10.97
C TYR A 35 -6.94 1.44 -10.97
N MET A 36 -6.25 1.44 -9.83
CA MET A 36 -4.97 2.14 -9.68
C MET A 36 -3.81 1.35 -10.31
N VAL A 37 -3.91 0.03 -10.26
CA VAL A 37 -2.94 -0.86 -10.90
C VAL A 37 -3.66 -1.86 -11.83
N ASN A 38 -3.45 -1.71 -13.13
CA ASN A 38 -4.21 -2.48 -14.13
C ASN A 38 -3.79 -3.96 -14.19
N ILE A 39 -4.17 -4.73 -13.17
CA ILE A 39 -3.92 -6.18 -13.15
C ILE A 39 -5.13 -6.94 -12.55
N ASN A 40 -5.40 -8.12 -13.09
CA ASN A 40 -6.54 -8.93 -12.62
C ASN A 40 -6.33 -9.46 -11.19
N CYS A 41 -5.09 -9.39 -10.70
CA CYS A 41 -4.74 -9.84 -9.35
C CYS A 41 -5.65 -9.23 -8.28
N PHE A 42 -6.05 -7.97 -8.48
CA PHE A 42 -6.96 -7.30 -7.54
C PHE A 42 -8.43 -7.42 -7.99
N LYS A 43 -8.62 -7.75 -9.26
CA LYS A 43 -9.97 -7.81 -9.86
C LYS A 43 -10.76 -9.02 -9.33
N LYS A 44 -10.13 -10.19 -9.30
CA LYS A 44 -10.75 -11.39 -8.72
C LYS A 44 -9.68 -12.35 -8.18
N ASP A 45 -10.05 -13.13 -7.16
CA ASP A 45 -9.11 -14.01 -6.44
C ASP A 45 -7.94 -13.21 -5.83
N PRO A 46 -8.24 -12.12 -5.09
CA PRO A 46 -7.21 -11.25 -4.51
C PRO A 46 -6.87 -11.59 -3.05
N SER A 47 -5.58 -11.76 -2.75
CA SER A 47 -5.11 -12.01 -1.39
C SER A 47 -3.75 -11.34 -1.15
N ILE A 48 -3.48 -10.93 0.08
CA ILE A 48 -2.27 -10.17 0.41
C ILE A 48 -0.97 -10.91 -0.01
N LYS A 49 -0.65 -12.01 0.68
CA LYS A 49 0.60 -12.74 0.42
C LYS A 49 0.67 -13.24 -1.04
N SER A 50 -0.45 -13.75 -1.55
CA SER A 50 -0.56 -14.20 -2.95
C SER A 50 -0.20 -13.08 -3.94
N SER A 51 -0.77 -11.90 -3.72
CA SER A 51 -0.49 -10.74 -4.59
C SER A 51 0.98 -10.31 -4.49
N LEU A 52 1.53 -10.33 -3.28
CA LEU A 52 2.93 -9.97 -3.06
C LEU A 52 3.89 -10.84 -3.90
N LYS A 53 3.50 -12.10 -4.11
CA LYS A 53 4.28 -13.02 -4.96
C LYS A 53 4.36 -12.49 -6.41
N PHE A 54 3.33 -11.77 -6.84
CA PHE A 54 3.28 -11.16 -8.17
C PHE A 54 3.99 -9.80 -8.17
N LEU A 55 3.65 -8.96 -7.19
CA LEU A 55 4.19 -7.60 -7.11
C LEU A 55 5.72 -7.55 -7.02
N ARG A 56 6.32 -8.55 -6.36
CA ARG A 56 7.78 -8.58 -6.16
C ARG A 56 8.55 -8.55 -7.49
N LYS A 57 8.13 -9.37 -8.46
CA LYS A 57 8.85 -9.49 -9.73
C LYS A 57 8.17 -8.71 -10.87
N THR A 58 7.07 -8.04 -10.55
CA THR A 58 6.39 -7.16 -11.52
C THR A 58 6.70 -5.69 -11.19
N ASP A 59 7.79 -5.18 -11.77
CA ASP A 59 8.35 -3.87 -11.41
C ASP A 59 7.33 -2.71 -11.50
N TRP A 60 6.67 -2.57 -12.64
CA TRP A 60 5.68 -1.49 -12.81
C TRP A 60 4.56 -1.57 -11.77
N ALA A 61 4.10 -2.77 -11.47
CA ALA A 61 3.09 -2.97 -10.42
C ALA A 61 3.64 -2.55 -9.05
N ARG A 62 4.88 -2.96 -8.76
CA ARG A 62 5.57 -2.59 -7.52
C ARG A 62 5.60 -1.07 -7.33
N GLU A 63 6.10 -0.35 -8.34
CA GLU A 63 6.21 1.11 -8.29
C GLU A 63 4.82 1.78 -8.18
N ARG A 64 3.82 1.23 -8.87
CA ARG A 64 2.46 1.78 -8.83
C ARG A 64 1.81 1.58 -7.45
N VAL A 65 1.93 0.38 -6.88
CA VAL A 65 1.40 0.10 -5.54
C VAL A 65 2.02 1.01 -4.48
N GLU A 66 3.34 1.17 -4.53
CA GLU A 66 4.04 2.08 -3.60
C GLU A 66 3.61 3.54 -3.83
N ASN A 67 3.35 3.90 -5.08
CA ASN A 67 2.87 5.24 -5.42
C ASN A 67 1.48 5.50 -4.81
N ILE A 68 0.66 4.46 -4.72
CA ILE A 68 -0.65 4.55 -4.04
C ILE A 68 -0.45 4.85 -2.55
N TYR A 69 0.56 4.21 -1.94
CA TYR A 69 0.92 4.48 -0.55
C TYR A 69 1.29 5.96 -0.33
N LEU A 70 2.06 6.52 -1.27
CA LEU A 70 2.41 7.94 -1.24
C LEU A 70 1.15 8.81 -1.30
N LYS A 71 0.25 8.47 -2.22
CA LYS A 71 -1.05 9.12 -2.35
C LYS A 71 -1.85 9.01 -1.03
N LEU A 72 -1.73 7.86 -0.37
CA LEU A 72 -2.41 7.63 0.91
C LEU A 72 -1.84 8.53 2.03
N GLN A 73 -0.52 8.53 2.19
CA GLN A 73 0.12 9.29 3.27
C GLN A 73 -0.15 10.81 3.16
N ARG A 74 -0.04 11.35 1.95
CA ARG A 74 -0.28 12.79 1.73
C ARG A 74 -1.75 13.18 1.98
N HIS A 75 -2.63 12.17 1.99
CA HIS A 75 -4.05 12.39 2.26
C HIS A 75 -4.38 12.12 3.73
N LYS A 76 -3.69 11.14 4.32
CA LYS A 76 -3.84 10.79 5.74
C LYS A 76 -2.98 11.70 6.62
N GLU A 77 -3.56 12.80 7.06
CA GLU A 77 -2.85 13.83 7.83
C GLU A 77 -2.62 13.44 9.31
N ARG A 78 -1.66 14.12 9.94
CA ARG A 78 -1.39 13.96 11.37
C ARG A 78 -0.56 15.15 11.89
N ASN A 79 -0.58 15.39 13.20
CA ASN A 79 0.19 16.50 13.79
C ASN A 79 1.63 16.09 14.12
N GLN A 80 2.53 17.06 14.20
CA GLN A 80 3.92 16.82 14.57
C GLN A 80 4.14 16.94 16.08
N LEU A 81 4.97 16.05 16.63
CA LEU A 81 5.39 16.17 18.03
C LEU A 81 6.59 17.11 18.16
N GLU A 82 6.38 18.27 18.77
CA GLU A 82 7.43 19.30 18.88
C GLU A 82 8.41 19.03 20.04
N MET A 1 18.73 -14.87 0.53
CA MET A 1 17.83 -14.32 1.58
C MET A 1 17.78 -15.26 2.79
N ALA A 2 18.02 -14.71 3.97
CA ALA A 2 18.08 -15.51 5.20
C ALA A 2 16.69 -15.75 5.80
N LEU A 3 16.55 -16.87 6.51
CA LEU A 3 15.30 -17.19 7.22
C LEU A 3 15.25 -16.45 8.56
N ILE A 4 14.29 -15.53 8.71
CA ILE A 4 14.18 -14.72 9.92
C ILE A 4 13.71 -15.56 11.12
N MET A 5 14.66 -16.17 11.83
CA MET A 5 14.35 -16.95 13.03
C MET A 5 14.68 -16.14 14.30
N THR A 6 13.75 -15.28 14.70
CA THR A 6 13.91 -14.44 15.89
C THR A 6 12.68 -14.50 16.79
N GLN A 7 12.86 -14.21 18.08
CA GLN A 7 11.74 -14.11 19.01
C GLN A 7 10.89 -12.87 18.65
N GLN A 8 9.58 -12.96 18.83
CA GLN A 8 8.67 -11.92 18.32
C GLN A 8 9.08 -10.50 18.76
N ASN A 9 9.62 -9.75 17.79
CA ASN A 9 9.94 -8.32 17.97
C ASN A 9 10.27 -7.70 16.60
N ASN A 10 10.48 -6.39 16.57
CA ASN A 10 10.83 -5.72 15.31
C ASN A 10 12.32 -5.39 15.23
N PRO A 11 13.11 -6.15 14.45
CA PRO A 11 14.53 -5.86 14.24
C PRO A 11 14.75 -4.56 13.45
N LEU A 12 13.69 -4.09 12.80
CA LEU A 12 13.69 -2.81 12.09
C LEU A 12 12.25 -2.29 11.87
N HIS A 13 11.97 -1.09 12.36
CA HIS A 13 10.67 -0.46 12.13
C HIS A 13 10.52 -0.07 10.64
N GLY A 14 9.79 -0.87 9.88
CA GLY A 14 9.70 -0.65 8.45
C GLY A 14 8.40 -1.19 7.86
N ILE A 15 7.67 -0.33 7.17
CA ILE A 15 6.44 -0.73 6.48
C ILE A 15 6.76 -1.55 5.22
N THR A 16 6.68 -2.88 5.36
CA THR A 16 6.95 -3.79 4.24
C THR A 16 5.87 -3.70 3.15
N LEU A 17 6.12 -4.31 2.00
CA LEU A 17 5.13 -4.36 0.91
C LEU A 17 3.81 -4.98 1.38
N GLN A 18 3.89 -5.94 2.31
CA GLN A 18 2.70 -6.53 2.92
C GLN A 18 1.92 -5.49 3.74
N LYS A 19 2.62 -4.85 4.68
CA LYS A 19 2.01 -3.83 5.56
C LYS A 19 1.40 -2.69 4.72
N LEU A 20 2.19 -2.19 3.77
CA LEU A 20 1.76 -1.11 2.86
C LEU A 20 0.48 -1.52 2.10
N LEU A 21 0.52 -2.67 1.44
CA LEU A 21 -0.64 -3.17 0.69
C LEU A 21 -1.86 -3.36 1.60
N THR A 22 -1.63 -3.87 2.81
CA THR A 22 -2.70 -4.07 3.79
C THR A 22 -3.46 -2.76 4.06
N GLU A 23 -2.72 -1.71 4.41
CA GLU A 23 -3.33 -0.41 4.71
C GLU A 23 -4.12 0.15 3.50
N LEU A 24 -3.68 -0.19 2.28
CA LEU A 24 -4.39 0.20 1.06
C LEU A 24 -5.70 -0.59 0.90
N VAL A 25 -5.69 -1.86 1.30
CA VAL A 25 -6.92 -2.67 1.28
C VAL A 25 -7.92 -2.15 2.34
N GLU A 26 -7.39 -1.70 3.47
CA GLU A 26 -8.21 -1.15 4.56
C GLU A 26 -8.94 0.14 4.12
N HIS A 27 -8.25 0.99 3.36
CA HIS A 27 -8.81 2.27 2.91
C HIS A 27 -9.52 2.13 1.54
N TYR A 28 -8.78 1.67 0.54
CA TYR A 28 -9.31 1.58 -0.84
C TYR A 28 -10.05 0.26 -1.10
N GLY A 29 -9.33 -0.85 -0.94
CA GLY A 29 -9.89 -2.15 -1.29
C GLY A 29 -9.44 -2.64 -2.66
N TRP A 30 -9.53 -3.95 -2.91
CA TRP A 30 -9.01 -4.55 -4.15
C TRP A 30 -9.66 -3.97 -5.41
N GLU A 31 -10.93 -3.58 -5.30
CA GLU A 31 -11.67 -3.00 -6.44
C GLU A 31 -11.03 -1.68 -6.90
N GLU A 32 -10.65 -0.83 -5.96
CA GLU A 32 -10.00 0.45 -6.30
C GLU A 32 -8.53 0.25 -6.66
N LEU A 33 -7.85 -0.66 -5.97
CA LEU A 33 -6.44 -0.98 -6.28
C LEU A 33 -6.29 -1.48 -7.73
N SER A 34 -7.09 -2.48 -8.11
CA SER A 34 -7.08 -3.00 -9.49
C SER A 34 -7.56 -1.95 -10.49
N TYR A 35 -8.40 -1.02 -10.02
CA TYR A 35 -8.89 0.09 -10.86
C TYR A 35 -7.75 1.05 -11.23
N MET A 36 -6.88 1.35 -10.27
CA MET A 36 -5.76 2.27 -10.49
C MET A 36 -4.54 1.58 -11.14
N VAL A 37 -4.22 0.38 -10.68
CA VAL A 37 -3.08 -0.38 -11.24
C VAL A 37 -3.44 -1.05 -12.58
N ASN A 38 -4.74 -1.06 -12.91
CA ASN A 38 -5.26 -1.55 -14.20
C ASN A 38 -5.27 -3.09 -14.30
N ILE A 39 -4.29 -3.75 -13.67
CA ILE A 39 -4.16 -5.21 -13.77
C ILE A 39 -5.34 -5.96 -13.13
N ASN A 40 -5.68 -7.10 -13.71
CA ASN A 40 -6.76 -7.96 -13.21
C ASN A 40 -6.20 -9.04 -12.26
N CYS A 41 -4.87 -9.06 -12.11
CA CYS A 41 -4.19 -10.06 -11.26
C CYS A 41 -4.72 -10.05 -9.81
N PHE A 42 -5.04 -8.86 -9.29
CA PHE A 42 -5.58 -8.73 -7.92
C PHE A 42 -6.95 -9.43 -7.76
N LYS A 43 -7.60 -9.72 -8.89
CA LYS A 43 -8.94 -10.32 -8.88
C LYS A 43 -8.85 -11.86 -8.78
N LYS A 44 -7.64 -12.41 -8.88
CA LYS A 44 -7.41 -13.85 -8.69
C LYS A 44 -6.75 -14.09 -7.32
N ASP A 45 -7.41 -14.88 -6.48
CA ASP A 45 -6.99 -15.07 -5.10
C ASP A 45 -6.82 -13.72 -4.38
N PRO A 46 -7.91 -12.95 -4.22
CA PRO A 46 -7.86 -11.59 -3.64
C PRO A 46 -7.34 -11.58 -2.19
N SER A 47 -6.01 -11.62 -2.05
CA SER A 47 -5.36 -11.63 -0.74
C SER A 47 -3.92 -11.11 -0.86
N ILE A 48 -3.37 -10.63 0.24
CA ILE A 48 -2.03 -10.02 0.25
C ILE A 48 -0.97 -11.00 -0.31
N LYS A 49 -0.97 -12.24 0.20
CA LYS A 49 0.00 -13.27 -0.23
C LYS A 49 0.11 -13.38 -1.77
N SER A 50 -1.00 -13.70 -2.44
CA SER A 50 -1.03 -13.83 -3.91
C SER A 50 -0.49 -12.56 -4.60
N SER A 51 -0.91 -11.40 -4.09
CA SER A 51 -0.49 -10.11 -4.65
C SER A 51 1.03 -9.90 -4.54
N LEU A 52 1.59 -10.18 -3.35
CA LEU A 52 3.03 -10.05 -3.12
C LEU A 52 3.85 -10.86 -4.14
N LYS A 53 3.36 -12.06 -4.45
CA LYS A 53 4.04 -12.95 -5.40
C LYS A 53 4.01 -12.36 -6.83
N PHE A 54 3.15 -11.38 -7.06
CA PHE A 54 3.09 -10.68 -8.35
C PHE A 54 3.94 -9.41 -8.33
N LEU A 55 3.74 -8.58 -7.32
CA LEU A 55 4.42 -7.28 -7.21
C LEU A 55 5.96 -7.41 -7.20
N ARG A 56 6.48 -8.54 -6.73
CA ARG A 56 7.93 -8.79 -6.73
C ARG A 56 8.47 -9.05 -8.15
N LYS A 57 7.80 -9.94 -8.90
CA LYS A 57 8.23 -10.26 -10.27
C LYS A 57 7.96 -9.08 -11.23
N THR A 58 6.92 -8.31 -10.93
CA THR A 58 6.57 -7.13 -11.74
C THR A 58 6.69 -5.85 -10.89
N ASP A 59 7.93 -5.38 -10.74
CA ASP A 59 8.25 -4.27 -9.83
C ASP A 59 7.59 -2.94 -10.25
N TRP A 60 7.51 -2.67 -11.56
CA TRP A 60 6.88 -1.43 -12.05
C TRP A 60 5.42 -1.33 -11.61
N ALA A 61 4.78 -2.47 -11.37
CA ALA A 61 3.42 -2.51 -10.81
C ALA A 61 3.44 -2.19 -9.30
N ARG A 62 4.45 -2.74 -8.61
CA ARG A 62 4.66 -2.46 -7.18
C ARG A 62 4.74 -0.94 -6.92
N GLU A 63 5.58 -0.24 -7.68
CA GLU A 63 5.77 1.20 -7.51
C GLU A 63 4.44 1.98 -7.56
N ARG A 64 3.51 1.51 -8.37
CA ARG A 64 2.18 2.13 -8.47
C ARG A 64 1.39 1.91 -7.17
N VAL A 65 1.45 0.69 -6.64
CA VAL A 65 0.81 0.37 -5.35
C VAL A 65 1.39 1.25 -4.23
N GLU A 66 2.73 1.34 -4.18
CA GLU A 66 3.40 2.19 -3.21
C GLU A 66 3.02 3.67 -3.43
N ASN A 67 2.92 4.07 -4.69
CA ASN A 67 2.51 5.44 -5.06
C ASN A 67 1.11 5.76 -4.50
N ILE A 68 0.19 4.80 -4.60
CA ILE A 68 -1.15 4.94 -4.04
C ILE A 68 -1.09 5.21 -2.52
N TYR A 69 -0.19 4.51 -1.85
CA TYR A 69 0.03 4.70 -0.40
C TYR A 69 0.62 6.10 -0.10
N LEU A 70 1.66 6.47 -0.85
CA LEU A 70 2.32 7.77 -0.67
C LEU A 70 1.35 8.94 -0.89
N LYS A 71 0.54 8.85 -1.94
CA LYS A 71 -0.47 9.88 -2.23
C LYS A 71 -1.50 9.97 -1.10
N LEU A 72 -1.90 8.82 -0.56
CA LEU A 72 -2.85 8.76 0.55
C LEU A 72 -2.31 9.48 1.80
N GLN A 73 -1.07 9.17 2.17
CA GLN A 73 -0.45 9.75 3.38
C GLN A 73 -0.21 11.25 3.22
N ARG A 74 0.30 11.66 2.07
CA ARG A 74 0.52 13.08 1.77
C ARG A 74 -0.81 13.86 1.72
N HIS A 75 -1.85 13.21 1.22
CA HIS A 75 -3.20 13.80 1.19
C HIS A 75 -3.75 13.98 2.62
N LYS A 76 -3.29 13.13 3.54
CA LYS A 76 -3.64 13.21 4.96
C LYS A 76 -2.80 14.31 5.66
N GLU A 77 -2.76 15.49 5.04
CA GLU A 77 -1.92 16.61 5.53
C GLU A 77 -2.54 17.32 6.75
N ARG A 78 -3.82 17.08 7.02
CA ARG A 78 -4.53 17.77 8.09
C ARG A 78 -4.05 17.34 9.49
N ASN A 79 -3.39 18.25 10.19
CA ASN A 79 -2.94 18.00 11.56
C ASN A 79 -4.03 18.35 12.58
N GLN A 80 -4.05 17.63 13.70
CA GLN A 80 -5.06 17.82 14.74
C GLN A 80 -4.61 17.22 16.08
N LEU A 81 -4.99 17.85 17.19
CA LEU A 81 -4.67 17.32 18.52
C LEU A 81 -5.37 15.97 18.79
N GLU A 82 -4.97 15.29 19.86
CA GLU A 82 -5.47 13.94 20.16
C GLU A 82 -6.40 13.92 21.40
N MET A 1 -6.40 -14.46 18.73
CA MET A 1 -6.77 -13.01 18.64
C MET A 1 -7.07 -12.44 20.03
N ALA A 2 -6.04 -11.85 20.65
CA ALA A 2 -6.19 -11.25 21.98
C ALA A 2 -7.24 -10.13 21.99
N LEU A 3 -8.25 -10.26 22.85
CA LEU A 3 -9.33 -9.27 22.94
C LEU A 3 -8.80 -7.92 23.45
N ILE A 4 -7.76 -7.96 24.26
CA ILE A 4 -7.12 -6.74 24.76
C ILE A 4 -5.82 -6.43 24.00
N MET A 5 -5.87 -5.41 23.14
CA MET A 5 -4.70 -5.00 22.35
C MET A 5 -4.58 -3.47 22.29
N THR A 6 -3.87 -2.90 23.26
CA THR A 6 -3.66 -1.44 23.32
C THR A 6 -2.19 -1.09 23.57
N GLN A 7 -1.54 -0.51 22.57
CA GLN A 7 -0.13 -0.13 22.67
C GLN A 7 0.06 1.35 22.34
N GLN A 8 0.74 2.09 23.23
CA GLN A 8 0.85 3.55 23.11
C GLN A 8 1.85 3.98 22.03
N ASN A 9 3.11 3.58 22.18
CA ASN A 9 4.20 4.07 21.33
C ASN A 9 4.28 3.36 19.97
N ASN A 10 4.04 2.05 19.95
CA ASN A 10 4.12 1.24 18.73
C ASN A 10 5.51 1.33 18.07
N PRO A 11 6.43 0.40 18.42
CA PRO A 11 7.80 0.40 17.88
C PRO A 11 7.84 0.01 16.38
N LEU A 12 6.96 -0.90 15.99
CA LEU A 12 6.87 -1.34 14.59
C LEU A 12 6.15 -0.29 13.70
N HIS A 13 6.84 0.83 13.45
CA HIS A 13 6.30 1.89 12.58
C HIS A 13 6.90 1.80 11.17
N GLY A 14 7.92 0.95 11.02
CA GLY A 14 8.50 0.69 9.72
C GLY A 14 7.61 -0.17 8.83
N ILE A 15 6.64 0.47 8.20
CA ILE A 15 5.66 -0.21 7.32
C ILE A 15 6.34 -0.91 6.13
N THR A 16 6.21 -2.23 6.08
CA THR A 16 6.77 -3.03 4.98
C THR A 16 5.86 -2.99 3.74
N LEU A 17 6.30 -3.59 2.64
CA LEU A 17 5.47 -3.70 1.43
C LEU A 17 4.18 -4.48 1.73
N GLN A 18 4.28 -5.44 2.64
CA GLN A 18 3.11 -6.24 3.06
C GLN A 18 2.11 -5.37 3.82
N LYS A 19 2.58 -4.67 4.86
CA LYS A 19 1.72 -3.77 5.65
C LYS A 19 1.22 -2.61 4.78
N LEU A 20 2.03 -2.22 3.79
CA LEU A 20 1.65 -1.20 2.82
C LEU A 20 0.40 -1.62 2.04
N LEU A 21 0.46 -2.81 1.41
CA LEU A 21 -0.69 -3.37 0.71
C LEU A 21 -1.90 -3.50 1.65
N THR A 22 -1.64 -3.93 2.89
CA THR A 22 -2.68 -4.06 3.90
C THR A 22 -3.42 -2.74 4.12
N GLU A 23 -2.67 -1.66 4.38
CA GLU A 23 -3.27 -0.34 4.60
C GLU A 23 -4.02 0.17 3.37
N LEU A 24 -3.57 -0.24 2.18
CA LEU A 24 -4.28 0.11 0.94
C LEU A 24 -5.65 -0.58 0.87
N VAL A 25 -5.69 -1.84 1.30
CA VAL A 25 -6.96 -2.58 1.38
C VAL A 25 -7.90 -1.93 2.41
N GLU A 26 -7.34 -1.53 3.55
CA GLU A 26 -8.10 -0.89 4.63
C GLU A 26 -8.62 0.50 4.24
N HIS A 27 -7.74 1.33 3.70
CA HIS A 27 -8.08 2.74 3.40
C HIS A 27 -8.69 2.93 2.01
N TYR A 28 -8.53 1.95 1.13
CA TYR A 28 -9.11 2.00 -0.23
C TYR A 28 -9.98 0.79 -0.53
N GLY A 29 -9.34 -0.37 -0.66
CA GLY A 29 -10.04 -1.59 -1.06
C GLY A 29 -9.57 -2.11 -2.42
N TRP A 30 -9.70 -3.42 -2.64
CA TRP A 30 -9.23 -4.06 -3.87
C TRP A 30 -9.92 -3.47 -5.12
N GLU A 31 -11.14 -2.98 -4.96
CA GLU A 31 -11.88 -2.35 -6.06
C GLU A 31 -11.18 -1.07 -6.56
N GLU A 32 -10.50 -0.38 -5.63
CA GLU A 32 -9.72 0.81 -5.97
C GLU A 32 -8.33 0.42 -6.51
N LEU A 33 -7.73 -0.60 -5.89
CA LEU A 33 -6.40 -1.08 -6.31
C LEU A 33 -6.41 -1.60 -7.76
N SER A 34 -7.39 -2.46 -8.08
CA SER A 34 -7.54 -3.00 -9.43
C SER A 34 -7.89 -1.90 -10.45
N TYR A 35 -8.35 -0.76 -9.94
CA TYR A 35 -8.66 0.41 -10.78
C TYR A 35 -7.39 1.20 -11.12
N MET A 36 -6.54 1.44 -10.12
CA MET A 36 -5.29 2.21 -10.33
C MET A 36 -4.14 1.31 -10.84
N VAL A 37 -4.30 -0.01 -10.73
CA VAL A 37 -3.31 -0.96 -11.26
C VAL A 37 -4.00 -2.09 -12.04
N ASN A 38 -3.98 -1.98 -13.37
CA ASN A 38 -4.68 -2.95 -14.24
C ASN A 38 -3.80 -4.16 -14.55
N ILE A 39 -3.83 -5.15 -13.65
CA ILE A 39 -3.13 -6.43 -13.84
C ILE A 39 -4.02 -7.61 -13.40
N ASN A 40 -3.91 -8.73 -14.09
CA ASN A 40 -4.72 -9.91 -13.74
C ASN A 40 -4.18 -10.58 -12.46
N CYS A 41 -4.38 -9.91 -11.34
CA CYS A 41 -3.96 -10.41 -10.02
C CYS A 41 -4.93 -9.93 -8.93
N PHE A 42 -5.04 -8.62 -8.77
CA PHE A 42 -5.98 -8.03 -7.80
C PHE A 42 -7.43 -8.38 -8.17
N LYS A 43 -7.68 -8.58 -9.46
CA LYS A 43 -9.01 -8.95 -9.96
C LYS A 43 -9.28 -10.46 -9.72
N LYS A 44 -8.23 -11.27 -9.85
CA LYS A 44 -8.38 -12.74 -9.70
C LYS A 44 -8.29 -13.17 -8.23
N ASP A 45 -9.40 -13.02 -7.50
CA ASP A 45 -9.46 -13.38 -6.08
C ASP A 45 -8.46 -12.57 -5.22
N PRO A 46 -8.94 -11.51 -4.54
CA PRO A 46 -8.11 -10.66 -3.68
C PRO A 46 -7.21 -11.45 -2.70
N SER A 47 -5.96 -11.65 -3.06
CA SER A 47 -5.00 -12.38 -2.22
C SER A 47 -3.79 -11.52 -1.86
N ILE A 48 -3.63 -11.22 -0.56
CA ILE A 48 -2.50 -10.42 -0.07
C ILE A 48 -1.15 -11.02 -0.48
N LYS A 49 -0.92 -12.28 -0.09
CA LYS A 49 0.39 -12.93 -0.27
C LYS A 49 0.69 -13.21 -1.74
N SER A 50 -0.32 -13.69 -2.48
CA SER A 50 -0.17 -13.95 -3.93
C SER A 50 0.17 -12.67 -4.70
N SER A 51 -0.51 -11.57 -4.38
CA SER A 51 -0.23 -10.27 -5.00
C SER A 51 1.21 -9.83 -4.76
N LEU A 52 1.66 -9.88 -3.50
CA LEU A 52 3.05 -9.56 -3.16
C LEU A 52 4.04 -10.45 -3.92
N LYS A 53 3.71 -11.75 -3.99
CA LYS A 53 4.51 -12.72 -4.73
C LYS A 53 4.54 -12.38 -6.22
N PHE A 54 3.43 -11.86 -6.74
CA PHE A 54 3.35 -11.42 -8.13
C PHE A 54 4.17 -10.14 -8.36
N LEU A 55 4.16 -9.24 -7.37
CA LEU A 55 4.95 -8.00 -7.44
C LEU A 55 6.45 -8.29 -7.51
N ARG A 56 6.88 -9.42 -6.93
CA ARG A 56 8.27 -9.86 -7.01
C ARG A 56 8.75 -10.00 -8.47
N LYS A 57 7.82 -10.38 -9.35
CA LYS A 57 8.11 -10.45 -10.79
C LYS A 57 7.80 -9.12 -11.47
N THR A 58 6.57 -8.63 -11.28
CA THR A 58 6.13 -7.37 -11.89
C THR A 58 6.49 -6.18 -10.99
N ASP A 59 7.73 -5.72 -11.10
CA ASP A 59 8.25 -4.65 -10.25
C ASP A 59 7.53 -3.31 -10.47
N TRP A 60 7.25 -2.97 -11.73
CA TRP A 60 6.57 -1.70 -12.05
C TRP A 60 5.18 -1.61 -11.40
N ALA A 61 4.52 -2.75 -11.25
CA ALA A 61 3.23 -2.78 -10.54
C ALA A 61 3.41 -2.40 -9.07
N ARG A 62 4.45 -2.95 -8.44
CA ARG A 62 4.80 -2.61 -7.05
C ARG A 62 5.04 -1.10 -6.89
N GLU A 63 5.71 -0.50 -7.88
CA GLU A 63 5.94 0.95 -7.89
C GLU A 63 4.62 1.73 -7.95
N ARG A 64 3.65 1.21 -8.70
CA ARG A 64 2.31 1.82 -8.77
C ARG A 64 1.52 1.59 -7.47
N VAL A 65 1.75 0.44 -6.83
CA VAL A 65 1.11 0.13 -5.54
C VAL A 65 1.53 1.13 -4.44
N GLU A 66 2.83 1.30 -4.25
CA GLU A 66 3.33 2.26 -3.25
C GLU A 66 3.00 3.71 -3.65
N ASN A 67 2.82 3.95 -4.94
CA ASN A 67 2.34 5.27 -5.42
C ASN A 67 0.96 5.59 -4.80
N ILE A 68 0.09 4.58 -4.79
CA ILE A 68 -1.22 4.69 -4.12
C ILE A 68 -1.03 5.01 -2.62
N TYR A 69 -0.05 4.36 -2.01
CA TYR A 69 0.32 4.62 -0.61
C TYR A 69 0.76 6.08 -0.42
N LEU A 70 1.56 6.60 -1.35
CA LEU A 70 1.97 8.01 -1.33
C LEU A 70 0.75 8.94 -1.40
N LYS A 71 -0.17 8.63 -2.32
CA LYS A 71 -1.43 9.36 -2.43
C LYS A 71 -2.19 9.38 -1.09
N LEU A 72 -2.14 8.25 -0.38
CA LEU A 72 -2.78 8.13 0.94
C LEU A 72 -2.08 9.03 1.97
N GLN A 73 -0.74 8.94 2.03
CA GLN A 73 0.05 9.68 3.02
C GLN A 73 -0.02 11.20 2.80
N ARG A 74 -0.30 11.62 1.56
CA ARG A 74 -0.51 13.05 1.28
C ARG A 74 -1.96 13.45 1.62
N HIS A 75 -2.83 12.45 1.82
CA HIS A 75 -4.22 12.68 2.23
C HIS A 75 -4.38 12.50 3.75
N LYS A 76 -3.32 12.09 4.44
CA LYS A 76 -3.32 12.09 5.90
C LYS A 76 -3.33 13.55 6.40
N GLU A 77 -4.52 14.15 6.39
CA GLU A 77 -4.68 15.55 6.76
C GLU A 77 -4.55 15.73 8.29
N ARG A 78 -3.32 15.93 8.74
CA ARG A 78 -2.99 16.07 10.17
C ARG A 78 -3.71 17.28 10.81
N ASN A 79 -3.82 18.38 10.06
CA ASN A 79 -4.38 19.62 10.60
C ASN A 79 -5.91 19.69 10.40
N GLN A 80 -6.52 20.76 10.90
CA GLN A 80 -7.98 20.93 10.83
C GLN A 80 -8.40 22.17 10.01
N LEU A 81 -7.43 22.88 9.43
CA LEU A 81 -7.72 24.10 8.66
C LEU A 81 -6.54 24.54 7.79
N GLU A 82 -6.82 25.38 6.80
CA GLU A 82 -5.77 26.01 5.98
C GLU A 82 -5.71 27.52 6.23
N MET A 1 -11.32 -9.94 13.99
CA MET A 1 -12.12 -8.79 13.52
C MET A 1 -11.74 -7.48 14.25
N ALA A 2 -10.63 -7.51 15.01
CA ALA A 2 -10.18 -6.33 15.77
C ALA A 2 -8.67 -6.13 15.64
N LEU A 3 -8.26 -5.05 14.98
CA LEU A 3 -6.84 -4.72 14.81
C LEU A 3 -6.37 -3.74 15.90
N ILE A 4 -5.70 -4.26 16.92
CA ILE A 4 -5.22 -3.44 18.03
C ILE A 4 -3.68 -3.48 18.13
N MET A 5 -3.06 -2.30 18.13
CA MET A 5 -1.61 -2.16 18.30
C MET A 5 -1.29 -1.08 19.34
N THR A 6 -0.72 -1.48 20.47
CA THR A 6 -0.53 -0.56 21.61
C THR A 6 0.95 -0.20 21.85
N GLN A 7 1.37 0.93 21.29
CA GLN A 7 2.72 1.48 21.53
C GLN A 7 2.74 2.98 21.20
N GLN A 8 2.84 3.83 22.23
CA GLN A 8 2.75 5.29 22.06
C GLN A 8 4.02 5.91 21.44
N ASN A 9 4.98 5.07 21.07
CA ASN A 9 6.21 5.55 20.44
C ASN A 9 6.63 4.64 19.28
N ASN A 10 6.96 5.24 18.14
CA ASN A 10 7.40 4.49 16.95
C ASN A 10 8.93 4.55 16.79
N PRO A 11 9.65 3.51 17.26
CA PRO A 11 11.12 3.48 17.23
C PRO A 11 11.69 3.12 15.84
N LEU A 12 10.91 2.37 15.06
CA LEU A 12 11.35 1.90 13.74
C LEU A 12 10.16 1.80 12.78
N HIS A 13 10.22 2.57 11.71
CA HIS A 13 9.15 2.60 10.70
C HIS A 13 9.31 1.43 9.70
N GLY A 14 9.39 0.21 10.24
CA GLY A 14 9.60 -0.97 9.41
C GLY A 14 8.33 -1.44 8.70
N ILE A 15 7.75 -0.56 7.86
CA ILE A 15 6.57 -0.91 7.08
C ILE A 15 6.95 -1.50 5.72
N THR A 16 6.85 -2.82 5.59
CA THR A 16 7.17 -3.50 4.33
C THR A 16 6.00 -3.45 3.35
N LEU A 17 6.25 -3.88 2.12
CA LEU A 17 5.21 -3.92 1.07
C LEU A 17 3.94 -4.66 1.55
N GLN A 18 4.12 -5.67 2.39
CA GLN A 18 2.98 -6.42 2.97
C GLN A 18 2.08 -5.48 3.78
N LYS A 19 2.64 -4.88 4.82
CA LYS A 19 1.90 -3.93 5.68
C LYS A 19 1.34 -2.75 4.85
N LEU A 20 2.16 -2.24 3.94
CA LEU A 20 1.77 -1.12 3.07
C LEU A 20 0.49 -1.46 2.28
N LEU A 21 0.52 -2.59 1.57
CA LEU A 21 -0.64 -3.04 0.79
C LEU A 21 -1.84 -3.34 1.71
N THR A 22 -1.59 -3.98 2.85
CA THR A 22 -2.66 -4.32 3.80
C THR A 22 -3.46 -3.09 4.22
N GLU A 23 -2.77 -2.02 4.61
CA GLU A 23 -3.44 -0.76 5.00
C GLU A 23 -4.25 -0.18 3.82
N LEU A 24 -3.67 -0.21 2.62
CA LEU A 24 -4.36 0.29 1.41
C LEU A 24 -5.67 -0.48 1.15
N VAL A 25 -5.65 -1.80 1.37
CA VAL A 25 -6.86 -2.62 1.23
C VAL A 25 -7.91 -2.24 2.28
N GLU A 26 -7.46 -1.98 3.51
CA GLU A 26 -8.36 -1.62 4.61
C GLU A 26 -8.96 -0.21 4.43
N HIS A 27 -8.19 0.70 3.83
CA HIS A 27 -8.63 2.09 3.65
C HIS A 27 -9.39 2.28 2.33
N TYR A 28 -8.99 1.55 1.29
CA TYR A 28 -9.63 1.66 -0.03
C TYR A 28 -10.46 0.41 -0.37
N GLY A 29 -9.76 -0.70 -0.63
CA GLY A 29 -10.43 -1.94 -1.05
C GLY A 29 -9.85 -2.51 -2.35
N TRP A 30 -10.04 -3.81 -2.57
CA TRP A 30 -9.49 -4.49 -3.75
C TRP A 30 -10.02 -3.89 -5.05
N GLU A 31 -11.31 -3.60 -5.10
CA GLU A 31 -11.95 -3.05 -6.30
C GLU A 31 -11.41 -1.65 -6.67
N GLU A 32 -10.91 -0.93 -5.66
CA GLU A 32 -10.30 0.39 -5.90
C GLU A 32 -8.86 0.23 -6.42
N LEU A 33 -8.11 -0.67 -5.78
CA LEU A 33 -6.72 -0.95 -6.18
C LEU A 33 -6.65 -1.45 -7.63
N SER A 34 -7.56 -2.34 -8.00
CA SER A 34 -7.61 -2.89 -9.37
C SER A 34 -8.04 -1.85 -10.41
N TYR A 35 -8.73 -0.80 -9.96
CA TYR A 35 -9.14 0.29 -10.85
C TYR A 35 -7.98 1.27 -11.11
N MET A 36 -7.10 1.42 -10.11
CA MET A 36 -5.95 2.32 -10.23
C MET A 36 -4.74 1.62 -10.88
N VAL A 37 -4.46 0.39 -10.45
CA VAL A 37 -3.33 -0.39 -10.99
C VAL A 37 -3.73 -1.13 -12.29
N ASN A 38 -2.74 -1.43 -13.11
CA ASN A 38 -2.97 -2.01 -14.45
C ASN A 38 -3.25 -3.52 -14.41
N ILE A 39 -2.84 -4.18 -13.33
CA ILE A 39 -3.00 -5.64 -13.21
C ILE A 39 -4.32 -6.01 -12.51
N ASN A 40 -4.97 -7.07 -13.02
CA ASN A 40 -6.30 -7.48 -12.56
C ASN A 40 -6.23 -8.38 -11.31
N CYS A 41 -5.02 -8.62 -10.81
CA CYS A 41 -4.81 -9.47 -9.63
C CYS A 41 -5.66 -9.03 -8.42
N PHE A 42 -5.88 -7.72 -8.29
CA PHE A 42 -6.67 -7.18 -7.18
C PHE A 42 -8.19 -7.34 -7.42
N LYS A 43 -8.58 -7.55 -8.68
CA LYS A 43 -10.00 -7.69 -9.04
C LYS A 43 -10.45 -9.16 -8.92
N LYS A 44 -9.79 -10.06 -9.66
CA LYS A 44 -10.12 -11.49 -9.60
C LYS A 44 -8.95 -12.31 -9.03
N ASP A 45 -9.28 -13.20 -8.10
CA ASP A 45 -8.28 -13.96 -7.32
C ASP A 45 -7.40 -13.01 -6.48
N PRO A 46 -8.03 -12.20 -5.59
CA PRO A 46 -7.32 -11.22 -4.76
C PRO A 46 -6.82 -11.81 -3.43
N SER A 47 -5.60 -11.45 -3.07
CA SER A 47 -4.98 -11.93 -1.82
C SER A 47 -3.64 -11.23 -1.58
N ILE A 48 -3.28 -11.04 -0.32
CA ILE A 48 -1.99 -10.45 0.04
C ILE A 48 -0.84 -11.27 -0.56
N LYS A 49 -0.82 -12.57 -0.30
CA LYS A 49 0.23 -13.45 -0.80
C LYS A 49 0.14 -13.65 -2.33
N SER A 50 -1.09 -13.76 -2.85
CA SER A 50 -1.30 -13.96 -4.30
C SER A 50 -0.82 -12.74 -5.10
N SER A 51 -0.88 -11.55 -4.51
CA SER A 51 -0.39 -10.34 -5.16
C SER A 51 1.12 -10.19 -5.00
N LEU A 52 1.62 -10.36 -3.77
CA LEU A 52 3.05 -10.25 -3.46
C LEU A 52 3.91 -11.10 -4.41
N LYS A 53 3.52 -12.36 -4.64
CA LYS A 53 4.29 -13.26 -5.53
C LYS A 53 4.47 -12.64 -6.93
N PHE A 54 3.47 -11.88 -7.37
CA PHE A 54 3.55 -11.20 -8.67
C PHE A 54 4.43 -9.94 -8.56
N LEU A 55 4.24 -9.17 -7.49
CA LEU A 55 4.99 -7.93 -7.25
C LEU A 55 6.51 -8.20 -7.10
N ARG A 56 6.85 -9.37 -6.55
CA ARG A 56 8.26 -9.76 -6.36
C ARG A 56 9.08 -9.68 -7.67
N LYS A 57 8.49 -10.13 -8.77
CA LYS A 57 9.17 -10.14 -10.07
C LYS A 57 8.64 -9.05 -11.01
N THR A 58 7.76 -8.20 -10.51
CA THR A 58 7.20 -7.10 -11.32
C THR A 58 7.45 -5.75 -10.62
N ASP A 59 8.56 -5.12 -10.98
CA ASP A 59 9.02 -3.88 -10.32
C ASP A 59 7.98 -2.75 -10.41
N TRP A 60 7.54 -2.43 -11.63
CA TRP A 60 6.60 -1.32 -11.85
C TRP A 60 5.28 -1.51 -11.09
N ALA A 61 4.85 -2.77 -10.94
CA ALA A 61 3.62 -3.07 -10.19
C ALA A 61 3.74 -2.63 -8.72
N ARG A 62 4.82 -3.03 -8.06
CA ARG A 62 5.07 -2.59 -6.68
C ARG A 62 5.22 -1.06 -6.61
N GLU A 63 5.98 -0.50 -7.56
CA GLU A 63 6.18 0.95 -7.63
C GLU A 63 4.84 1.71 -7.62
N ARG A 64 3.87 1.21 -8.38
CA ARG A 64 2.54 1.83 -8.42
C ARG A 64 1.81 1.66 -7.08
N VAL A 65 1.88 0.47 -6.49
CA VAL A 65 1.24 0.21 -5.19
C VAL A 65 1.75 1.20 -4.11
N GLU A 66 3.07 1.31 -4.01
CA GLU A 66 3.68 2.25 -3.06
C GLU A 66 3.38 3.71 -3.45
N ASN A 67 3.31 3.99 -4.75
CA ASN A 67 2.95 5.33 -5.25
C ASN A 67 1.51 5.70 -4.84
N ILE A 68 0.62 4.71 -4.81
CA ILE A 68 -0.74 4.91 -4.31
C ILE A 68 -0.72 5.24 -2.81
N TYR A 69 0.16 4.56 -2.07
CA TYR A 69 0.35 4.85 -0.64
C TYR A 69 0.87 6.28 -0.44
N LEU A 70 1.70 6.76 -1.37
CA LEU A 70 2.13 8.16 -1.38
C LEU A 70 0.94 9.08 -1.68
N LYS A 71 0.14 8.68 -2.67
CA LYS A 71 -1.09 9.40 -3.03
C LYS A 71 -2.06 9.45 -1.84
N LEU A 72 -1.96 8.47 -0.95
CA LEU A 72 -2.71 8.45 0.31
C LEU A 72 -2.17 9.50 1.29
N GLN A 73 -0.87 9.43 1.57
CA GLN A 73 -0.26 10.29 2.59
C GLN A 73 -0.12 11.76 2.14
N ARG A 74 -0.51 12.06 0.91
CA ARG A 74 -0.65 13.47 0.49
C ARG A 74 -2.04 14.01 0.86
N HIS A 75 -3.02 13.10 0.92
CA HIS A 75 -4.41 13.44 1.23
C HIS A 75 -4.68 13.47 2.74
N LYS A 76 -3.84 12.77 3.50
CA LYS A 76 -3.99 12.68 4.97
C LYS A 76 -4.07 14.06 5.65
N GLU A 77 -4.74 14.10 6.80
CA GLU A 77 -5.03 15.36 7.50
C GLU A 77 -3.77 16.05 8.06
N ARG A 78 -2.85 15.27 8.63
CA ARG A 78 -1.68 15.83 9.31
C ARG A 78 -0.83 16.73 8.38
N ASN A 79 -0.75 18.03 8.71
CA ASN A 79 0.12 18.96 7.97
C ASN A 79 1.60 18.54 8.10
N GLN A 80 1.97 18.01 9.26
CA GLN A 80 3.28 17.40 9.46
C GLN A 80 3.18 16.22 10.44
N LEU A 81 4.23 15.42 10.55
CA LEU A 81 4.19 14.22 11.39
C LEU A 81 5.52 14.00 12.17
N GLU A 82 5.46 14.20 13.49
CA GLU A 82 6.62 13.97 14.36
C GLU A 82 6.57 12.58 15.01
#